data_7AVR
#
_entry.id   7AVR
#
_cell.length_a   117.385
_cell.length_b   155.506
_cell.length_c   155.611
_cell.angle_alpha   90.00
_cell.angle_beta   90.00
_cell.angle_gamma   90.00
#
_symmetry.space_group_name_H-M   'P 21 21 2'
#
loop_
_entity.id
_entity.type
_entity.pdbx_description
1 polymer 'Haloalkane dehalogenase 1'
2 non-polymer 'CHLORIDE ION'
3 water water
#
_entity_poly.entity_id   1
_entity_poly.type   'polypeptide(L)'
_entity_poly.pdbx_seq_one_letter_code
;MTIKALRTPEERFSVLPAFPYQPNYVDDLGGYESLRMAYIDEGDKDSEYTFLCLHGEPTWSYLYRKMIPVFTDAGHRVVA
PDLFGFGRSDKPIEDSVYNFEFHRNSLIQLIEHLDLKNIVLVCQDWGGGLGLTIPMDMQDRFKKLIVMNTTISNGEPLAE
AAVQWMAFNETISELPVAGLVACDAGAAVNVMDALAYDAPFPNKNYKVGVKRFPQMIPTNADDDAVKYGLRAIEFWSNEW
SGESFMAIGMKDAVLGEAAMMQLKTVIKGCPEPMKIEEAGHFVQEYGVEVAEQALASFTMIHHHHHH
;
_entity_poly.pdbx_strand_id   A,B,C,D,E,F,G,H
#
# COMPACT_ATOMS: atom_id res chain seq x y z
N ILE A 3 -16.54 -10.53 -27.90
CA ILE A 3 -17.55 -10.95 -26.85
C ILE A 3 -18.92 -10.36 -27.26
N LYS A 4 -19.89 -11.25 -27.46
CA LYS A 4 -21.24 -10.85 -27.87
C LYS A 4 -21.87 -10.07 -26.69
N ALA A 5 -22.39 -8.86 -27.00
CA ALA A 5 -23.00 -7.96 -26.03
C ALA A 5 -24.09 -7.08 -26.65
N LEU A 6 -24.90 -6.50 -25.80
CA LEU A 6 -25.88 -5.48 -26.14
C LEU A 6 -25.43 -4.14 -25.62
N ARG A 7 -25.80 -3.09 -26.34
CA ARG A 7 -25.57 -1.72 -25.97
C ARG A 7 -26.93 -1.14 -25.69
N THR A 8 -27.12 -0.59 -24.48
CA THR A 8 -28.39 0.07 -24.15
C THR A 8 -28.61 1.29 -25.09
N PRO A 9 -29.75 1.38 -25.75
CA PRO A 9 -30.07 2.52 -26.57
C PRO A 9 -29.92 3.83 -25.81
N GLU A 10 -29.33 4.83 -26.45
CA GLU A 10 -28.98 6.09 -25.83
C GLU A 10 -30.19 6.85 -25.29
N GLU A 11 -31.35 6.71 -25.96
CA GLU A 11 -32.59 7.33 -25.54
C GLU A 11 -32.99 6.97 -24.10
N ARG A 12 -32.53 5.82 -23.62
CA ARG A 12 -32.74 5.40 -22.21
C ARG A 12 -32.19 6.37 -21.21
N PHE A 13 -31.15 7.12 -21.60
CA PHE A 13 -30.42 8.03 -20.71
C PHE A 13 -30.71 9.48 -20.94
N SER A 14 -31.76 9.81 -21.70
CA SER A 14 -32.09 11.17 -22.06
C SER A 14 -32.75 11.94 -20.89
N VAL A 15 -33.27 11.25 -19.88
CA VAL A 15 -33.88 11.88 -18.71
C VAL A 15 -33.13 11.48 -17.43
N LEU A 16 -32.08 12.24 -17.11
CA LEU A 16 -31.20 12.10 -15.95
C LEU A 16 -30.84 13.48 -15.35
N PRO A 17 -31.82 14.27 -14.93
CA PRO A 17 -31.50 15.60 -14.46
C PRO A 17 -30.64 15.59 -13.21
N ALA A 18 -30.72 14.56 -12.36
CA ALA A 18 -29.90 14.46 -11.17
C ALA A 18 -28.44 13.94 -11.41
N PHE A 19 -28.05 13.66 -12.67
CA PHE A 19 -26.76 13.08 -13.00
C PHE A 19 -26.30 13.70 -14.32
N PRO A 20 -25.99 15.00 -14.30
CA PRO A 20 -25.76 15.73 -15.56
C PRO A 20 -24.27 15.69 -15.99
N TYR A 21 -23.64 14.54 -15.93
CA TYR A 21 -22.26 14.44 -16.44
C TYR A 21 -22.31 13.79 -17.82
N GLN A 22 -21.48 14.30 -18.74
CA GLN A 22 -21.24 13.64 -20.02
C GLN A 22 -20.30 12.41 -19.75
N PRO A 23 -20.75 11.20 -20.14
CA PRO A 23 -19.96 10.04 -19.90
C PRO A 23 -18.74 9.93 -20.84
N ASN A 24 -17.67 9.30 -20.33
CA ASN A 24 -16.52 8.92 -21.11
C ASN A 24 -16.60 7.44 -21.38
N TYR A 25 -15.89 7.01 -22.43
CA TYR A 25 -15.92 5.62 -22.89
C TYR A 25 -14.50 5.14 -23.17
N VAL A 26 -14.29 3.86 -22.94
CA VAL A 26 -13.04 3.15 -23.32
C VAL A 26 -13.44 1.80 -23.89
N ASP A 27 -12.97 1.48 -25.08
CA ASP A 27 -13.34 0.26 -25.80
C ASP A 27 -12.13 -0.61 -26.28
N ASP A 28 -10.96 -0.37 -25.69
CA ASP A 28 -9.78 -1.13 -26.00
C ASP A 28 -9.03 -1.44 -24.70
N LEU A 29 -9.77 -1.74 -23.66
CA LEU A 29 -9.16 -2.35 -22.46
C LEU A 29 -8.64 -3.73 -22.86
N GLY A 30 -7.39 -4.01 -22.48
CA GLY A 30 -6.73 -5.27 -22.76
C GLY A 30 -7.50 -6.50 -22.32
N GLY A 31 -7.86 -7.35 -23.28
CA GLY A 31 -8.71 -8.50 -23.03
C GLY A 31 -10.20 -8.31 -23.32
N TYR A 32 -10.64 -7.07 -23.43
CA TYR A 32 -12.10 -6.73 -23.53
C TYR A 32 -12.35 -6.01 -24.87
N GLU A 33 -11.47 -6.24 -25.85
CA GLU A 33 -11.44 -5.43 -27.07
C GLU A 33 -12.84 -5.25 -27.63
N SER A 34 -13.20 -4.00 -27.90
CA SER A 34 -14.45 -3.57 -28.48
C SER A 34 -15.64 -3.54 -27.50
N LEU A 35 -15.52 -4.13 -26.32
CA LEU A 35 -16.53 -3.92 -25.25
C LEU A 35 -16.27 -2.58 -24.68
N ARG A 36 -17.25 -1.70 -24.75
CA ARG A 36 -17.12 -0.29 -24.33
C ARG A 36 -17.56 -0.10 -22.87
N MET A 37 -16.66 0.44 -22.04
CA MET A 37 -16.91 0.75 -20.66
C MET A 37 -17.17 2.21 -20.55
N ALA A 38 -18.29 2.58 -19.90
CA ALA A 38 -18.63 3.99 -19.59
C ALA A 38 -18.08 4.37 -18.22
N TYR A 39 -17.61 5.60 -18.07
CA TYR A 39 -17.15 6.09 -16.78
C TYR A 39 -17.32 7.60 -16.71
N ILE A 40 -17.69 8.06 -15.51
CA ILE A 40 -17.68 9.47 -15.18
C ILE A 40 -16.25 9.87 -14.83
N ASP A 41 -15.84 11.08 -15.30
CA ASP A 41 -14.49 11.66 -14.96
C ASP A 41 -14.64 13.15 -14.82
N GLU A 42 -14.63 13.67 -13.59
CA GLU A 42 -14.98 15.07 -13.24
C GLU A 42 -13.92 15.61 -12.30
N GLY A 43 -13.74 16.91 -12.29
CA GLY A 43 -12.66 17.59 -11.53
C GLY A 43 -11.44 17.77 -12.41
N ASP A 44 -10.48 18.56 -11.94
CA ASP A 44 -9.25 18.83 -12.67
C ASP A 44 -8.43 17.55 -12.73
N LYS A 45 -7.98 17.20 -13.93
CA LYS A 45 -7.18 15.96 -14.16
C LYS A 45 -5.87 15.90 -13.34
N ASP A 46 -5.31 17.08 -13.07
CA ASP A 46 -4.11 17.23 -12.23
C ASP A 46 -4.42 17.44 -10.74
N SER A 47 -5.65 17.12 -10.30
CA SER A 47 -5.97 17.14 -8.88
C SER A 47 -5.04 16.24 -8.11
N GLU A 48 -4.76 16.56 -6.85
CA GLU A 48 -3.87 15.77 -5.99
C GLU A 48 -4.41 14.29 -5.93
N TYR A 49 -5.71 14.15 -5.60
CA TYR A 49 -6.33 12.89 -5.31
C TYR A 49 -7.46 12.60 -6.29
N THR A 50 -7.66 11.30 -6.60
CA THR A 50 -8.77 10.80 -7.43
C THR A 50 -9.62 9.89 -6.62
N PHE A 51 -10.92 10.21 -6.48
CA PHE A 51 -11.88 9.32 -5.77
C PHE A 51 -12.43 8.32 -6.82
N LEU A 52 -12.04 7.05 -6.68
CA LEU A 52 -12.46 5.99 -7.60
C LEU A 52 -13.67 5.33 -6.95
N CYS A 53 -14.86 5.57 -7.52
CA CYS A 53 -16.15 5.20 -6.89
C CYS A 53 -16.72 4.02 -7.65
N LEU A 54 -16.76 2.86 -6.96
CA LEU A 54 -17.16 1.55 -7.53
C LEU A 54 -18.54 1.14 -7.00
N HIS A 55 -19.45 0.94 -7.95
CA HIS A 55 -20.81 0.43 -7.65
C HIS A 55 -20.79 -1.10 -7.64
N GLY A 56 -21.89 -1.70 -7.17
CA GLY A 56 -22.18 -3.11 -7.21
C GLY A 56 -23.47 -3.49 -7.88
N GLU A 57 -24.09 -4.51 -7.33
CA GLU A 57 -25.42 -5.06 -7.82
C GLU A 57 -26.58 -4.22 -7.29
N PRO A 58 -27.63 -3.92 -8.07
CA PRO A 58 -27.71 -3.87 -9.55
C PRO A 58 -27.70 -2.42 -10.04
N THR A 59 -26.64 -1.71 -9.65
CA THR A 59 -26.57 -0.24 -9.76
C THR A 59 -25.61 0.16 -10.91
N TRP A 60 -25.23 1.44 -10.95
CA TRP A 60 -24.23 1.98 -11.85
C TRP A 60 -23.75 3.30 -11.23
N SER A 61 -22.94 4.08 -11.94
CA SER A 61 -22.29 5.30 -11.42
C SER A 61 -23.34 6.35 -10.92
N TYR A 62 -24.57 6.27 -11.42
CA TYR A 62 -25.69 7.08 -10.96
C TYR A 62 -25.87 7.02 -9.46
N LEU A 63 -25.55 5.86 -8.86
CA LEU A 63 -25.60 5.69 -7.42
C LEU A 63 -24.73 6.69 -6.64
N TYR A 64 -23.67 7.15 -7.29
CA TYR A 64 -22.69 8.10 -6.72
C TYR A 64 -23.00 9.59 -6.98
N ARG A 65 -24.16 9.87 -7.58
CA ARG A 65 -24.53 11.26 -7.98
C ARG A 65 -24.56 12.27 -6.83
N LYS A 66 -24.81 11.81 -5.60
CA LYS A 66 -24.89 12.73 -4.47
C LYS A 66 -23.49 13.00 -3.90
N MET A 67 -22.55 12.03 -4.08
CA MET A 67 -21.17 12.05 -3.50
C MET A 67 -20.23 12.81 -4.40
N ILE A 68 -20.35 12.58 -5.70
CA ILE A 68 -19.46 13.21 -6.70
C ILE A 68 -19.29 14.74 -6.52
N PRO A 69 -20.39 15.50 -6.43
CA PRO A 69 -20.24 16.97 -6.26
C PRO A 69 -19.53 17.40 -4.98
N VAL A 70 -19.65 16.61 -3.91
CA VAL A 70 -18.94 16.91 -2.66
C VAL A 70 -17.42 16.81 -2.87
N PHE A 71 -16.97 15.75 -3.56
CA PHE A 71 -15.56 15.55 -3.87
C PHE A 71 -14.99 16.59 -4.85
N THR A 72 -15.73 16.91 -5.90
CA THR A 72 -15.27 17.88 -6.88
C THR A 72 -15.30 19.31 -6.34
N ASP A 73 -16.20 19.62 -5.42
CA ASP A 73 -16.32 20.91 -4.78
C ASP A 73 -15.21 21.11 -3.73
N ALA A 74 -14.46 20.07 -3.45
CA ALA A 74 -13.30 20.15 -2.55
C ALA A 74 -11.99 20.19 -3.30
N GLY A 75 -12.04 20.19 -4.62
CA GLY A 75 -10.89 20.29 -5.50
C GLY A 75 -10.30 18.99 -5.97
N HIS A 76 -11.02 17.87 -5.80
CA HIS A 76 -10.52 16.56 -6.26
C HIS A 76 -11.13 16.08 -7.57
N ARG A 77 -10.49 15.02 -8.13
CA ARG A 77 -10.99 14.35 -9.32
C ARG A 77 -11.85 13.15 -8.87
N VAL A 78 -12.85 12.79 -9.67
CA VAL A 78 -13.68 11.60 -9.41
C VAL A 78 -13.76 10.77 -10.67
N VAL A 79 -13.53 9.46 -10.52
CA VAL A 79 -13.72 8.50 -11.62
C VAL A 79 -14.73 7.47 -11.09
N ALA A 80 -15.84 7.29 -11.81
CA ALA A 80 -16.95 6.38 -11.39
C ALA A 80 -17.32 5.54 -12.62
N PRO A 81 -16.76 4.35 -12.75
CA PRO A 81 -17.05 3.48 -13.92
C PRO A 81 -18.36 2.73 -13.72
N ASP A 82 -19.00 2.43 -14.84
CA ASP A 82 -20.05 1.47 -14.94
C ASP A 82 -19.41 0.12 -15.32
N LEU A 83 -19.56 -0.89 -14.45
CA LEU A 83 -19.10 -2.24 -14.75
C LEU A 83 -19.78 -2.72 -16.02
N PHE A 84 -19.07 -3.60 -16.75
CA PHE A 84 -19.67 -4.27 -17.89
C PHE A 84 -20.92 -5.05 -17.36
N GLY A 85 -22.03 -4.97 -18.11
CA GLY A 85 -23.34 -5.44 -17.71
C GLY A 85 -24.20 -4.40 -17.02
N PHE A 86 -23.65 -3.21 -16.75
CA PHE A 86 -24.37 -2.18 -15.94
C PHE A 86 -24.25 -0.79 -16.57
N GLY A 87 -25.22 0.05 -16.20
CA GLY A 87 -25.20 1.47 -16.55
C GLY A 87 -25.18 1.71 -18.03
N ARG A 88 -24.22 2.49 -18.47
CA ARG A 88 -24.03 2.80 -19.89
C ARG A 88 -22.97 1.96 -20.57
N SER A 89 -22.38 0.99 -19.85
CA SER A 89 -21.35 0.11 -20.45
C SER A 89 -22.04 -0.93 -21.28
N ASP A 90 -21.29 -1.58 -22.16
CA ASP A 90 -21.82 -2.71 -22.91
C ASP A 90 -22.08 -3.89 -22.01
N LYS A 91 -23.01 -4.74 -22.45
CA LYS A 91 -23.57 -5.84 -21.63
C LYS A 91 -23.45 -7.20 -22.33
N PRO A 92 -22.40 -7.98 -21.99
CA PRO A 92 -22.31 -9.36 -22.46
C PRO A 92 -23.61 -10.15 -22.24
N ILE A 93 -23.95 -11.02 -23.21
CA ILE A 93 -25.16 -11.77 -23.18
C ILE A 93 -24.97 -13.21 -22.77
N GLU A 94 -23.72 -13.65 -22.62
CA GLU A 94 -23.44 -15.03 -22.17
C GLU A 94 -23.10 -15.05 -20.65
N ASP A 95 -23.79 -15.89 -19.93
CA ASP A 95 -23.64 -16.07 -18.54
C ASP A 95 -22.19 -16.20 -18.08
N SER A 96 -21.47 -17.08 -18.73
CA SER A 96 -20.12 -17.49 -18.31
C SER A 96 -19.08 -16.39 -18.42
N VAL A 97 -19.33 -15.35 -19.23
CA VAL A 97 -18.39 -14.28 -19.38
C VAL A 97 -18.27 -13.50 -18.07
N TYR A 98 -19.38 -13.33 -17.34
CA TYR A 98 -19.32 -12.67 -16.04
C TYR A 98 -18.79 -13.61 -15.00
N ASN A 99 -17.74 -13.16 -14.28
CA ASN A 99 -17.14 -13.86 -13.13
C ASN A 99 -16.29 -12.87 -12.40
N PHE A 100 -15.72 -13.27 -11.25
CA PHE A 100 -14.91 -12.39 -10.39
C PHE A 100 -13.71 -11.85 -11.14
N GLU A 101 -12.99 -12.70 -11.86
CA GLU A 101 -11.87 -12.23 -12.67
C GLU A 101 -12.20 -11.23 -13.76
N PHE A 102 -13.25 -11.50 -14.52
CA PHE A 102 -13.77 -10.61 -15.58
C PHE A 102 -13.93 -9.19 -15.09
N HIS A 103 -14.63 -9.05 -13.93
CA HIS A 103 -14.92 -7.72 -13.34
C HIS A 103 -13.68 -7.06 -12.77
N ARG A 104 -12.95 -7.81 -11.95
CA ARG A 104 -11.74 -7.30 -11.28
C ARG A 104 -10.74 -6.79 -12.30
N ASN A 105 -10.49 -7.58 -13.34
CA ASN A 105 -9.49 -7.23 -14.36
C ASN A 105 -9.93 -6.04 -15.14
N SER A 106 -11.24 -5.88 -15.40
CA SER A 106 -11.73 -4.65 -16.10
C SER A 106 -11.37 -3.43 -15.34
N LEU A 107 -11.47 -3.49 -14.01
CA LEU A 107 -11.16 -2.34 -13.16
C LEU A 107 -9.65 -2.06 -13.12
N ILE A 108 -8.87 -3.14 -12.96
CA ILE A 108 -7.40 -3.05 -13.07
C ILE A 108 -6.97 -2.39 -14.38
N GLN A 109 -7.53 -2.81 -15.52
CA GLN A 109 -7.23 -2.25 -16.87
C GLN A 109 -7.62 -0.81 -16.99
N LEU A 110 -8.77 -0.43 -16.41
CA LEU A 110 -9.23 0.95 -16.43
C LEU A 110 -8.27 1.83 -15.65
N ILE A 111 -7.89 1.34 -14.46
CA ILE A 111 -6.94 2.07 -13.60
C ILE A 111 -5.61 2.34 -14.35
N GLU A 112 -5.07 1.31 -15.01
CA GLU A 112 -3.83 1.45 -15.75
C GLU A 112 -4.02 2.37 -16.95
N HIS A 113 -5.14 2.17 -17.65
CA HIS A 113 -5.46 3.00 -18.83
C HIS A 113 -5.49 4.49 -18.58
N LEU A 114 -6.09 4.90 -17.48
CA LEU A 114 -6.11 6.32 -17.03
C LEU A 114 -4.88 6.69 -16.18
N ASP A 115 -4.05 5.68 -15.84
CA ASP A 115 -2.89 5.84 -15.01
C ASP A 115 -3.25 6.57 -13.71
N LEU A 116 -4.31 6.09 -13.06
CA LEU A 116 -4.78 6.66 -11.81
C LEU A 116 -3.81 6.49 -10.67
N LYS A 117 -3.57 7.57 -9.93
CA LYS A 117 -2.67 7.57 -8.75
C LYS A 117 -3.29 8.41 -7.68
N ASN A 118 -2.79 8.28 -6.47
CA ASN A 118 -3.35 9.00 -5.29
C ASN A 118 -4.88 8.73 -5.23
N ILE A 119 -5.22 7.44 -5.21
CA ILE A 119 -6.61 7.00 -5.30
C ILE A 119 -7.18 6.92 -3.90
N VAL A 120 -8.38 7.56 -3.74
CA VAL A 120 -9.23 7.26 -2.61
C VAL A 120 -10.32 6.27 -3.15
N LEU A 121 -10.23 5.03 -2.67
CA LEU A 121 -11.15 3.98 -3.09
C LEU A 121 -12.45 4.21 -2.34
N VAL A 122 -13.55 4.42 -3.11
CA VAL A 122 -14.91 4.48 -2.52
C VAL A 122 -15.67 3.25 -3.05
N CYS A 123 -16.16 2.39 -2.17
CA CYS A 123 -16.83 1.15 -2.58
C CYS A 123 -17.93 0.71 -1.71
N GLN A 124 -18.76 -0.24 -2.20
CA GLN A 124 -19.96 -0.79 -1.55
C GLN A 124 -20.42 -1.99 -2.38
N ASP A 125 -21.09 -2.94 -1.70
CA ASP A 125 -21.57 -4.18 -2.31
C ASP A 125 -20.40 -4.86 -3.06
N TRP A 126 -20.65 -5.37 -4.26
CA TRP A 126 -19.58 -5.96 -5.14
C TRP A 126 -18.48 -4.95 -5.54
N GLY A 127 -18.81 -3.67 -5.53
CA GLY A 127 -17.82 -2.63 -5.61
C GLY A 127 -16.68 -2.86 -4.65
N GLY A 128 -17.02 -3.24 -3.41
CA GLY A 128 -16.03 -3.60 -2.40
C GLY A 128 -15.55 -5.03 -2.53
N GLY A 129 -16.46 -5.99 -2.73
CA GLY A 129 -16.08 -7.38 -2.94
C GLY A 129 -14.99 -7.58 -3.99
N LEU A 130 -15.12 -6.90 -5.11
CA LEU A 130 -14.10 -6.73 -6.12
C LEU A 130 -12.98 -5.76 -5.73
N GLY A 131 -13.36 -4.48 -5.54
CA GLY A 131 -12.43 -3.36 -5.38
C GLY A 131 -11.45 -3.45 -4.22
N LEU A 132 -11.93 -3.99 -3.07
CA LEU A 132 -11.07 -4.13 -1.88
C LEU A 132 -9.94 -5.18 -2.15
N THR A 133 -10.05 -6.00 -3.24
CA THR A 133 -9.00 -6.92 -3.57
C THR A 133 -7.98 -6.38 -4.55
N ILE A 134 -8.13 -5.10 -4.97
CA ILE A 134 -7.24 -4.49 -5.99
C ILE A 134 -5.96 -3.84 -5.43
N PRO A 135 -6.08 -3.04 -4.36
CA PRO A 135 -4.93 -2.38 -3.80
C PRO A 135 -3.71 -3.25 -3.43
N MET A 136 -3.94 -4.49 -3.01
CA MET A 136 -2.80 -5.39 -2.67
C MET A 136 -1.88 -5.68 -3.87
N ASP A 137 -2.39 -5.51 -5.07
CA ASP A 137 -1.63 -5.71 -6.29
C ASP A 137 -1.29 -4.40 -7.00
N MET A 138 -1.52 -3.30 -6.30
CA MET A 138 -1.23 -1.97 -6.79
C MET A 138 -1.23 -1.11 -5.53
N GLN A 139 -0.28 -1.38 -4.64
CA GLN A 139 -0.21 -0.68 -3.36
C GLN A 139 0.18 0.78 -3.45
N ASP A 140 0.99 1.16 -4.38
CA ASP A 140 1.45 2.55 -4.57
C ASP A 140 0.37 3.52 -5.09
N ARG A 141 -0.65 2.99 -5.73
CA ARG A 141 -1.75 3.76 -6.33
C ARG A 141 -2.82 4.25 -5.35
N PHE A 142 -2.99 3.51 -4.22
CA PHE A 142 -4.06 3.72 -3.24
C PHE A 142 -3.58 4.36 -1.96
N LYS A 143 -4.18 5.50 -1.58
CA LYS A 143 -3.89 6.27 -0.36
C LYS A 143 -4.89 6.21 0.74
N LYS A 144 -6.19 6.25 0.40
CA LYS A 144 -7.28 6.23 1.40
C LYS A 144 -8.48 5.37 0.92
N LEU A 145 -9.40 5.12 1.86
CA LEU A 145 -10.56 4.24 1.64
C LEU A 145 -11.82 4.83 2.32
N ILE A 146 -12.90 4.96 1.54
CA ILE A 146 -14.25 5.18 2.08
C ILE A 146 -15.04 3.89 1.77
N VAL A 147 -15.51 3.21 2.81
CA VAL A 147 -16.13 1.90 2.68
C VAL A 147 -17.53 1.96 3.30
N MET A 148 -18.50 1.40 2.56
CA MET A 148 -19.87 1.32 2.97
C MET A 148 -20.31 -0.15 2.72
N ASN A 149 -21.52 -0.48 3.11
CA ASN A 149 -22.04 -1.80 3.28
C ASN A 149 -21.50 -2.78 2.25
N THR A 150 -20.55 -3.58 2.61
CA THR A 150 -19.81 -4.47 1.72
C THR A 150 -19.17 -5.58 2.57
N THR A 151 -18.39 -6.43 1.96
CA THR A 151 -17.72 -7.52 2.59
C THR A 151 -16.53 -7.97 1.72
N ILE A 152 -15.53 -8.64 2.33
CA ILE A 152 -14.48 -9.33 1.53
C ILE A 152 -14.71 -10.78 1.81
N SER A 153 -14.75 -11.60 0.78
CA SER A 153 -15.01 -13.04 0.90
C SER A 153 -13.87 -13.71 1.67
N ASN A 154 -14.20 -14.47 2.68
CA ASN A 154 -13.30 -15.29 3.50
C ASN A 154 -13.54 -16.78 3.45
N GLY A 155 -14.48 -17.23 2.63
CA GLY A 155 -14.81 -18.63 2.49
C GLY A 155 -15.74 -19.24 3.53
N GLU A 156 -16.14 -18.49 4.55
CA GLU A 156 -16.99 -19.03 5.60
C GLU A 156 -18.38 -19.36 5.09
N PRO A 157 -19.06 -20.34 5.75
CA PRO A 157 -20.46 -20.65 5.33
C PRO A 157 -21.28 -19.32 5.23
N LEU A 158 -22.14 -19.26 4.22
CA LEU A 158 -22.94 -18.03 3.99
C LEU A 158 -24.03 -17.98 5.07
N ALA A 159 -24.28 -16.78 5.61
CA ALA A 159 -25.42 -16.49 6.44
C ALA A 159 -26.76 -16.74 5.69
N GLU A 160 -27.80 -17.08 6.42
CA GLU A 160 -29.07 -17.48 5.81
C GLU A 160 -29.63 -16.45 4.81
N ALA A 161 -29.52 -15.19 5.16
CA ALA A 161 -29.97 -14.05 4.34
C ALA A 161 -29.37 -14.04 2.95
N ALA A 162 -28.07 -14.36 2.86
CA ALA A 162 -27.35 -14.39 1.60
C ALA A 162 -27.75 -15.59 0.78
N VAL A 163 -27.89 -16.76 1.41
CA VAL A 163 -28.38 -17.94 0.70
C VAL A 163 -29.80 -17.67 0.13
N GLN A 164 -30.68 -17.07 0.94
CA GLN A 164 -32.05 -16.67 0.55
C GLN A 164 -32.05 -15.73 -0.63
N TRP A 165 -31.15 -14.74 -0.58
CA TRP A 165 -30.92 -13.81 -1.68
C TRP A 165 -30.54 -14.52 -2.99
N MET A 166 -29.62 -15.50 -2.92
CA MET A 166 -29.22 -16.23 -4.10
C MET A 166 -30.44 -17.04 -4.65
N ALA A 167 -31.14 -17.72 -3.77
CA ALA A 167 -32.31 -18.58 -4.21
C ALA A 167 -33.45 -17.71 -4.80
N PHE A 168 -33.69 -16.55 -4.19
CA PHE A 168 -34.73 -15.65 -4.66
C PHE A 168 -34.42 -15.13 -6.06
N ASN A 169 -33.15 -14.84 -6.30
CA ASN A 169 -32.71 -14.35 -7.60
C ASN A 169 -32.90 -15.45 -8.60
N GLU A 170 -32.54 -16.67 -8.21
CA GLU A 170 -32.73 -17.85 -9.06
CA GLU A 170 -32.66 -17.93 -9.01
C GLU A 170 -34.15 -18.61 -9.24
N THR A 171 -35.09 -17.92 -8.58
CA THR A 171 -36.49 -18.32 -8.64
C THR A 171 -37.31 -17.35 -9.47
N ILE A 172 -36.97 -16.07 -9.37
CA ILE A 172 -37.67 -15.04 -10.10
C ILE A 172 -37.40 -14.96 -11.59
N SER A 173 -38.36 -14.33 -12.33
CA SER A 173 -38.15 -14.10 -13.75
C SER A 173 -36.95 -13.20 -14.01
N GLU A 174 -36.88 -12.10 -13.27
CA GLU A 174 -35.79 -11.16 -13.36
C GLU A 174 -35.89 -10.26 -12.14
N LEU A 175 -34.79 -9.62 -11.77
CA LEU A 175 -34.79 -8.79 -10.56
C LEU A 175 -35.39 -7.39 -10.93
N PRO A 176 -36.36 -6.89 -10.11
CA PRO A 176 -36.92 -5.58 -10.36
C PRO A 176 -35.92 -4.53 -9.82
N VAL A 177 -35.11 -3.94 -10.71
CA VAL A 177 -33.96 -3.15 -10.33
C VAL A 177 -34.34 -1.89 -9.56
N ALA A 178 -35.21 -1.06 -10.17
CA ALA A 178 -35.66 0.17 -9.52
C ALA A 178 -36.42 -0.12 -8.24
N GLY A 179 -37.27 -1.14 -8.29
CA GLY A 179 -38.01 -1.64 -7.13
C GLY A 179 -37.15 -1.92 -5.96
N LEU A 180 -36.09 -2.69 -6.19
CA LEU A 180 -35.17 -3.12 -5.10
C LEU A 180 -34.52 -1.90 -4.48
N VAL A 181 -33.98 -0.99 -5.33
CA VAL A 181 -33.30 0.22 -4.80
C VAL A 181 -34.26 1.11 -4.05
N ALA A 182 -35.43 1.33 -4.61
CA ALA A 182 -36.48 2.19 -3.96
C ALA A 182 -36.95 1.58 -2.60
N CYS A 183 -37.13 0.26 -2.53
CA CYS A 183 -37.45 -0.41 -1.31
C CYS A 183 -36.41 -0.24 -0.27
N ASP A 184 -35.15 -0.28 -0.68
CA ASP A 184 -34.03 -0.10 0.28
C ASP A 184 -33.81 1.32 0.79
N ALA A 185 -33.94 2.30 -0.10
CA ALA A 185 -33.53 3.66 0.14
C ALA A 185 -34.64 4.61 0.59
N GLY A 186 -35.89 4.14 0.49
CA GLY A 186 -37.06 4.94 0.97
C GLY A 186 -37.15 6.30 0.34
N ALA A 187 -37.29 7.32 1.17
CA ALA A 187 -37.53 8.67 0.72
C ALA A 187 -36.34 9.29 0.01
N ALA A 188 -35.15 8.65 0.09
CA ALA A 188 -33.96 9.15 -0.56
C ALA A 188 -33.96 8.90 -2.05
N VAL A 189 -34.89 8.08 -2.54
CA VAL A 189 -35.08 7.79 -3.98
C VAL A 189 -36.51 8.21 -4.38
N ASN A 190 -36.61 8.99 -5.49
CA ASN A 190 -37.86 9.35 -6.11
C ASN A 190 -38.04 8.61 -7.44
N VAL A 191 -39.14 8.90 -8.17
CA VAL A 191 -39.46 8.12 -9.37
C VAL A 191 -38.52 8.44 -10.51
N MET A 192 -37.95 9.67 -10.53
CA MET A 192 -36.90 10.03 -11.49
C MET A 192 -35.64 9.15 -11.27
N ASP A 193 -35.35 8.83 -9.99
CA ASP A 193 -34.25 7.94 -9.66
C ASP A 193 -34.54 6.50 -10.07
N ALA A 194 -35.79 6.05 -9.87
CA ALA A 194 -36.24 4.74 -10.28
C ALA A 194 -36.09 4.58 -11.79
N LEU A 195 -36.41 5.62 -12.56
CA LEU A 195 -36.22 5.65 -14.00
C LEU A 195 -34.76 5.46 -14.38
N ALA A 196 -33.87 6.14 -13.67
CA ALA A 196 -32.43 6.02 -13.87
C ALA A 196 -31.91 4.63 -13.59
N TYR A 197 -32.41 3.99 -12.53
CA TYR A 197 -31.98 2.63 -12.18
C TYR A 197 -32.52 1.59 -13.13
N ASP A 198 -33.73 1.77 -13.66
CA ASP A 198 -34.27 0.85 -14.72
C ASP A 198 -33.69 1.16 -16.10
N ALA A 199 -33.10 2.36 -16.28
CA ALA A 199 -32.65 2.85 -17.64
C ALA A 199 -31.70 1.90 -18.38
N PRO A 200 -30.73 1.27 -17.69
CA PRO A 200 -29.83 0.36 -18.43
C PRO A 200 -30.48 -0.84 -19.09
N PHE A 201 -31.69 -1.20 -18.68
CA PHE A 201 -32.28 -2.58 -18.89
C PHE A 201 -33.68 -2.51 -19.52
N PRO A 202 -33.76 -2.24 -20.86
CA PRO A 202 -35.07 -2.33 -21.53
C PRO A 202 -35.81 -3.67 -21.35
N ASN A 203 -35.05 -4.78 -21.13
CA ASN A 203 -35.62 -6.11 -20.86
C ASN A 203 -34.56 -7.01 -20.31
N LYS A 204 -34.97 -8.24 -19.93
CA LYS A 204 -34.10 -9.17 -19.24
C LYS A 204 -32.88 -9.63 -20.06
N ASN A 205 -32.92 -9.50 -21.38
CA ASN A 205 -31.77 -9.83 -22.21
C ASN A 205 -30.55 -8.95 -21.86
N TYR A 206 -30.80 -7.75 -21.35
CA TYR A 206 -29.77 -6.80 -20.91
C TYR A 206 -29.27 -7.05 -19.45
N LYS A 207 -29.89 -8.00 -18.73
CA LYS A 207 -29.71 -8.20 -17.30
C LYS A 207 -28.86 -9.45 -16.96
N VAL A 208 -28.14 -10.03 -17.95
CA VAL A 208 -27.34 -11.19 -17.67
C VAL A 208 -26.30 -10.92 -16.58
N GLY A 209 -25.64 -9.76 -16.59
CA GLY A 209 -24.74 -9.37 -15.49
C GLY A 209 -25.41 -9.23 -14.13
N VAL A 210 -26.62 -8.64 -14.15
CA VAL A 210 -27.49 -8.52 -12.95
C VAL A 210 -27.84 -9.89 -12.39
N LYS A 211 -28.20 -10.82 -13.28
CA LYS A 211 -28.48 -12.23 -12.91
C LYS A 211 -27.27 -12.90 -12.35
N ARG A 212 -26.09 -12.64 -12.91
CA ARG A 212 -24.89 -13.36 -12.49
C ARG A 212 -24.31 -12.97 -11.17
N PHE A 213 -24.46 -11.70 -10.74
CA PHE A 213 -23.87 -11.28 -9.47
C PHE A 213 -24.28 -12.11 -8.28
N PRO A 214 -25.61 -12.32 -8.06
CA PRO A 214 -26.02 -13.21 -6.95
C PRO A 214 -25.46 -14.63 -7.08
N GLN A 215 -25.39 -15.15 -8.29
CA GLN A 215 -24.79 -16.48 -8.52
C GLN A 215 -23.33 -16.53 -8.17
N MET A 216 -22.64 -15.40 -8.23
CA MET A 216 -21.17 -15.29 -8.02
C MET A 216 -20.81 -15.28 -6.54
N ILE A 217 -21.78 -15.08 -5.63
CA ILE A 217 -21.51 -15.09 -4.20
C ILE A 217 -20.86 -16.46 -3.89
N PRO A 218 -19.67 -16.49 -3.30
CA PRO A 218 -18.92 -17.72 -3.18
C PRO A 218 -19.46 -18.70 -2.18
N THR A 219 -19.63 -19.96 -2.63
CA THR A 219 -20.11 -21.10 -1.88
C THR A 219 -18.99 -22.16 -1.64
N ASN A 220 -17.78 -21.92 -2.16
CA ASN A 220 -16.61 -22.75 -1.90
C ASN A 220 -15.37 -21.90 -1.84
N ALA A 221 -14.45 -22.29 -0.91
CA ALA A 221 -13.22 -21.53 -0.63
C ALA A 221 -12.20 -21.55 -1.74
N ASP A 222 -12.45 -22.31 -2.78
CA ASP A 222 -11.62 -22.34 -3.97
C ASP A 222 -12.09 -21.32 -4.99
N ASP A 223 -13.21 -20.57 -4.73
CA ASP A 223 -13.67 -19.54 -5.65
C ASP A 223 -12.63 -18.41 -5.67
N ASP A 224 -12.43 -17.81 -6.86
CA ASP A 224 -11.55 -16.69 -7.01
C ASP A 224 -11.86 -15.54 -5.99
N ALA A 225 -13.14 -15.33 -5.68
CA ALA A 225 -13.58 -14.27 -4.76
C ALA A 225 -12.91 -14.43 -3.43
N VAL A 226 -12.78 -15.67 -2.99
CA VAL A 226 -12.20 -16.04 -1.67
C VAL A 226 -10.68 -16.06 -1.74
N LYS A 227 -10.13 -16.63 -2.81
CA LYS A 227 -8.65 -16.62 -3.02
C LYS A 227 -8.10 -15.21 -2.96
N TYR A 228 -8.61 -14.32 -3.81
CA TYR A 228 -8.28 -12.87 -3.73
C TYR A 228 -8.67 -12.28 -2.41
N GLY A 229 -9.86 -12.67 -1.92
CA GLY A 229 -10.39 -12.17 -0.66
C GLY A 229 -9.50 -12.34 0.53
N LEU A 230 -8.98 -13.54 0.71
CA LEU A 230 -8.11 -13.85 1.86
C LEU A 230 -6.76 -13.10 1.80
N ARG A 231 -6.25 -12.89 0.61
CA ARG A 231 -5.06 -12.10 0.43
C ARG A 231 -5.36 -10.60 0.77
N ALA A 232 -6.56 -10.14 0.43
CA ALA A 232 -6.95 -8.78 0.67
C ALA A 232 -7.03 -8.47 2.15
N ILE A 233 -7.65 -9.40 2.87
CA ILE A 233 -7.79 -9.37 4.33
C ILE A 233 -6.42 -9.24 4.98
N GLU A 234 -5.45 -10.02 4.50
CA GLU A 234 -4.05 -9.90 4.94
C GLU A 234 -3.49 -8.48 4.66
N PHE A 235 -3.76 -7.94 3.47
CA PHE A 235 -3.29 -6.63 3.06
C PHE A 235 -3.83 -5.51 3.97
N TRP A 236 -5.17 -5.49 4.22
CA TRP A 236 -5.80 -4.43 5.01
C TRP A 236 -5.43 -4.52 6.49
N SER A 237 -5.14 -5.75 6.94
CA SER A 237 -4.79 -5.98 8.35
C SER A 237 -3.31 -5.90 8.70
N ASN A 238 -2.43 -5.97 7.70
CA ASN A 238 -0.98 -5.92 8.00
C ASN A 238 -0.14 -4.97 7.17
N GLU A 239 -0.47 -4.79 5.90
CA GLU A 239 0.31 -3.91 5.04
C GLU A 239 -0.24 -2.49 4.93
N TRP A 240 -1.54 -2.37 4.71
CA TRP A 240 -2.19 -1.07 4.56
C TRP A 240 -1.71 -0.02 5.59
N SER A 241 -1.34 1.16 5.11
CA SER A 241 -0.85 2.25 5.94
C SER A 241 -1.62 3.57 5.69
N GLY A 242 -2.72 3.51 4.97
CA GLY A 242 -3.54 4.69 4.68
C GLY A 242 -4.60 5.04 5.67
N GLU A 243 -5.37 6.11 5.37
CA GLU A 243 -6.49 6.50 6.16
C GLU A 243 -7.77 5.83 5.64
N SER A 244 -8.69 5.49 6.50
CA SER A 244 -9.99 4.93 6.14
C SER A 244 -11.11 5.61 6.87
N PHE A 245 -12.31 5.45 6.32
CA PHE A 245 -13.56 5.96 6.92
C PHE A 245 -14.67 4.99 6.47
N MET A 246 -15.46 4.54 7.42
CA MET A 246 -16.51 3.55 7.22
C MET A 246 -17.88 4.19 7.53
N ALA A 247 -18.84 4.04 6.63
CA ALA A 247 -20.25 4.45 6.85
C ALA A 247 -21.17 3.24 6.66
N ILE A 248 -22.02 2.95 7.66
CA ILE A 248 -22.86 1.80 7.68
C ILE A 248 -24.32 2.23 7.54
N GLY A 249 -24.98 1.69 6.49
CA GLY A 249 -26.47 1.75 6.39
C GLY A 249 -27.08 0.70 7.24
N MET A 250 -27.75 1.15 8.31
CA MET A 250 -28.24 0.19 9.34
C MET A 250 -29.40 -0.67 8.96
N LYS A 251 -30.22 -0.21 8.01
CA LYS A 251 -31.42 -0.94 7.54
C LYS A 251 -30.96 -1.95 6.47
N ASP A 252 -30.01 -2.77 6.82
CA ASP A 252 -29.47 -3.80 5.89
C ASP A 252 -29.38 -5.09 6.66
N ALA A 253 -30.27 -6.04 6.31
CA ALA A 253 -30.31 -7.38 6.88
C ALA A 253 -29.18 -8.37 6.44
N VAL A 254 -28.39 -8.00 5.42
CA VAL A 254 -27.31 -8.82 4.97
C VAL A 254 -25.95 -8.19 5.28
N LEU A 255 -25.66 -7.00 4.75
CA LEU A 255 -24.35 -6.38 4.94
C LEU A 255 -24.40 -5.09 5.77
N GLY A 256 -25.15 -5.14 6.82
CA GLY A 256 -25.32 -4.03 7.78
C GLY A 256 -24.28 -4.06 8.88
N GLU A 257 -24.69 -3.65 10.05
CA GLU A 257 -23.81 -3.38 11.20
C GLU A 257 -22.90 -4.58 11.57
N ALA A 258 -23.47 -5.78 11.66
CA ALA A 258 -22.73 -6.94 12.11
C ALA A 258 -21.56 -7.28 11.12
N ALA A 259 -21.91 -7.33 9.83
CA ALA A 259 -20.92 -7.59 8.78
C ALA A 259 -19.90 -6.48 8.64
N MET A 260 -20.33 -5.21 8.81
CA MET A 260 -19.43 -4.10 8.66
C MET A 260 -18.44 -3.98 9.85
N MET A 261 -18.91 -4.29 11.05
CA MET A 261 -18.03 -4.30 12.24
C MET A 261 -16.95 -5.42 12.13
N GLN A 262 -17.33 -6.56 11.59
CA GLN A 262 -16.39 -7.67 11.32
C GLN A 262 -15.34 -7.21 10.32
N LEU A 263 -15.78 -6.49 9.28
CA LEU A 263 -14.90 -5.91 8.32
C LEU A 263 -13.94 -4.90 8.95
N LYS A 264 -14.44 -4.03 9.82
CA LYS A 264 -13.65 -3.06 10.47
C LYS A 264 -12.42 -3.68 11.23
N THR A 265 -12.61 -4.83 11.81
CA THR A 265 -11.58 -5.52 12.59
C THR A 265 -10.35 -5.86 11.71
N VAL A 266 -10.53 -5.99 10.40
CA VAL A 266 -9.45 -6.37 9.51
C VAL A 266 -8.85 -5.21 8.74
N ILE A 267 -9.41 -4.00 8.90
CA ILE A 267 -8.88 -2.78 8.33
C ILE A 267 -8.06 -2.04 9.40
N LYS A 268 -6.75 -2.11 9.31
CA LYS A 268 -5.86 -1.47 10.31
C LYS A 268 -6.06 0.01 10.25
N GLY A 269 -6.32 0.65 11.38
CA GLY A 269 -6.51 2.11 11.42
C GLY A 269 -7.92 2.62 11.16
N CYS A 270 -8.88 1.72 10.97
CA CYS A 270 -10.25 2.14 10.66
C CYS A 270 -10.89 2.78 11.90
N PRO A 271 -11.28 4.06 11.80
CA PRO A 271 -11.92 4.72 12.99
C PRO A 271 -13.31 4.25 13.20
N GLU A 272 -13.92 4.72 14.26
CA GLU A 272 -15.33 4.46 14.61
C GLU A 272 -16.17 4.72 13.37
N PRO A 273 -17.01 3.74 12.97
CA PRO A 273 -17.88 3.95 11.82
C PRO A 273 -19.01 4.97 12.06
N MET A 274 -19.32 5.73 11.03
CA MET A 274 -20.56 6.49 10.90
C MET A 274 -21.71 5.52 10.69
N LYS A 275 -22.67 5.46 11.64
CA LYS A 275 -23.85 4.54 11.54
C LYS A 275 -25.13 5.38 11.19
N ILE A 276 -25.67 5.15 9.99
CA ILE A 276 -26.77 5.97 9.47
C ILE A 276 -28.03 5.15 9.65
N GLU A 277 -28.84 5.50 10.66
CA GLU A 277 -30.03 4.73 11.01
C GLU A 277 -31.07 4.70 9.88
N GLU A 278 -31.12 5.73 9.07
CA GLU A 278 -32.16 5.88 8.02
C GLU A 278 -31.74 5.26 6.68
N ALA A 279 -30.43 4.96 6.57
CA ALA A 279 -29.90 4.38 5.32
C ALA A 279 -30.01 2.87 5.29
N GLY A 280 -30.22 2.34 4.10
CA GLY A 280 -30.20 0.89 3.85
C GLY A 280 -28.88 0.46 3.21
N HIS A 281 -28.92 -0.70 2.55
CA HIS A 281 -27.74 -1.23 1.83
C HIS A 281 -27.11 -0.22 0.89
N PHE A 282 -27.92 0.54 0.14
CA PHE A 282 -27.44 1.59 -0.78
C PHE A 282 -27.17 2.88 -0.02
N VAL A 283 -26.04 2.83 0.66
CA VAL A 283 -25.56 3.91 1.61
C VAL A 283 -25.40 5.23 0.87
N GLN A 284 -25.01 5.16 -0.43
CA GLN A 284 -24.71 6.35 -1.20
C GLN A 284 -25.96 7.23 -1.48
N GLU A 285 -27.16 6.65 -1.32
CA GLU A 285 -28.39 7.44 -1.38
C GLU A 285 -28.52 8.41 -0.18
N TYR A 286 -27.68 8.17 0.83
CA TYR A 286 -27.57 8.99 2.07
C TYR A 286 -26.14 9.49 2.18
N GLY A 287 -25.54 9.74 1.00
CA GLY A 287 -24.10 9.79 0.84
C GLY A 287 -23.52 11.20 0.86
N VAL A 288 -24.37 12.26 0.84
CA VAL A 288 -23.83 13.65 1.00
C VAL A 288 -23.01 13.76 2.28
N GLU A 289 -23.61 13.34 3.38
CA GLU A 289 -23.02 13.44 4.72
C GLU A 289 -21.84 12.48 4.87
N VAL A 290 -21.90 11.31 4.18
CA VAL A 290 -20.74 10.41 4.17
C VAL A 290 -19.54 11.03 3.49
N ALA A 291 -19.75 11.66 2.31
CA ALA A 291 -18.68 12.36 1.60
C ALA A 291 -18.13 13.52 2.39
N GLU A 292 -19.03 14.33 2.99
CA GLU A 292 -18.61 15.45 3.85
C GLU A 292 -17.78 15.00 5.04
N GLN A 293 -18.27 14.05 5.79
CA GLN A 293 -17.57 13.57 6.97
C GLN A 293 -16.29 12.83 6.69
N ALA A 294 -16.25 12.07 5.58
CA ALA A 294 -15.00 11.38 5.13
C ALA A 294 -13.90 12.39 4.91
N LEU A 295 -14.21 13.44 4.12
CA LEU A 295 -13.28 14.49 3.80
C LEU A 295 -12.75 15.25 5.04
N ALA A 296 -13.64 15.51 6.00
CA ALA A 296 -13.31 16.21 7.25
C ALA A 296 -12.38 15.35 8.12
N SER A 297 -12.68 14.05 8.14
CA SER A 297 -11.87 13.07 8.87
C SER A 297 -10.47 12.90 8.27
N PHE A 298 -10.34 13.12 6.96
CA PHE A 298 -9.11 12.86 6.23
C PHE A 298 -8.13 14.04 6.25
N THR A 299 -6.85 13.71 6.23
CA THR A 299 -5.76 14.69 5.97
C THR A 299 -5.38 14.59 4.52
N MET A 300 -5.97 15.52 3.76
CA MET A 300 -6.03 15.50 2.35
C MET A 300 -4.88 16.19 1.71
N ILE A 301 -3.71 15.99 2.31
CA ILE A 301 -2.44 16.51 1.90
C ILE A 301 -1.50 15.38 2.07
N ILE B 3 -58.76 -7.93 -31.71
CA ILE B 3 -57.94 -6.81 -31.15
C ILE B 3 -56.52 -7.28 -30.90
N LYS B 4 -55.53 -6.71 -31.58
CA LYS B 4 -54.13 -7.12 -31.40
C LYS B 4 -53.69 -6.84 -29.99
N ALA B 5 -53.16 -7.86 -29.31
CA ALA B 5 -52.79 -7.79 -27.87
C ALA B 5 -51.70 -8.83 -27.55
N LEU B 6 -51.02 -8.62 -26.44
CA LEU B 6 -50.12 -9.53 -25.84
C LEU B 6 -50.72 -10.12 -24.59
N ARG B 7 -50.32 -11.33 -24.27
CA ARG B 7 -50.65 -12.01 -23.03
C ARG B 7 -49.36 -12.17 -22.32
N THR B 8 -49.28 -11.64 -21.09
CA THR B 8 -48.10 -11.86 -20.26
C THR B 8 -47.84 -13.36 -20.01
N PRO B 9 -46.64 -13.85 -20.33
CA PRO B 9 -46.30 -15.24 -20.06
C PRO B 9 -46.56 -15.60 -18.59
N GLU B 10 -47.15 -16.79 -18.41
CA GLU B 10 -47.58 -17.25 -17.09
C GLU B 10 -46.47 -17.32 -16.05
N GLU B 11 -45.23 -17.63 -16.53
CA GLU B 11 -44.07 -17.75 -15.64
C GLU B 11 -43.82 -16.43 -14.82
N ARG B 12 -44.28 -15.32 -15.36
CA ARG B 12 -44.18 -14.02 -14.67
C ARG B 12 -44.92 -14.01 -13.33
N PHE B 13 -45.94 -14.85 -13.19
CA PHE B 13 -46.81 -14.86 -12.00
C PHE B 13 -46.54 -16.02 -11.06
N SER B 14 -45.43 -16.75 -11.27
CA SER B 14 -45.13 -17.96 -10.51
C SER B 14 -44.71 -17.68 -9.06
N VAL B 15 -44.24 -16.45 -8.75
CA VAL B 15 -43.86 -16.06 -7.41
C VAL B 15 -44.73 -14.87 -6.96
N LEU B 16 -45.85 -15.21 -6.30
CA LEU B 16 -46.82 -14.25 -5.73
C LEU B 16 -47.32 -14.68 -4.33
N PRO B 17 -46.40 -14.84 -3.38
CA PRO B 17 -46.84 -15.48 -2.11
C PRO B 17 -47.83 -14.63 -1.36
N ALA B 18 -47.81 -13.29 -1.50
CA ALA B 18 -48.79 -12.47 -0.82
C ALA B 18 -50.18 -12.34 -1.54
N PHE B 19 -50.39 -13.07 -2.64
CA PHE B 19 -51.61 -12.96 -3.45
C PHE B 19 -51.96 -14.32 -3.96
N PRO B 20 -52.34 -15.24 -3.04
CA PRO B 20 -52.48 -16.66 -3.40
C PRO B 20 -53.93 -16.97 -3.88
N TYR B 21 -54.51 -16.12 -4.72
CA TYR B 21 -55.82 -16.41 -5.30
C TYR B 21 -55.58 -16.90 -6.74
N GLN B 22 -56.30 -17.95 -7.13
CA GLN B 22 -56.31 -18.47 -8.49
C GLN B 22 -57.21 -17.53 -9.34
N PRO B 23 -56.67 -16.94 -10.41
CA PRO B 23 -57.45 -16.00 -11.19
C PRO B 23 -58.55 -16.66 -12.04
N ASN B 24 -59.66 -15.93 -12.24
CA ASN B 24 -60.69 -16.29 -13.17
C ASN B 24 -60.56 -15.43 -14.42
N TYR B 25 -61.16 -15.88 -15.52
CA TYR B 25 -60.98 -15.22 -16.83
C TYR B 25 -62.32 -15.15 -17.54
N VAL B 26 -62.51 -14.08 -18.32
CA VAL B 26 -63.63 -13.92 -19.25
C VAL B 26 -63.10 -13.35 -20.54
N ASP B 27 -63.41 -13.99 -21.68
CA ASP B 27 -62.89 -13.54 -22.97
C ASP B 27 -63.95 -13.36 -24.07
N ASP B 28 -65.20 -13.25 -23.64
CA ASP B 28 -66.36 -13.06 -24.50
C ASP B 28 -67.17 -11.89 -23.96
N LEU B 29 -66.51 -10.87 -23.45
CA LEU B 29 -67.26 -9.65 -23.08
C LEU B 29 -67.69 -9.00 -24.38
N GLY B 30 -68.97 -8.60 -24.42
CA GLY B 30 -69.55 -7.95 -25.58
C GLY B 30 -68.78 -6.71 -26.04
N GLY B 31 -68.30 -6.77 -27.28
CA GLY B 31 -67.51 -5.69 -27.84
C GLY B 31 -65.99 -5.96 -27.81
N TYR B 32 -65.52 -6.96 -27.02
CA TYR B 32 -64.09 -7.12 -26.78
C TYR B 32 -63.48 -8.37 -27.36
N GLU B 33 -64.11 -8.83 -28.44
CA GLU B 33 -63.53 -9.94 -29.27
C GLU B 33 -63.09 -11.06 -28.27
N SER B 34 -61.96 -11.61 -28.48
CA SER B 34 -61.53 -12.66 -27.55
C SER B 34 -60.43 -12.11 -26.60
N LEU B 35 -60.53 -10.82 -26.24
CA LEU B 35 -59.62 -10.22 -25.24
C LEU B 35 -60.00 -10.76 -23.92
N ARG B 36 -59.06 -11.40 -23.22
CA ARG B 36 -59.31 -12.08 -21.94
C ARG B 36 -59.03 -11.18 -20.74
N MET B 37 -60.01 -11.00 -19.89
CA MET B 37 -59.90 -10.22 -18.68
C MET B 37 -59.74 -11.17 -17.53
N ALA B 38 -58.73 -10.94 -16.69
CA ALA B 38 -58.51 -11.67 -15.42
C ALA B 38 -59.21 -10.99 -14.27
N TYR B 39 -59.77 -11.76 -13.33
CA TYR B 39 -60.36 -11.17 -12.14
C TYR B 39 -60.27 -12.18 -10.98
N ILE B 40 -60.06 -11.60 -9.78
CA ILE B 40 -60.17 -12.36 -8.53
C ILE B 40 -61.66 -12.42 -8.18
N ASP B 41 -62.09 -13.59 -7.69
CA ASP B 41 -63.47 -13.81 -7.19
C ASP B 41 -63.40 -14.72 -5.94
N GLU B 42 -63.52 -14.14 -4.76
CA GLU B 42 -63.42 -14.92 -3.53
C GLU B 42 -64.66 -14.76 -2.68
N GLY B 43 -64.68 -15.48 -1.57
CA GLY B 43 -65.81 -15.43 -0.65
C GLY B 43 -66.94 -16.28 -1.17
N ASP B 44 -67.99 -16.47 -0.36
CA ASP B 44 -69.11 -17.32 -0.79
C ASP B 44 -69.88 -16.63 -1.90
N LYS B 45 -70.14 -17.40 -2.97
CA LYS B 45 -70.84 -16.86 -4.16
C LYS B 45 -72.22 -16.25 -3.90
N ASP B 46 -72.88 -16.77 -2.89
CA ASP B 46 -74.21 -16.29 -2.41
C ASP B 46 -74.11 -15.30 -1.28
N SER B 47 -72.93 -14.65 -1.10
CA SER B 47 -72.79 -13.63 -0.06
C SER B 47 -73.80 -12.51 -0.32
N GLU B 48 -74.27 -11.83 0.72
CA GLU B 48 -75.19 -10.73 0.58
C GLU B 48 -74.60 -9.63 -0.32
N TYR B 49 -73.39 -9.22 -0.01
CA TYR B 49 -72.70 -8.08 -0.59
C TYR B 49 -71.43 -8.52 -1.37
N THR B 50 -71.16 -7.84 -2.51
CA THR B 50 -69.95 -8.03 -3.30
C THR B 50 -69.15 -6.74 -3.29
N PHE B 51 -67.89 -6.79 -2.84
CA PHE B 51 -66.97 -5.67 -2.90
C PHE B 51 -66.25 -5.70 -4.27
N LEU B 52 -66.60 -4.75 -5.12
CA LEU B 52 -66.02 -4.63 -6.47
C LEU B 52 -64.85 -3.67 -6.36
N CYS B 53 -63.61 -4.22 -6.44
CA CYS B 53 -62.38 -3.47 -6.09
C CYS B 53 -61.66 -3.17 -7.41
N LEU B 54 -61.63 -1.89 -7.77
CA LEU B 54 -61.10 -1.37 -9.06
C LEU B 54 -59.78 -0.64 -8.82
N HIS B 55 -58.72 -1.15 -9.50
CA HIS B 55 -57.43 -0.54 -9.56
C HIS B 55 -57.39 0.51 -10.68
N GLY B 56 -56.32 1.31 -10.67
CA GLY B 56 -55.97 2.25 -11.77
C GLY B 56 -54.54 2.07 -12.24
N GLU B 57 -53.91 3.20 -12.55
CA GLU B 57 -52.55 3.30 -13.10
C GLU B 57 -51.50 3.17 -11.98
N PRO B 58 -50.39 2.45 -12.15
CA PRO B 58 -50.14 1.37 -13.12
C PRO B 58 -50.17 0.02 -12.42
N THR B 59 -51.28 -0.27 -11.77
CA THR B 59 -51.41 -1.40 -10.82
C THR B 59 -52.23 -2.53 -11.41
N TRP B 60 -52.71 -3.48 -10.54
CA TRP B 60 -53.61 -4.52 -10.90
C TRP B 60 -54.26 -5.00 -9.57
N SER B 61 -55.03 -6.09 -9.61
CA SER B 61 -55.78 -6.60 -8.43
C SER B 61 -54.86 -6.89 -7.22
N TYR B 62 -53.57 -7.17 -7.49
CA TYR B 62 -52.55 -7.34 -6.46
C TYR B 62 -52.55 -6.19 -5.43
N LEU B 63 -52.86 -5.01 -5.88
CA LEU B 63 -52.96 -3.82 -5.05
C LEU B 63 -53.95 -3.99 -3.88
N TYR B 64 -54.96 -4.83 -4.09
CA TYR B 64 -56.06 -5.08 -3.13
C TYR B 64 -55.78 -6.28 -2.21
N ARG B 65 -54.58 -6.88 -2.28
CA ARG B 65 -54.23 -8.06 -1.49
C ARG B 65 -54.39 -7.93 0.02
N LYS B 66 -54.23 -6.71 0.56
CA LYS B 66 -54.33 -6.51 2.01
C LYS B 66 -55.80 -6.30 2.41
N MET B 67 -56.64 -5.81 1.49
CA MET B 67 -58.08 -5.48 1.74
C MET B 67 -58.97 -6.68 1.57
N ILE B 68 -58.69 -7.48 0.54
CA ILE B 68 -59.52 -8.67 0.21
C ILE B 68 -59.80 -9.57 1.42
N PRO B 69 -58.76 -9.98 2.18
CA PRO B 69 -59.02 -10.87 3.33
C PRO B 69 -59.89 -10.25 4.42
N VAL B 70 -59.85 -8.93 4.58
CA VAL B 70 -60.70 -8.25 5.55
C VAL B 70 -62.19 -8.39 5.15
N PHE B 71 -62.49 -8.16 3.89
CA PHE B 71 -63.84 -8.31 3.35
C PHE B 71 -64.36 -9.79 3.37
N THR B 72 -63.52 -10.74 2.97
CA THR B 72 -63.91 -12.12 2.95
C THR B 72 -64.02 -12.71 4.36
N ASP B 73 -63.19 -12.24 5.31
CA ASP B 73 -63.28 -12.64 6.70
C ASP B 73 -64.59 -12.25 7.33
N ALA B 74 -65.23 -11.19 6.79
CA ALA B 74 -66.49 -10.67 7.33
C ALA B 74 -67.71 -11.27 6.69
N GLY B 75 -67.50 -12.26 5.81
CA GLY B 75 -68.55 -13.01 5.18
C GLY B 75 -69.03 -12.52 3.82
N HIS B 76 -68.27 -11.62 3.19
CA HIS B 76 -68.62 -11.06 1.89
C HIS B 76 -67.83 -11.63 0.73
N ARG B 77 -68.32 -11.35 -0.49
CA ARG B 77 -67.68 -11.75 -1.74
C ARG B 77 -66.83 -10.52 -2.22
N VAL B 78 -65.73 -10.80 -2.91
CA VAL B 78 -64.90 -9.76 -3.52
C VAL B 78 -64.68 -10.11 -4.99
N VAL B 79 -64.83 -9.12 -5.87
CA VAL B 79 -64.46 -9.23 -7.28
C VAL B 79 -63.48 -8.11 -7.55
N ALA B 80 -62.28 -8.48 -8.05
CA ALA B 80 -61.21 -7.50 -8.29
C ALA B 80 -60.63 -7.79 -9.67
N PRO B 81 -61.13 -7.08 -10.72
CA PRO B 81 -60.62 -7.34 -12.08
C PRO B 81 -59.30 -6.61 -12.32
N ASP B 82 -58.51 -7.18 -13.23
CA ASP B 82 -57.43 -6.54 -13.88
C ASP B 82 -57.96 -5.90 -15.18
N LEU B 83 -57.82 -4.59 -15.29
CA LEU B 83 -58.20 -3.87 -16.52
C LEU B 83 -57.39 -4.41 -17.68
N PHE B 84 -57.95 -4.34 -18.88
CA PHE B 84 -57.20 -4.63 -20.07
C PHE B 84 -55.97 -3.70 -20.12
N GLY B 85 -54.79 -4.24 -20.43
CA GLY B 85 -53.49 -3.59 -20.33
C GLY B 85 -52.79 -3.82 -19.02
N PHE B 86 -53.45 -4.49 -18.04
CA PHE B 86 -52.88 -4.60 -16.66
C PHE B 86 -52.97 -6.02 -16.13
N GLY B 87 -52.09 -6.30 -15.17
CA GLY B 87 -52.13 -7.54 -14.41
C GLY B 87 -51.99 -8.79 -15.25
N ARG B 88 -52.96 -9.69 -15.14
CA ARG B 88 -52.96 -10.92 -15.93
C ARG B 88 -53.89 -10.83 -17.15
N SER B 89 -54.54 -9.68 -17.35
CA SER B 89 -55.46 -9.51 -18.50
C SER B 89 -54.65 -9.34 -19.74
N ASP B 90 -55.30 -9.52 -20.89
CA ASP B 90 -54.66 -9.24 -22.16
C ASP B 90 -54.40 -7.77 -22.35
N LYS B 91 -53.39 -7.47 -23.15
CA LYS B 91 -52.83 -6.11 -23.29
C LYS B 91 -52.77 -5.65 -24.74
N PRO B 92 -53.80 -4.91 -25.20
CA PRO B 92 -53.72 -4.27 -26.53
C PRO B 92 -52.43 -3.53 -26.77
N ILE B 93 -51.90 -3.63 -28.01
CA ILE B 93 -50.64 -3.06 -28.37
C ILE B 93 -50.77 -1.74 -29.13
N GLU B 94 -51.96 -1.34 -29.48
CA GLU B 94 -52.22 -0.09 -30.22
C GLU B 94 -52.76 0.98 -29.24
N ASP B 95 -52.09 2.11 -29.26
CA ASP B 95 -52.39 3.27 -28.50
C ASP B 95 -53.88 3.64 -28.48
N SER B 96 -54.50 3.71 -29.65
CA SER B 96 -55.88 4.26 -29.75
C SER B 96 -56.97 3.38 -29.18
N VAL B 97 -56.66 2.09 -28.96
CA VAL B 97 -57.64 1.16 -28.39
C VAL B 97 -57.98 1.56 -26.98
N TYR B 98 -56.96 2.02 -26.23
CA TYR B 98 -57.23 2.49 -24.84
C TYR B 98 -57.84 3.88 -24.89
N ASN B 99 -58.99 4.02 -24.21
CA ASN B 99 -59.67 5.28 -23.97
C ASN B 99 -60.71 5.11 -22.88
N PHE B 100 -61.38 6.17 -22.46
CA PHE B 100 -62.34 6.17 -21.38
C PHE B 100 -63.47 5.18 -21.60
N GLU B 101 -64.05 5.20 -22.80
CA GLU B 101 -65.10 4.28 -23.17
C GLU B 101 -64.71 2.82 -23.17
N PHE B 102 -63.54 2.50 -23.77
CA PHE B 102 -62.99 1.16 -23.78
C PHE B 102 -62.98 0.53 -22.40
N HIS B 103 -62.44 1.26 -21.43
CA HIS B 103 -62.29 0.78 -20.04
C HIS B 103 -63.60 0.68 -19.31
N ARG B 104 -64.38 1.77 -19.37
CA ARG B 104 -65.66 1.87 -18.67
C ARG B 104 -66.58 0.70 -19.09
N ASN B 105 -66.67 0.50 -20.42
CA ASN B 105 -67.58 -0.50 -20.96
C ASN B 105 -67.14 -1.90 -20.58
N SER B 106 -65.81 -2.15 -20.51
CA SER B 106 -65.31 -3.43 -20.05
C SER B 106 -65.80 -3.77 -18.68
N LEU B 107 -65.85 -2.77 -17.80
CA LEU B 107 -66.29 -2.97 -16.42
C LEU B 107 -67.80 -3.20 -16.35
N ILE B 108 -68.54 -2.36 -17.08
CA ILE B 108 -70.00 -2.57 -17.25
C ILE B 108 -70.32 -4.01 -17.73
N GLN B 109 -69.61 -4.51 -18.75
CA GLN B 109 -69.80 -5.88 -19.30
C GLN B 109 -69.47 -6.96 -18.30
N LEU B 110 -68.40 -6.75 -17.52
CA LEU B 110 -68.00 -7.71 -16.47
C LEU B 110 -69.10 -7.78 -15.42
N ILE B 111 -69.58 -6.61 -15.00
CA ILE B 111 -70.65 -6.54 -14.00
C ILE B 111 -71.91 -7.33 -14.45
N GLU B 112 -72.31 -7.12 -15.71
CA GLU B 112 -73.49 -7.77 -16.27
C GLU B 112 -73.23 -9.27 -16.51
N HIS B 113 -71.99 -9.63 -16.85
CA HIS B 113 -71.59 -11.02 -17.04
C HIS B 113 -71.67 -11.87 -15.77
N LEU B 114 -71.21 -11.33 -14.66
CA LEU B 114 -71.30 -11.99 -13.35
C LEU B 114 -72.62 -11.70 -12.62
N ASP B 115 -73.44 -10.81 -13.19
CA ASP B 115 -74.71 -10.41 -12.63
C ASP B 115 -74.52 -9.96 -11.18
N LEU B 116 -73.54 -9.11 -10.92
CA LEU B 116 -73.25 -8.59 -9.58
C LEU B 116 -74.39 -7.74 -9.05
N LYS B 117 -74.74 -7.92 -7.78
CA LYS B 117 -75.90 -7.25 -7.24
C LYS B 117 -75.84 -6.28 -6.07
N ASN B 118 -75.35 -6.67 -4.91
CA ASN B 118 -75.34 -5.74 -3.80
C ASN B 118 -73.92 -5.27 -3.69
N ILE B 119 -73.56 -4.42 -4.59
CA ILE B 119 -72.21 -3.99 -4.73
C ILE B 119 -71.72 -2.87 -3.85
N VAL B 120 -70.62 -3.15 -3.17
CA VAL B 120 -69.84 -2.09 -2.52
C VAL B 120 -68.68 -1.75 -3.49
N LEU B 121 -68.75 -0.56 -4.10
CA LEU B 121 -67.76 -0.11 -5.04
C LEU B 121 -66.56 0.36 -4.20
N VAL B 122 -65.40 -0.26 -4.43
CA VAL B 122 -64.13 0.16 -3.85
C VAL B 122 -63.22 0.64 -4.98
N CYS B 123 -62.80 1.89 -4.96
CA CYS B 123 -61.99 2.46 -6.08
C CYS B 123 -60.99 3.45 -5.62
N GLN B 124 -60.07 3.77 -6.54
CA GLN B 124 -58.88 4.62 -6.32
C GLN B 124 -58.32 4.91 -7.74
N ASP B 125 -57.70 6.07 -7.91
CA ASP B 125 -57.07 6.51 -9.16
C ASP B 125 -58.13 6.40 -10.29
N TRP B 126 -57.72 5.88 -11.46
CA TRP B 126 -58.64 5.61 -12.60
C TRP B 126 -59.73 4.60 -12.28
N GLY B 127 -59.47 3.71 -11.31
CA GLY B 127 -60.50 2.89 -10.73
C GLY B 127 -61.73 3.70 -10.37
N GLY B 128 -61.52 4.85 -9.76
CA GLY B 128 -62.59 5.80 -9.45
C GLY B 128 -63.01 6.66 -10.63
N GLY B 129 -62.02 7.22 -11.35
CA GLY B 129 -62.27 8.03 -12.56
C GLY B 129 -63.27 7.38 -13.51
N LEU B 130 -63.05 6.09 -13.77
CA LEU B 130 -63.95 5.24 -14.50
C LEU B 130 -65.16 4.77 -13.64
N GLY B 131 -64.86 4.03 -12.55
CA GLY B 131 -65.84 3.35 -11.73
C GLY B 131 -66.96 4.22 -11.12
N LEU B 132 -66.61 5.40 -10.67
CA LEU B 132 -67.56 6.34 -10.11
C LEU B 132 -68.61 6.81 -11.17
N THR B 133 -68.32 6.60 -12.47
CA THR B 133 -69.26 6.97 -13.53
C THR B 133 -70.21 5.82 -13.92
N ILE B 134 -70.10 4.67 -13.25
CA ILE B 134 -70.89 3.48 -13.61
C ILE B 134 -72.25 3.34 -12.90
N PRO B 135 -72.30 3.60 -11.58
CA PRO B 135 -73.53 3.42 -10.86
C PRO B 135 -74.77 4.19 -11.38
N MET B 136 -74.57 5.38 -11.95
CA MET B 136 -75.63 6.18 -12.51
C MET B 136 -76.38 5.47 -13.64
N ASP B 137 -75.75 4.51 -14.30
CA ASP B 137 -76.37 3.73 -15.34
C ASP B 137 -76.69 2.31 -14.92
N MET B 138 -76.54 2.00 -13.63
CA MET B 138 -76.87 0.70 -13.01
C MET B 138 -77.23 0.87 -11.55
N GLN B 139 -78.11 1.81 -11.25
CA GLN B 139 -78.39 2.29 -9.90
C GLN B 139 -78.75 1.23 -8.90
N ASP B 140 -79.57 0.27 -9.32
CA ASP B 140 -80.05 -0.81 -8.45
C ASP B 140 -78.99 -1.82 -8.00
N ARG B 141 -77.86 -1.89 -8.70
CA ARG B 141 -76.80 -2.83 -8.35
C ARG B 141 -75.74 -2.34 -7.34
N PHE B 142 -75.72 -1.04 -7.07
CA PHE B 142 -74.74 -0.45 -6.13
C PHE B 142 -75.39 0.06 -4.84
N LYS B 143 -74.90 -0.40 -3.69
CA LYS B 143 -75.42 -0.10 -2.34
C LYS B 143 -74.51 0.84 -1.52
N LYS B 144 -73.18 0.64 -1.58
CA LYS B 144 -72.23 1.42 -0.81
C LYS B 144 -70.93 1.73 -1.61
N LEU B 145 -70.12 2.61 -1.03
CA LEU B 145 -68.88 3.12 -1.71
C LEU B 145 -67.75 3.27 -0.67
N ILE B 146 -66.60 2.70 -0.98
CA ILE B 146 -65.33 3.01 -0.30
C ILE B 146 -64.47 3.71 -1.36
N VAL B 147 -64.10 4.95 -1.11
CA VAL B 147 -63.33 5.78 -2.03
C VAL B 147 -62.00 6.20 -1.39
N MET B 148 -60.93 6.00 -2.17
CA MET B 148 -59.58 6.38 -1.86
C MET B 148 -59.03 7.21 -3.01
N ASN B 149 -57.95 7.95 -2.76
CA ASN B 149 -57.32 8.92 -3.64
C ASN B 149 -57.70 8.73 -5.11
N THR B 150 -58.64 9.56 -5.55
CA THR B 150 -59.27 9.48 -6.86
C THR B 150 -59.94 10.84 -7.13
N THR B 151 -60.62 10.95 -8.26
CA THR B 151 -61.30 12.18 -8.67
C THR B 151 -62.36 11.79 -9.73
N ILE B 152 -63.35 12.62 -9.93
CA ILE B 152 -64.31 12.52 -11.06
C ILE B 152 -64.00 13.74 -11.90
N SER B 153 -63.80 13.54 -13.19
CA SER B 153 -63.45 14.62 -14.11
C SER B 153 -64.62 15.59 -14.23
N ASN B 154 -64.34 16.87 -14.03
CA ASN B 154 -65.27 17.99 -14.07
C ASN B 154 -64.93 19.04 -15.10
N GLY B 155 -63.85 18.86 -15.87
CA GLY B 155 -63.43 19.76 -16.90
C GLY B 155 -62.62 21.00 -16.42
N GLU B 156 -62.44 21.19 -15.14
CA GLU B 156 -61.76 22.38 -14.62
C GLU B 156 -60.26 22.34 -14.96
N PRO B 157 -59.59 23.48 -15.01
CA PRO B 157 -58.16 23.47 -15.34
C PRO B 157 -57.38 22.45 -14.51
N LEU B 158 -56.44 21.74 -15.15
CA LEU B 158 -55.52 20.86 -14.46
C LEU B 158 -54.59 21.64 -13.55
N ALA B 159 -54.38 21.11 -12.34
CA ALA B 159 -53.32 21.60 -11.45
C ALA B 159 -51.94 21.38 -12.11
N GLU B 160 -50.94 22.19 -11.72
CA GLU B 160 -49.61 22.06 -12.30
C GLU B 160 -49.00 20.67 -12.15
N ALA B 161 -49.24 20.04 -11.01
CA ALA B 161 -48.71 18.69 -10.70
C ALA B 161 -49.22 17.63 -11.66
N ALA B 162 -50.47 17.75 -12.08
CA ALA B 162 -51.10 16.84 -13.06
C ALA B 162 -50.52 17.03 -14.44
N VAL B 163 -50.37 18.31 -14.85
CA VAL B 163 -49.76 18.64 -16.12
C VAL B 163 -48.31 18.07 -16.16
N GLN B 164 -47.55 18.26 -15.08
CA GLN B 164 -46.17 17.74 -14.91
C GLN B 164 -46.11 16.24 -15.01
N TRP B 165 -47.07 15.57 -14.37
CA TRP B 165 -47.24 14.10 -14.48
C TRP B 165 -47.44 13.66 -15.94
N MET B 166 -48.30 14.36 -16.69
CA MET B 166 -48.51 14.02 -18.08
C MET B 166 -47.24 14.23 -18.89
N ALA B 167 -46.57 15.36 -18.68
CA ALA B 167 -45.33 15.66 -19.46
C ALA B 167 -44.20 14.67 -19.14
N PHE B 168 -44.08 14.28 -17.86
CA PHE B 168 -43.15 13.19 -17.40
C PHE B 168 -43.35 11.93 -18.20
N ASN B 169 -44.59 11.43 -18.24
CA ASN B 169 -44.91 10.20 -18.96
C ASN B 169 -44.71 10.30 -20.43
N GLU B 170 -44.78 11.52 -20.98
CA GLU B 170 -44.44 11.77 -22.40
C GLU B 170 -42.97 11.70 -22.70
N THR B 171 -42.17 12.27 -21.79
CA THR B 171 -40.71 12.44 -21.96
C THR B 171 -39.90 11.19 -21.73
N ILE B 172 -40.31 10.36 -20.76
CA ILE B 172 -39.60 9.13 -20.45
C ILE B 172 -39.74 8.00 -21.47
N SER B 173 -38.78 7.06 -21.44
CA SER B 173 -38.84 5.86 -22.29
C SER B 173 -40.06 5.02 -21.96
N GLU B 174 -40.28 4.79 -20.67
CA GLU B 174 -41.43 4.03 -20.16
C GLU B 174 -41.47 4.28 -18.68
N LEU B 175 -42.60 4.07 -18.06
CA LEU B 175 -42.76 4.32 -16.63
C LEU B 175 -42.19 3.11 -15.84
N PRO B 176 -41.32 3.35 -14.83
CA PRO B 176 -40.84 2.26 -13.96
C PRO B 176 -41.95 1.91 -12.96
N VAL B 177 -42.71 0.87 -13.22
CA VAL B 177 -43.97 0.56 -12.53
C VAL B 177 -43.75 0.23 -11.04
N ALA B 178 -42.92 -0.74 -10.76
CA ALA B 178 -42.53 -1.10 -9.37
C ALA B 178 -41.88 0.06 -8.65
N GLY B 179 -40.99 0.74 -9.34
CA GLY B 179 -40.28 1.95 -8.85
C GLY B 179 -41.30 2.99 -8.34
N LEU B 180 -42.30 3.29 -9.16
CA LEU B 180 -43.29 4.30 -8.83
C LEU B 180 -44.07 3.92 -7.59
N VAL B 181 -44.55 2.66 -7.53
CA VAL B 181 -45.36 2.18 -6.42
C VAL B 181 -44.53 2.17 -5.14
N ALA B 182 -43.30 1.67 -5.24
CA ALA B 182 -42.37 1.60 -4.05
C ALA B 182 -42.04 3.04 -3.52
N CYS B 183 -41.79 3.99 -4.43
CA CYS B 183 -41.54 5.37 -4.08
C CYS B 183 -42.73 5.95 -3.33
N ASP B 184 -43.94 5.61 -3.76
CA ASP B 184 -45.15 6.14 -3.12
C ASP B 184 -45.48 5.55 -1.76
N ALA B 185 -45.32 4.21 -1.63
CA ALA B 185 -45.84 3.47 -0.50
C ALA B 185 -44.80 3.23 0.61
N GLY B 186 -43.54 3.48 0.33
CA GLY B 186 -42.42 3.24 1.26
C GLY B 186 -42.36 1.90 1.86
N ALA B 187 -42.35 1.86 3.20
CA ALA B 187 -42.18 0.66 3.96
C ALA B 187 -43.30 -0.34 3.80
N ALA B 188 -44.46 0.08 3.25
CA ALA B 188 -45.58 -0.82 3.02
C ALA B 188 -45.37 -1.77 1.86
N VAL B 189 -44.36 -1.52 1.05
CA VAL B 189 -43.98 -2.37 -0.09
C VAL B 189 -42.56 -2.87 0.06
N ASN B 190 -42.39 -4.21 -0.14
CA ASN B 190 -41.11 -4.88 -0.15
C ASN B 190 -40.77 -5.33 -1.55
N VAL B 191 -39.63 -6.00 -1.72
CA VAL B 191 -39.14 -6.42 -3.04
C VAL B 191 -39.96 -7.48 -3.70
N MET B 192 -40.61 -8.31 -2.90
CA MET B 192 -41.58 -9.34 -3.39
C MET B 192 -42.80 -8.59 -4.01
N ASP B 193 -43.20 -7.46 -3.40
CA ASP B 193 -44.25 -6.66 -3.97
C ASP B 193 -43.84 -5.97 -5.28
N ALA B 194 -42.59 -5.47 -5.31
CA ALA B 194 -42.01 -4.86 -6.50
C ALA B 194 -42.00 -5.83 -7.65
N LEU B 195 -41.65 -7.10 -7.38
CA LEU B 195 -41.67 -8.18 -8.35
C LEU B 195 -43.10 -8.35 -8.94
N ALA B 196 -44.09 -8.34 -8.08
CA ALA B 196 -45.50 -8.46 -8.47
C ALA B 196 -45.98 -7.32 -9.32
N TYR B 197 -45.55 -6.09 -8.99
CA TYR B 197 -45.94 -4.92 -9.74
C TYR B 197 -45.27 -4.84 -11.12
N ASP B 198 -44.02 -5.28 -11.21
CA ASP B 198 -43.33 -5.39 -12.54
C ASP B 198 -43.76 -6.62 -13.33
N ALA B 199 -44.37 -7.61 -12.67
CA ALA B 199 -44.67 -8.96 -13.31
C ALA B 199 -45.48 -8.86 -14.62
N PRO B 200 -46.50 -7.93 -14.72
CA PRO B 200 -47.25 -7.90 -15.93
C PRO B 200 -46.49 -7.50 -17.19
N PHE B 201 -45.29 -6.91 -17.06
CA PHE B 201 -44.63 -6.11 -18.09
C PHE B 201 -43.19 -6.53 -18.35
N PRO B 202 -42.96 -7.65 -19.05
CA PRO B 202 -41.56 -8.01 -19.40
C PRO B 202 -40.79 -6.92 -20.15
N ASN B 203 -41.50 -6.03 -20.89
CA ASN B 203 -40.88 -4.88 -21.59
C ASN B 203 -41.96 -3.91 -22.03
N LYS B 204 -41.59 -2.80 -22.63
CA LYS B 204 -42.48 -1.71 -22.93
C LYS B 204 -43.56 -2.06 -23.93
N ASN B 205 -43.38 -3.10 -24.74
CA ASN B 205 -44.42 -3.54 -25.66
C ASN B 205 -45.72 -3.94 -24.92
N TYR B 206 -45.57 -4.38 -23.64
CA TYR B 206 -46.66 -4.76 -22.78
C TYR B 206 -47.31 -3.56 -22.01
N LYS B 207 -46.74 -2.37 -22.13
CA LYS B 207 -47.05 -1.21 -21.30
C LYS B 207 -47.86 -0.12 -22.03
N VAL B 208 -48.46 -0.46 -23.17
CA VAL B 208 -49.24 0.53 -23.92
C VAL B 208 -50.36 1.11 -23.10
N GLY B 209 -51.09 0.26 -22.36
CA GLY B 209 -52.13 0.78 -21.41
C GLY B 209 -51.56 1.65 -20.30
N VAL B 210 -50.40 1.30 -19.78
CA VAL B 210 -49.67 2.10 -18.78
C VAL B 210 -49.30 3.50 -19.35
N LYS B 211 -48.80 3.51 -20.60
CA LYS B 211 -48.52 4.74 -21.33
C LYS B 211 -49.76 5.58 -21.56
N ARG B 212 -50.88 4.93 -21.85
CA ARG B 212 -52.07 5.66 -22.25
C ARG B 212 -52.86 6.33 -21.15
N PHE B 213 -52.83 5.79 -19.94
CA PHE B 213 -53.58 6.39 -18.83
C PHE B 213 -53.25 7.86 -18.55
N PRO B 214 -51.96 8.21 -18.41
CA PRO B 214 -51.61 9.64 -18.27
C PRO B 214 -52.11 10.50 -19.47
N GLN B 215 -52.03 9.98 -20.66
CA GLN B 215 -52.52 10.69 -21.86
C GLN B 215 -54.04 10.92 -21.83
N MET B 216 -54.75 10.07 -21.10
CA MET B 216 -56.23 10.10 -21.02
C MET B 216 -56.75 11.16 -20.06
N ILE B 217 -55.88 11.71 -19.18
CA ILE B 217 -56.33 12.72 -18.22
C ILE B 217 -56.91 13.87 -19.04
N PRO B 218 -58.17 14.27 -18.78
CA PRO B 218 -58.77 15.35 -19.56
C PRO B 218 -58.14 16.73 -19.19
N THR B 219 -57.87 17.54 -20.18
CA THR B 219 -57.26 18.88 -19.99
C THR B 219 -58.29 20.11 -19.99
N ASN B 220 -59.51 19.83 -20.46
CA ASN B 220 -60.61 20.71 -20.63
C ASN B 220 -61.94 19.83 -20.68
N ALA B 221 -63.08 20.50 -20.68
CA ALA B 221 -64.37 19.92 -20.67
C ALA B 221 -64.83 19.07 -21.83
N ASP B 222 -64.12 19.18 -22.92
CA ASP B 222 -64.42 18.42 -24.16
C ASP B 222 -63.63 17.08 -24.11
N ASP B 223 -64.22 16.14 -23.38
CA ASP B 223 -63.63 14.80 -23.23
C ASP B 223 -64.64 13.81 -22.63
N ASP B 224 -64.69 12.60 -23.17
CA ASP B 224 -65.63 11.58 -22.66
C ASP B 224 -65.59 11.45 -21.09
N ALA B 225 -64.36 11.55 -20.55
CA ALA B 225 -64.13 11.47 -19.09
C ALA B 225 -64.98 12.47 -18.36
N VAL B 226 -65.06 13.64 -18.93
CA VAL B 226 -65.79 14.82 -18.35
C VAL B 226 -67.29 14.73 -18.61
N LYS B 227 -67.67 14.35 -19.84
CA LYS B 227 -69.10 14.09 -20.17
C LYS B 227 -69.72 13.11 -19.17
N TYR B 228 -69.12 11.92 -19.03
CA TYR B 228 -69.51 10.98 -18.00
C TYR B 228 -69.38 11.53 -16.58
N GLY B 229 -68.26 12.20 -16.39
CA GLY B 229 -67.89 12.77 -15.10
C GLY B 229 -68.94 13.73 -14.52
N LEU B 230 -69.40 14.67 -15.33
CA LEU B 230 -70.37 15.67 -14.86
C LEU B 230 -71.74 15.06 -14.54
N ARG B 231 -72.07 13.98 -15.24
CA ARG B 231 -73.32 13.26 -14.99
C ARG B 231 -73.18 12.44 -13.70
N ALA B 232 -71.95 11.99 -13.39
CA ALA B 232 -71.71 11.22 -12.19
C ALA B 232 -71.81 12.09 -10.95
N ILE B 233 -71.22 13.28 -11.04
CA ILE B 233 -71.24 14.30 -9.99
C ILE B 233 -72.72 14.61 -9.63
N GLU B 234 -73.58 14.75 -10.65
CA GLU B 234 -75.02 14.87 -10.42
C GLU B 234 -75.61 13.69 -9.68
N PHE B 235 -75.22 12.46 -10.08
CA PHE B 235 -75.69 11.24 -9.46
C PHE B 235 -75.33 11.15 -7.97
N TRP B 236 -74.04 11.39 -7.64
CA TRP B 236 -73.55 11.26 -6.24
C TRP B 236 -74.11 12.38 -5.36
N SER B 237 -74.33 13.54 -5.96
CA SER B 237 -74.89 14.69 -5.24
C SER B 237 -76.41 14.64 -5.00
N ASN B 238 -77.18 14.07 -5.93
CA ASN B 238 -78.65 14.16 -5.88
C ASN B 238 -79.44 12.84 -5.85
N GLU B 239 -78.92 11.81 -6.50
CA GLU B 239 -79.66 10.56 -6.68
C GLU B 239 -79.15 9.46 -5.76
N TRP B 240 -77.83 9.39 -5.55
CA TRP B 240 -77.24 8.46 -4.58
C TRP B 240 -77.88 8.54 -3.19
N SER B 241 -78.26 7.38 -2.65
CA SER B 241 -78.88 7.29 -1.31
C SER B 241 -78.16 6.30 -0.39
N GLY B 242 -76.98 5.80 -0.83
CA GLY B 242 -76.23 4.75 -0.10
C GLY B 242 -75.27 5.27 0.95
N GLU B 243 -74.58 4.37 1.60
CA GLU B 243 -73.60 4.71 2.58
C GLU B 243 -72.23 4.83 1.90
N SER B 244 -71.36 5.71 2.39
CA SER B 244 -70.00 5.91 1.83
C SER B 244 -68.98 6.01 2.92
N PHE B 245 -67.71 5.77 2.54
CA PHE B 245 -66.56 5.91 3.44
C PHE B 245 -65.35 6.31 2.59
N MET B 246 -64.65 7.33 3.01
CA MET B 246 -63.51 7.92 2.31
C MET B 246 -62.24 7.76 3.14
N ALA B 247 -61.17 7.26 2.53
CA ALA B 247 -59.82 7.21 3.15
C ALA B 247 -58.83 7.92 2.26
N ILE B 248 -58.06 8.87 2.80
CA ILE B 248 -57.19 9.71 2.04
C ILE B 248 -55.74 9.38 2.44
N GLY B 249 -54.94 9.02 1.42
CA GLY B 249 -53.47 8.98 1.57
C GLY B 249 -52.90 10.32 1.44
N MET B 250 -52.36 10.84 2.56
CA MET B 250 -51.96 12.26 2.62
C MET B 250 -50.73 12.65 1.82
N LYS B 251 -49.83 11.70 1.63
CA LYS B 251 -48.59 11.90 0.90
C LYS B 251 -48.86 11.75 -0.60
N ASP B 252 -49.79 12.53 -1.12
CA ASP B 252 -50.15 12.51 -2.56
C ASP B 252 -50.24 13.95 -2.98
N ALA B 253 -49.30 14.35 -3.83
CA ALA B 253 -49.27 15.70 -4.43
C ALA B 253 -50.32 16.03 -5.50
N VAL B 254 -51.01 15.03 -6.00
CA VAL B 254 -52.03 15.22 -7.03
C VAL B 254 -53.44 14.96 -6.50
N LEU B 255 -53.71 13.76 -5.98
CA LEU B 255 -55.07 13.39 -5.57
C LEU B 255 -55.17 13.11 -4.08
N GLY B 256 -54.51 13.95 -3.31
CA GLY B 256 -54.48 13.90 -1.83
C GLY B 256 -55.62 14.68 -1.22
N GLU B 257 -55.37 15.25 -0.06
CA GLU B 257 -56.41 15.84 0.81
C GLU B 257 -57.30 16.89 0.11
N ALA B 258 -56.69 17.80 -0.61
CA ALA B 258 -57.40 18.90 -1.28
C ALA B 258 -58.43 18.37 -2.32
N ALA B 259 -57.96 17.48 -3.19
CA ALA B 259 -58.77 16.88 -4.24
C ALA B 259 -59.85 15.95 -3.62
N MET B 260 -59.51 15.21 -2.56
CA MET B 260 -60.44 14.29 -1.95
C MET B 260 -61.56 15.03 -1.18
N MET B 261 -61.21 16.15 -0.52
CA MET B 261 -62.22 16.94 0.21
C MET B 261 -63.23 17.59 -0.81
N GLN B 262 -62.74 18.02 -1.97
CA GLN B 262 -63.57 18.53 -3.06
C GLN B 262 -64.52 17.47 -3.52
N LEU B 263 -64.01 16.24 -3.68
CA LEU B 263 -64.81 15.09 -4.02
C LEU B 263 -65.87 14.81 -3.00
N LYS B 264 -65.51 14.85 -1.70
CA LYS B 264 -66.45 14.60 -0.65
C LYS B 264 -67.70 15.51 -0.72
N THR B 265 -67.53 16.75 -1.13
CA THR B 265 -68.61 17.74 -1.21
C THR B 265 -69.70 17.28 -2.19
N VAL B 266 -69.37 16.44 -3.18
CA VAL B 266 -70.34 16.01 -4.16
C VAL B 266 -70.91 14.62 -3.93
N ILE B 267 -70.44 13.93 -2.89
CA ILE B 267 -70.97 12.65 -2.45
C ILE B 267 -71.92 12.88 -1.28
N LYS B 268 -73.21 12.78 -1.54
CA LYS B 268 -74.23 13.05 -0.49
C LYS B 268 -74.08 12.00 0.59
N GLY B 269 -73.97 12.43 1.85
CA GLY B 269 -73.88 11.48 2.96
C GLY B 269 -72.46 11.02 3.31
N CYS B 270 -71.44 11.52 2.61
CA CYS B 270 -70.08 11.07 2.86
C CYS B 270 -69.59 11.57 4.21
N PRO B 271 -69.26 10.62 5.16
CA PRO B 271 -68.83 11.07 6.50
C PRO B 271 -67.43 11.63 6.43
N GLU B 272 -66.95 12.07 7.60
CA GLU B 272 -65.60 12.54 7.81
C GLU B 272 -64.61 11.52 7.22
N PRO B 273 -63.70 11.98 6.35
CA PRO B 273 -62.65 11.08 5.85
C PRO B 273 -61.64 10.60 6.87
N MET B 274 -61.26 9.34 6.76
CA MET B 274 -60.06 8.76 7.41
C MET B 274 -58.83 9.32 6.69
N LYS B 275 -57.97 10.08 7.38
CA LYS B 275 -56.76 10.68 6.84
C LYS B 275 -55.48 9.94 7.32
N ILE B 276 -54.80 9.25 6.42
CA ILE B 276 -53.68 8.36 6.77
C ILE B 276 -52.41 9.11 6.42
N GLU B 277 -51.73 9.67 7.46
CA GLU B 277 -50.54 10.50 7.24
C GLU B 277 -49.38 9.75 6.58
N GLU B 278 -49.29 8.45 6.84
CA GLU B 278 -48.21 7.62 6.30
C GLU B 278 -48.42 7.06 4.90
N ALA B 279 -49.67 7.15 4.45
CA ALA B 279 -50.09 6.57 3.15
C ALA B 279 -49.88 7.57 2.01
N GLY B 280 -49.49 7.04 0.84
CA GLY B 280 -49.43 7.86 -0.37
C GLY B 280 -50.65 7.64 -1.28
N HIS B 281 -50.48 7.97 -2.56
CA HIS B 281 -51.52 7.75 -3.57
C HIS B 281 -52.12 6.36 -3.53
N PHE B 282 -51.28 5.33 -3.42
CA PHE B 282 -51.71 3.92 -3.34
C PHE B 282 -52.14 3.56 -1.92
N VAL B 283 -53.35 4.06 -1.60
CA VAL B 283 -53.92 3.94 -0.22
C VAL B 283 -54.09 2.52 0.23
N GLN B 284 -54.34 1.59 -0.73
CA GLN B 284 -54.60 0.20 -0.44
C GLN B 284 -53.39 -0.54 0.15
N GLU B 285 -52.17 0.01 -0.04
CA GLU B 285 -50.98 -0.53 0.61
C GLU B 285 -51.02 -0.28 2.16
N TYR B 286 -51.94 0.56 2.59
CA TYR B 286 -52.23 0.92 4.00
C TYR B 286 -53.68 0.60 4.28
N GLY B 287 -54.20 -0.45 3.60
CA GLY B 287 -55.62 -0.63 3.39
C GLY B 287 -56.31 -1.56 4.39
N VAL B 288 -55.56 -2.27 5.24
CA VAL B 288 -56.17 -3.16 6.28
C VAL B 288 -57.11 -2.32 7.16
N GLU B 289 -56.59 -1.19 7.67
CA GLU B 289 -57.32 -0.35 8.58
C GLU B 289 -58.48 0.39 7.86
N VAL B 290 -58.27 0.69 6.55
CA VAL B 290 -59.34 1.25 5.73
C VAL B 290 -60.52 0.30 5.59
N ALA B 291 -60.22 -0.96 5.27
CA ALA B 291 -61.25 -2.00 5.14
C ALA B 291 -61.95 -2.27 6.48
N GLU B 292 -61.17 -2.35 7.57
CA GLU B 292 -61.76 -2.52 8.92
C GLU B 292 -62.68 -1.37 9.31
N GLN B 293 -62.22 -0.15 9.16
CA GLN B 293 -63.02 1.01 9.54
C GLN B 293 -64.24 1.25 8.65
N ALA B 294 -64.11 0.96 7.36
CA ALA B 294 -65.24 1.02 6.41
C ALA B 294 -66.38 0.10 6.86
N LEU B 295 -66.02 -1.17 7.13
CA LEU B 295 -66.96 -2.18 7.56
C LEU B 295 -67.66 -1.82 8.90
N ALA B 296 -66.92 -1.25 9.83
CA ALA B 296 -67.43 -0.84 11.16
C ALA B 296 -68.39 0.33 11.00
N SER B 297 -68.04 1.27 10.09
CA SER B 297 -68.88 2.41 9.76
C SER B 297 -70.18 2.02 9.07
N PHE B 298 -70.18 0.92 8.34
CA PHE B 298 -71.31 0.47 7.53
C PHE B 298 -72.35 -0.36 8.29
N THR B 299 -73.59 -0.25 7.92
CA THR B 299 -74.67 -1.17 8.31
C THR B 299 -74.95 -2.13 7.18
N MET B 300 -74.80 -3.42 7.45
CA MET B 300 -74.92 -4.48 6.45
C MET B 300 -75.89 -5.55 6.86
N THR C 2 -45.72 43.15 36.57
CA THR C 2 -46.51 42.62 37.71
C THR C 2 -47.33 41.38 37.40
N ILE C 3 -47.42 40.96 36.14
CA ILE C 3 -48.09 39.66 35.71
C ILE C 3 -47.28 38.50 36.29
N LYS C 4 -47.88 37.67 37.11
CA LYS C 4 -47.19 36.52 37.73
C LYS C 4 -46.75 35.57 36.59
N ALA C 5 -45.47 35.20 36.64
CA ALA C 5 -44.84 34.37 35.57
C ALA C 5 -43.59 33.69 36.08
N LEU C 6 -43.19 32.62 35.39
CA LEU C 6 -42.01 31.87 35.64
C LEU C 6 -41.02 32.13 34.52
N ARG C 7 -39.74 32.12 34.89
CA ARG C 7 -38.62 32.19 33.95
C ARG C 7 -38.00 30.82 34.00
N THR C 8 -37.89 30.17 32.82
CA THR C 8 -37.20 28.90 32.74
C THR C 8 -35.74 29.00 33.20
N PRO C 9 -35.31 28.18 34.16
CA PRO C 9 -33.93 28.16 34.58
C PRO C 9 -32.97 28.02 33.42
N GLU C 10 -31.89 28.85 33.45
CA GLU C 10 -30.95 28.91 32.35
C GLU C 10 -30.28 27.59 32.01
N GLU C 11 -30.04 26.72 33.00
CA GLU C 11 -29.42 25.41 32.80
C GLU C 11 -30.21 24.53 31.83
N ARG C 12 -31.47 24.79 31.70
CA ARG C 12 -32.30 24.11 30.68
C ARG C 12 -31.83 24.32 29.25
N PHE C 13 -31.14 25.43 29.00
CA PHE C 13 -30.70 25.81 27.64
C PHE C 13 -29.21 25.58 27.38
N SER C 14 -28.52 24.89 28.28
CA SER C 14 -27.08 24.71 28.20
C SER C 14 -26.63 23.73 27.08
N VAL C 15 -27.53 22.86 26.57
CA VAL C 15 -27.24 21.94 25.51
C VAL C 15 -28.23 22.22 24.34
N LEU C 16 -27.77 23.08 23.43
CA LEU C 16 -28.44 23.48 22.19
C LEU C 16 -27.51 23.55 20.96
N PRO C 17 -26.81 22.46 20.65
CA PRO C 17 -25.76 22.55 19.64
C PRO C 17 -26.29 22.92 18.28
N ALA C 18 -27.54 22.54 17.94
CA ALA C 18 -28.08 22.91 16.62
C ALA C 18 -28.69 24.34 16.52
N PHE C 19 -28.58 25.14 17.58
CA PHE C 19 -29.20 26.47 17.68
C PHE C 19 -28.24 27.37 18.43
N PRO C 20 -27.06 27.67 17.82
CA PRO C 20 -25.99 28.33 18.55
C PRO C 20 -26.10 29.87 18.50
N TYR C 21 -27.27 30.42 18.66
CA TYR C 21 -27.41 31.89 18.69
C TYR C 21 -27.57 32.30 20.14
N GLN C 22 -26.96 33.42 20.50
CA GLN C 22 -27.24 34.08 21.80
C GLN C 22 -28.56 34.81 21.70
N PRO C 23 -29.49 34.53 22.61
CA PRO C 23 -30.77 35.23 22.58
C PRO C 23 -30.67 36.69 23.02
N ASN C 24 -31.53 37.52 22.46
CA ASN C 24 -31.75 38.89 22.88
C ASN C 24 -33.07 38.94 23.64
N TYR C 25 -33.23 39.98 24.42
CA TYR C 25 -34.37 40.13 25.37
C TYR C 25 -34.93 41.53 25.26
N VAL C 26 -36.23 41.63 25.43
CA VAL C 26 -36.95 42.91 25.59
C VAL C 26 -37.92 42.74 26.77
N ASP C 27 -37.85 43.63 27.76
CA ASP C 27 -38.72 43.51 28.95
C ASP C 27 -39.45 44.80 29.33
N ASP C 28 -39.66 45.66 28.35
CA ASP C 28 -40.35 46.93 28.54
C ASP C 28 -41.45 47.13 27.49
N LEU C 29 -41.98 46.04 26.94
CA LEU C 29 -43.04 46.16 25.94
C LEU C 29 -44.24 46.79 26.67
N GLY C 30 -44.82 47.82 26.06
CA GLY C 30 -45.96 48.53 26.64
C GLY C 30 -47.15 47.63 26.90
N GLY C 31 -47.56 47.58 28.17
CA GLY C 31 -48.60 46.65 28.62
C GLY C 31 -48.10 45.37 29.27
N TYR C 32 -46.85 45.02 29.05
CA TYR C 32 -46.28 43.71 29.50
C TYR C 32 -45.12 43.96 30.46
N GLU C 33 -45.11 45.12 31.12
CA GLU C 33 -43.90 45.65 31.76
C GLU C 33 -43.19 44.58 32.54
N SER C 34 -41.90 44.39 32.31
CA SER C 34 -41.05 43.44 33.04
C SER C 34 -41.18 42.01 32.63
N LEU C 35 -42.20 41.66 31.85
CA LEU C 35 -42.28 40.31 31.17
C LEU C 35 -41.30 40.37 30.07
N ARG C 36 -40.31 39.48 30.11
CA ARG C 36 -39.18 39.46 29.17
C ARG C 36 -39.41 38.53 28.01
N MET C 37 -39.34 39.07 26.80
CA MET C 37 -39.50 38.32 25.56
C MET C 37 -38.12 38.05 25.01
N ALA C 38 -37.83 36.80 24.71
CA ALA C 38 -36.56 36.37 24.05
C ALA C 38 -36.74 36.33 22.53
N TYR C 39 -35.73 36.75 21.78
CA TYR C 39 -35.77 36.70 20.34
C TYR C 39 -34.37 36.55 19.78
N ILE C 40 -34.30 35.77 18.69
CA ILE C 40 -33.09 35.67 17.89
C ILE C 40 -33.01 36.88 16.99
N ASP C 41 -31.80 37.44 16.82
CA ASP C 41 -31.54 38.55 15.89
C ASP C 41 -30.16 38.34 15.27
N GLU C 42 -30.11 37.93 14.00
CA GLU C 42 -28.84 37.50 13.31
C GLU C 42 -28.83 38.16 11.95
N GLY C 43 -27.60 38.35 11.42
CA GLY C 43 -27.39 39.09 10.17
C GLY C 43 -27.18 40.58 10.46
N ASP C 44 -26.69 41.28 9.45
CA ASP C 44 -26.33 42.69 9.56
C ASP C 44 -27.59 43.52 9.77
N LYS C 45 -27.54 44.40 10.77
CA LYS C 45 -28.63 45.40 11.01
C LYS C 45 -28.96 46.30 9.82
N ASP C 46 -27.98 46.54 8.95
CA ASP C 46 -28.22 47.29 7.69
C ASP C 46 -28.61 46.41 6.49
N SER C 47 -28.99 45.14 6.74
CA SER C 47 -29.52 44.28 5.68
C SER C 47 -30.71 44.91 5.07
N GLU C 48 -30.94 44.70 3.76
CA GLU C 48 -32.14 45.30 3.12
C GLU C 48 -33.41 44.78 3.79
N TYR C 49 -33.50 43.48 3.95
CA TYR C 49 -34.71 42.76 4.36
C TYR C 49 -34.52 42.05 5.70
N THR C 50 -35.60 41.99 6.52
CA THR C 50 -35.63 41.26 7.80
C THR C 50 -36.68 40.16 7.70
N PHE C 51 -36.27 38.90 7.89
CA PHE C 51 -37.17 37.77 7.93
C PHE C 51 -37.69 37.59 9.36
N LEU C 52 -38.96 37.90 9.58
CA LEU C 52 -39.60 37.79 10.91
C LEU C 52 -40.27 36.46 10.98
N CYS C 53 -39.68 35.56 11.79
CA CYS C 53 -40.04 34.09 11.79
C CYS C 53 -40.83 33.84 13.08
N LEU C 54 -42.09 33.55 12.94
CA LEU C 54 -43.09 33.35 14.05
C LEU C 54 -43.48 31.87 14.16
N HIS C 55 -43.23 31.34 15.36
CA HIS C 55 -43.60 29.97 15.75
C HIS C 55 -45.03 29.96 16.30
N GLY C 56 -45.58 28.77 16.50
CA GLY C 56 -46.88 28.53 17.19
C GLY C 56 -46.77 27.52 18.29
N GLU C 57 -47.78 26.71 18.40
CA GLU C 57 -48.01 25.69 19.48
C GLU C 57 -47.26 24.40 19.09
N PRO C 58 -46.53 23.72 20.01
CA PRO C 58 -45.99 24.16 21.28
C PRO C 58 -44.49 24.40 21.18
N THR C 59 -44.08 25.24 20.23
CA THR C 59 -42.68 25.36 19.82
C THR C 59 -42.04 26.66 20.30
N TRP C 60 -40.88 27.02 19.73
CA TRP C 60 -40.22 28.32 19.98
C TRP C 60 -39.28 28.55 18.77
N SER C 61 -38.44 29.58 18.84
CA SER C 61 -37.54 29.99 17.68
C SER C 61 -36.60 28.85 17.24
N TYR C 62 -36.34 27.88 18.13
CA TYR C 62 -35.59 26.68 17.82
C TYR C 62 -36.14 25.96 16.56
N LEU C 63 -37.43 26.03 16.38
CA LEU C 63 -38.12 25.48 15.21
C LEU C 63 -37.57 26.00 13.87
N TYR C 64 -37.07 27.22 13.89
CA TYR C 64 -36.53 27.94 12.70
C TYR C 64 -35.00 27.77 12.50
N ARG C 65 -34.38 26.87 13.28
CA ARG C 65 -32.90 26.69 13.26
C ARG C 65 -32.34 26.28 11.92
N LYS C 66 -33.10 25.61 11.08
CA LYS C 66 -32.62 25.12 9.79
C LYS C 66 -32.81 26.23 8.74
N MET C 67 -33.77 27.15 8.93
CA MET C 67 -34.14 28.24 7.97
C MET C 67 -33.25 29.45 8.16
N ILE C 68 -33.00 29.81 9.40
CA ILE C 68 -32.20 31.00 9.74
C ILE C 68 -30.86 31.10 8.98
N PRO C 69 -30.03 30.03 8.97
CA PRO C 69 -28.75 30.11 8.25
C PRO C 69 -28.89 30.33 6.74
N VAL C 70 -29.96 29.85 6.14
CA VAL C 70 -30.22 30.06 4.72
C VAL C 70 -30.44 31.58 4.44
N PHE C 71 -31.24 32.22 5.27
CA PHE C 71 -31.50 33.65 5.17
C PHE C 71 -30.27 34.53 5.45
N THR C 72 -29.51 34.22 6.50
CA THR C 72 -28.36 34.97 6.86
C THR C 72 -27.18 34.75 5.84
N ASP C 73 -27.07 33.55 5.26
CA ASP C 73 -26.12 33.28 4.22
C ASP C 73 -26.35 34.14 2.97
N ALA C 74 -27.59 34.56 2.76
CA ALA C 74 -27.98 35.32 1.58
C ALA C 74 -27.91 36.81 1.79
N GLY C 75 -27.43 37.22 2.96
CA GLY C 75 -27.21 38.60 3.30
C GLY C 75 -28.31 39.32 4.02
N HIS C 76 -29.29 38.58 4.56
CA HIS C 76 -30.45 39.17 5.23
C HIS C 76 -30.36 39.07 6.75
N ARG C 77 -31.21 39.84 7.41
CA ARG C 77 -31.37 39.83 8.86
C ARG C 77 -32.56 38.88 9.18
N VAL C 78 -32.49 38.22 10.33
CA VAL C 78 -33.60 37.36 10.82
C VAL C 78 -33.93 37.73 12.24
N VAL C 79 -35.22 37.88 12.51
CA VAL C 79 -35.74 38.08 13.87
C VAL C 79 -36.72 36.93 14.12
N ALA C 80 -36.51 36.15 15.18
CA ALA C 80 -37.36 35.01 15.51
C ALA C 80 -37.67 35.07 17.00
N PRO C 81 -38.84 35.64 17.38
CA PRO C 81 -39.17 35.76 18.80
C PRO C 81 -39.77 34.48 19.34
N ASP C 82 -39.59 34.29 20.64
CA ASP C 82 -40.29 33.34 21.43
C ASP C 82 -41.49 34.05 22.04
N LEU C 83 -42.68 33.57 21.74
CA LEU C 83 -43.91 34.10 22.33
C LEU C 83 -43.86 33.96 23.84
N PHE C 84 -44.51 34.88 24.56
CA PHE C 84 -44.68 34.69 25.98
C PHE C 84 -45.38 33.32 26.24
N GLY C 85 -44.89 32.57 27.22
CA GLY C 85 -45.25 31.19 27.49
C GLY C 85 -44.39 30.16 26.80
N PHE C 86 -43.44 30.60 25.94
CA PHE C 86 -42.67 29.65 25.09
C PHE C 86 -41.18 29.98 25.08
N GLY C 87 -40.39 28.96 24.78
CA GLY C 87 -38.95 29.13 24.55
C GLY C 87 -38.20 29.69 25.74
N ARG C 88 -37.51 30.80 25.53
CA ARG C 88 -36.77 31.45 26.57
C ARG C 88 -37.48 32.69 27.12
N SER C 89 -38.72 32.95 26.65
CA SER C 89 -39.50 34.10 27.13
C SER C 89 -40.08 33.76 28.47
N ASP C 90 -40.51 34.80 29.20
CA ASP C 90 -41.22 34.57 30.44
C ASP C 90 -42.58 33.97 30.23
N LYS C 91 -43.08 33.26 31.24
CA LYS C 91 -44.26 32.38 31.11
C LYS C 91 -45.32 32.68 32.18
N PRO C 92 -46.32 33.53 31.86
CA PRO C 92 -47.46 33.71 32.77
C PRO C 92 -48.05 32.41 33.26
N ILE C 93 -48.46 32.37 34.55
CA ILE C 93 -48.94 31.22 35.19
C ILE C 93 -50.48 31.20 35.31
N GLU C 94 -51.15 32.27 34.94
CA GLU C 94 -52.59 32.34 34.96
C GLU C 94 -53.18 32.18 33.57
N ASP C 95 -54.15 31.23 33.46
CA ASP C 95 -54.85 30.84 32.25
C ASP C 95 -55.32 32.08 31.48
N SER C 96 -56.00 33.01 32.19
CA SER C 96 -56.72 34.10 31.50
C SER C 96 -55.82 35.15 30.82
N VAL C 97 -54.56 35.20 31.21
CA VAL C 97 -53.61 36.16 30.63
C VAL C 97 -53.39 35.87 29.16
N TYR C 98 -53.32 34.58 28.84
CA TYR C 98 -53.16 34.18 27.40
C TYR C 98 -54.46 34.32 26.67
N ASN C 99 -54.43 35.05 25.55
CA ASN C 99 -55.51 35.20 24.60
C ASN C 99 -54.98 35.76 23.30
N PHE C 100 -55.80 35.84 22.26
CA PHE C 100 -55.42 36.34 20.93
C PHE C 100 -54.85 37.73 20.99
N GLU C 101 -55.50 38.64 21.70
CA GLU C 101 -55.00 40.00 21.84
C GLU C 101 -53.64 40.10 22.56
N PHE C 102 -53.48 39.40 23.67
CA PHE C 102 -52.23 39.32 24.44
C PHE C 102 -51.04 39.01 23.54
N HIS C 103 -51.18 37.97 22.71
CA HIS C 103 -50.09 37.52 21.80
C HIS C 103 -49.85 38.47 20.65
N ARG C 104 -50.93 38.83 19.97
CA ARG C 104 -50.86 39.73 18.80
C ARG C 104 -50.18 41.04 19.18
N ASN C 105 -50.61 41.63 20.30
CA ASN C 105 -50.09 42.92 20.75
C ASN C 105 -48.62 42.84 21.12
N SER C 106 -48.22 41.72 21.73
CA SER C 106 -46.80 41.52 22.03
C SER C 106 -45.93 41.59 20.81
N LEU C 107 -46.43 41.02 19.69
CA LEU C 107 -45.70 41.01 18.43
C LEU C 107 -45.65 42.42 17.82
N ILE C 108 -46.81 43.07 17.80
CA ILE C 108 -46.89 44.49 17.37
C ILE C 108 -45.87 45.37 18.13
N GLN C 109 -45.82 45.24 19.48
CA GLN C 109 -44.86 45.99 20.32
C GLN C 109 -43.40 45.67 20.04
N LEU C 110 -43.11 44.40 19.78
CA LEU C 110 -41.74 43.94 19.45
C LEU C 110 -41.34 44.56 18.13
N ILE C 111 -42.23 44.51 17.14
CA ILE C 111 -41.97 45.06 15.83
C ILE C 111 -41.61 46.57 15.92
N GLU C 112 -42.39 47.32 16.72
CA GLU C 112 -42.19 48.75 16.89
C GLU C 112 -40.98 49.04 17.73
N HIS C 113 -40.66 48.17 18.69
CA HIS C 113 -39.46 48.28 19.53
C HIS C 113 -38.15 48.15 18.76
N LEU C 114 -38.08 47.19 17.84
CA LEU C 114 -36.92 47.02 16.94
C LEU C 114 -37.01 47.84 15.68
N ASP C 115 -38.12 48.54 15.49
CA ASP C 115 -38.33 49.36 14.31
C ASP C 115 -38.10 48.52 13.05
N LEU C 116 -38.69 47.34 13.00
CA LEU C 116 -38.51 46.48 11.82
C LEU C 116 -39.13 47.02 10.58
N LYS C 117 -38.41 46.99 9.46
CA LYS C 117 -38.87 47.44 8.17
C LYS C 117 -38.39 46.45 7.12
N ASN C 118 -38.98 46.53 5.93
CA ASN C 118 -38.71 45.58 4.84
C ASN C 118 -38.80 44.11 5.36
N ILE C 119 -39.96 43.80 5.95
CA ILE C 119 -40.19 42.54 6.62
C ILE C 119 -40.66 41.49 5.65
N VAL C 120 -39.98 40.34 5.66
CA VAL C 120 -40.52 39.12 5.09
C VAL C 120 -41.12 38.29 6.27
N LEU C 121 -42.43 38.20 6.30
CA LEU C 121 -43.17 37.50 7.35
C LEU C 121 -43.04 36.02 7.02
N VAL C 122 -42.47 35.25 7.94
CA VAL C 122 -42.39 33.79 7.89
C VAL C 122 -43.22 33.23 9.04
N CYS C 123 -44.24 32.45 8.76
CA CYS C 123 -45.18 31.99 9.80
C CYS C 123 -45.74 30.62 9.53
N GLN C 124 -46.33 30.02 10.59
CA GLN C 124 -46.85 28.65 10.64
C GLN C 124 -47.65 28.52 11.95
N ASP C 125 -48.67 27.67 11.94
CA ASP C 125 -49.53 27.39 13.08
C ASP C 125 -50.11 28.75 13.58
N TRP C 126 -50.16 28.95 14.90
CA TRP C 126 -50.58 30.25 15.53
C TRP C 126 -49.66 31.42 15.14
N GLY C 127 -48.39 31.12 14.79
CA GLY C 127 -47.55 32.09 14.15
C GLY C 127 -48.23 32.79 13.02
N GLY C 128 -48.93 32.05 12.18
CA GLY C 128 -49.74 32.60 11.09
C GLY C 128 -51.11 33.09 11.55
N GLY C 129 -51.82 32.31 12.39
CA GLY C 129 -53.10 32.73 12.95
C GLY C 129 -53.07 34.12 13.56
N LEU C 130 -52.03 34.42 14.33
CA LEU C 130 -51.70 35.72 14.84
C LEU C 130 -51.05 36.63 13.77
N GLY C 131 -49.88 36.23 13.27
CA GLY C 131 -49.02 37.03 12.42
C GLY C 131 -49.66 37.54 11.13
N LEU C 132 -50.46 36.68 10.46
CA LEU C 132 -51.11 37.07 9.24
C LEU C 132 -52.16 38.22 9.49
N THR C 133 -52.54 38.46 10.75
CA THR C 133 -53.45 39.55 11.08
C THR C 133 -52.75 40.88 11.40
N ILE C 134 -51.41 40.91 11.32
CA ILE C 134 -50.65 42.10 11.70
C ILE C 134 -50.37 43.11 10.59
N PRO C 135 -49.98 42.64 9.38
CA PRO C 135 -49.66 43.57 8.31
C PRO C 135 -50.77 44.59 7.94
N MET C 136 -52.05 44.23 8.08
CA MET C 136 -53.16 45.12 7.80
C MET C 136 -53.14 46.40 8.67
N ASP C 137 -52.50 46.35 9.81
CA ASP C 137 -52.36 47.49 10.69
C ASP C 137 -50.94 48.06 10.70
N MET C 138 -50.08 47.58 9.81
CA MET C 138 -48.70 48.06 9.65
C MET C 138 -48.20 47.82 8.21
N GLN C 139 -48.99 48.23 7.25
CA GLN C 139 -48.79 47.91 5.85
C GLN C 139 -47.44 48.28 5.27
N ASP C 140 -46.89 49.42 5.66
CA ASP C 140 -45.57 49.87 5.12
C ASP C 140 -44.37 49.06 5.58
N ARG C 141 -44.51 48.30 6.68
CA ARG C 141 -43.44 47.46 7.24
C ARG C 141 -43.19 46.14 6.50
N PHE C 142 -44.26 45.58 5.91
CA PHE C 142 -44.22 44.22 5.34
C PHE C 142 -44.18 44.20 3.81
N LYS C 143 -43.20 43.51 3.25
CA LYS C 143 -42.92 43.41 1.79
C LYS C 143 -43.21 42.04 1.20
N LYS C 144 -42.90 40.95 1.90
CA LYS C 144 -43.11 39.57 1.39
C LYS C 144 -43.58 38.59 2.49
N LEU C 145 -43.98 37.40 2.08
CA LEU C 145 -44.58 36.36 2.95
C LEU C 145 -44.07 34.96 2.56
N ILE C 146 -43.56 34.21 3.53
CA ILE C 146 -43.38 32.76 3.44
C ILE C 146 -44.34 32.13 4.43
N VAL C 147 -45.30 31.35 3.94
CA VAL C 147 -46.38 30.76 4.73
C VAL C 147 -46.31 29.23 4.63
N MET C 148 -46.46 28.64 5.80
CA MET C 148 -46.46 27.22 6.03
C MET C 148 -47.72 26.80 6.84
N ASN C 149 -47.92 25.54 7.06
CA ASN C 149 -49.12 25.01 7.60
C ASN C 149 -49.72 25.91 8.66
N THR C 150 -50.81 26.58 8.31
CA THR C 150 -51.42 27.60 9.13
C THR C 150 -52.85 27.89 8.56
N THR C 151 -53.54 28.84 9.16
CA THR C 151 -54.85 29.26 8.70
C THR C 151 -55.16 30.68 9.27
N ILE C 152 -56.10 31.37 8.65
CA ILE C 152 -56.67 32.63 9.21
C ILE C 152 -58.08 32.26 9.61
N SER C 153 -58.48 32.59 10.83
CA SER C 153 -59.80 32.26 11.34
C SER C 153 -60.86 33.04 10.54
N ASN C 154 -61.88 32.30 10.04
CA ASN C 154 -63.02 32.86 9.35
C ASN C 154 -64.37 32.65 10.03
N GLY C 155 -64.37 32.03 11.20
CA GLY C 155 -65.58 31.76 11.96
C GLY C 155 -66.39 30.57 11.59
N GLU C 156 -66.01 29.82 10.54
CA GLU C 156 -66.80 28.65 10.14
C GLU C 156 -66.77 27.56 11.20
N PRO C 157 -67.83 26.72 11.30
CA PRO C 157 -67.76 25.59 12.25
C PRO C 157 -66.44 24.79 12.10
N LEU C 158 -65.87 24.37 13.21
CA LEU C 158 -64.60 23.66 13.25
C LEU C 158 -64.74 22.28 12.66
N ALA C 159 -63.75 21.90 11.84
CA ALA C 159 -63.65 20.50 11.35
C ALA C 159 -63.43 19.53 12.50
N GLU C 160 -63.84 18.27 12.32
CA GLU C 160 -63.69 17.23 13.36
C GLU C 160 -62.26 17.15 13.92
N ALA C 161 -61.25 17.26 13.07
CA ALA C 161 -59.83 17.16 13.51
C ALA C 161 -59.45 18.20 14.56
N ALA C 162 -59.97 19.43 14.35
CA ALA C 162 -59.71 20.54 15.26
C ALA C 162 -60.44 20.33 16.58
N VAL C 163 -61.72 19.91 16.52
CA VAL C 163 -62.47 19.61 17.70
C VAL C 163 -61.79 18.50 18.53
N GLN C 164 -61.33 17.44 17.85
CA GLN C 164 -60.60 16.30 18.49
CA GLN C 164 -60.61 16.31 18.50
C GLN C 164 -59.32 16.79 19.18
N TRP C 165 -58.60 17.66 18.48
CA TRP C 165 -57.41 18.31 19.05
C TRP C 165 -57.70 19.09 20.34
N MET C 166 -58.80 19.88 20.33
CA MET C 166 -59.19 20.61 21.54
C MET C 166 -59.55 19.68 22.66
N ALA C 167 -60.33 18.65 22.37
CA ALA C 167 -60.79 17.69 23.43
C ALA C 167 -59.61 16.91 24.02
N PHE C 168 -58.67 16.52 23.15
CA PHE C 168 -57.37 15.89 23.57
C PHE C 168 -56.66 16.73 24.63
N ASN C 169 -56.42 18.00 24.29
CA ASN C 169 -55.72 18.90 25.21
C ASN C 169 -56.47 19.18 26.46
N GLU C 170 -57.81 19.07 26.44
CA GLU C 170 -58.63 19.18 27.64
C GLU C 170 -58.53 18.01 28.56
N THR C 171 -58.49 16.76 27.97
CA THR C 171 -58.52 15.55 28.74
C THR C 171 -57.20 15.16 29.40
N ILE C 172 -56.08 15.43 28.72
CA ILE C 172 -54.77 15.05 29.24
C ILE C 172 -54.25 15.90 30.43
N SER C 173 -53.32 15.37 31.19
CA SER C 173 -52.63 16.10 32.25
C SER C 173 -51.89 17.30 31.71
N GLU C 174 -51.13 17.08 30.68
CA GLU C 174 -50.35 18.15 30.01
C GLU C 174 -49.91 17.55 28.68
N LEU C 175 -49.62 18.42 27.73
CA LEU C 175 -49.20 17.98 26.39
C LEU C 175 -47.71 17.55 26.43
N PRO C 176 -47.37 16.37 25.88
CA PRO C 176 -45.96 15.99 25.75
C PRO C 176 -45.36 16.72 24.56
N VAL C 177 -44.62 17.81 24.84
CA VAL C 177 -44.21 18.78 23.82
C VAL C 177 -43.23 18.15 22.82
N ALA C 178 -42.14 17.62 23.30
CA ALA C 178 -41.13 16.93 22.45
C ALA C 178 -41.73 15.75 21.75
N GLY C 179 -42.55 14.97 22.47
CA GLY C 179 -43.27 13.84 21.91
C GLY C 179 -44.08 14.22 20.68
N LEU C 180 -44.86 15.30 20.81
CA LEU C 180 -45.74 15.74 19.73
C LEU C 180 -44.90 16.11 18.48
N VAL C 181 -43.85 16.90 18.68
CA VAL C 181 -43.03 17.39 17.59
C VAL C 181 -42.31 16.24 16.91
N ALA C 182 -41.72 15.34 17.73
CA ALA C 182 -41.01 14.12 17.18
C ALA C 182 -41.95 13.21 16.40
N CYS C 183 -43.18 13.00 16.91
CA CYS C 183 -44.18 12.19 16.22
C CYS C 183 -44.53 12.82 14.86
N ASP C 184 -44.61 14.14 14.81
CA ASP C 184 -44.91 14.85 13.56
C ASP C 184 -43.82 14.88 12.52
N ALA C 185 -42.59 15.09 12.96
CA ALA C 185 -41.45 15.38 12.09
C ALA C 185 -40.62 14.13 11.71
N GLY C 186 -40.82 13.03 12.39
CA GLY C 186 -40.03 11.80 12.14
C GLY C 186 -38.56 11.95 12.22
N ALA C 187 -37.87 11.55 11.15
CA ALA C 187 -36.42 11.49 11.10
C ALA C 187 -35.79 12.87 11.08
N ALA C 188 -36.58 13.95 10.84
CA ALA C 188 -36.08 15.28 10.82
C ALA C 188 -35.78 15.82 12.22
N VAL C 189 -36.25 15.13 13.25
CA VAL C 189 -36.00 15.47 14.65
C VAL C 189 -35.32 14.29 15.35
N ASN C 190 -34.22 14.58 16.05
CA ASN C 190 -33.45 13.62 16.83
C ASN C 190 -33.63 13.91 18.32
N VAL C 191 -32.94 13.16 19.19
CA VAL C 191 -33.13 13.26 20.62
C VAL C 191 -32.59 14.61 21.20
N MET C 192 -31.57 15.16 20.53
CA MET C 192 -31.04 16.48 20.87
C MET C 192 -32.10 17.56 20.61
N ASP C 193 -32.90 17.36 19.53
CA ASP C 193 -34.00 18.27 19.23
C ASP C 193 -35.13 18.12 20.23
N ALA C 194 -35.43 16.89 20.62
CA ALA C 194 -36.46 16.60 21.63
C ALA C 194 -36.13 17.26 22.93
N LEU C 195 -34.84 17.26 23.32
CA LEU C 195 -34.34 17.94 24.50
C LEU C 195 -34.65 19.45 24.42
N ALA C 196 -34.38 20.04 23.28
CA ALA C 196 -34.63 21.44 23.02
C ALA C 196 -36.07 21.81 23.07
N TYR C 197 -36.97 20.97 22.57
CA TYR C 197 -38.38 21.23 22.59
C TYR C 197 -38.98 21.07 24.00
N ASP C 198 -38.48 20.12 24.81
CA ASP C 198 -38.87 20.00 26.20
C ASP C 198 -38.20 21.04 27.11
N ALA C 199 -37.09 21.66 26.65
CA ALA C 199 -36.23 22.56 27.51
C ALA C 199 -37.00 23.70 28.20
N PRO C 200 -37.96 24.37 27.49
CA PRO C 200 -38.67 25.47 28.16
C PRO C 200 -39.49 25.08 29.39
N PHE C 201 -39.79 23.79 29.59
CA PHE C 201 -40.89 23.30 30.45
C PHE C 201 -40.47 22.23 31.46
N PRO C 202 -39.72 22.65 32.56
CA PRO C 202 -39.41 21.65 33.59
C PRO C 202 -40.61 20.88 34.16
N ASN C 203 -41.81 21.48 34.16
CA ASN C 203 -43.05 20.83 34.61
C ASN C 203 -44.25 21.65 34.13
N LYS C 204 -45.45 21.17 34.42
CA LYS C 204 -46.67 21.74 33.90
C LYS C 204 -46.96 23.15 34.33
N ASN C 205 -46.39 23.58 35.45
CA ASN C 205 -46.55 24.97 35.90
C ASN C 205 -46.02 25.98 34.86
N TYR C 206 -45.05 25.55 34.05
CA TYR C 206 -44.49 26.34 32.96
C TYR C 206 -45.26 26.27 31.62
N LYS C 207 -46.30 25.42 31.58
CA LYS C 207 -46.99 25.08 30.29
C LYS C 207 -48.37 25.71 30.15
N VAL C 208 -48.66 26.75 30.94
CA VAL C 208 -49.99 27.40 30.90
C VAL C 208 -50.26 27.93 29.51
N GLY C 209 -49.24 28.57 28.87
CA GLY C 209 -49.41 29.01 27.46
C GLY C 209 -49.65 27.87 26.47
N VAL C 210 -48.93 26.75 26.67
CA VAL C 210 -49.08 25.51 25.90
C VAL C 210 -50.53 24.95 26.05
N LYS C 211 -51.02 24.95 27.28
CA LYS C 211 -52.40 24.54 27.58
C LYS C 211 -53.42 25.48 26.93
N ARG C 212 -53.14 26.77 26.90
CA ARG C 212 -54.11 27.73 26.44
C ARG C 212 -54.30 27.86 24.97
N PHE C 213 -53.26 27.61 24.17
CA PHE C 213 -53.41 27.74 22.70
C PHE C 213 -54.52 26.89 22.11
N PRO C 214 -54.61 25.56 22.44
CA PRO C 214 -55.75 24.78 21.91
C PRO C 214 -57.12 25.36 22.38
N GLN C 215 -57.19 25.83 23.62
CA GLN C 215 -58.44 26.43 24.12
C GLN C 215 -58.83 27.71 23.36
N MET C 216 -57.85 28.40 22.79
CA MET C 216 -58.05 29.65 22.08
C MET C 216 -58.57 29.50 20.66
N ILE C 217 -58.56 28.30 20.10
CA ILE C 217 -59.10 28.04 18.74
C ILE C 217 -60.54 28.49 18.77
N PRO C 218 -60.95 29.42 17.87
CA PRO C 218 -62.31 29.97 17.95
C PRO C 218 -63.40 28.96 17.57
N THR C 219 -64.44 28.91 18.39
CA THR C 219 -65.62 28.02 18.19
C THR C 219 -66.90 28.78 17.66
N ASN C 220 -66.81 30.11 17.59
CA ASN C 220 -67.85 31.00 17.17
C ASN C 220 -67.22 32.27 16.56
N ALA C 221 -68.05 32.98 15.79
CA ALA C 221 -67.55 34.14 14.99
C ALA C 221 -67.28 35.38 15.85
N ASP C 222 -67.66 35.34 17.12
CA ASP C 222 -67.50 36.44 18.02
C ASP C 222 -66.16 36.43 18.77
N ASP C 223 -65.21 35.64 18.35
CA ASP C 223 -63.86 35.61 18.95
C ASP C 223 -62.99 36.63 18.26
N ASP C 224 -62.07 37.24 19.02
CA ASP C 224 -61.06 38.14 18.47
C ASP C 224 -60.31 37.53 17.27
N ALA C 225 -60.01 36.24 17.34
CA ALA C 225 -59.24 35.53 16.26
C ALA C 225 -59.96 35.70 14.93
N VAL C 226 -61.29 35.66 14.97
CA VAL C 226 -62.15 35.74 13.77
C VAL C 226 -62.38 37.20 13.36
N LYS C 227 -62.62 38.08 14.35
CA LYS C 227 -62.73 39.54 14.10
C LYS C 227 -61.50 40.05 13.33
N TYR C 228 -60.31 39.83 13.87
CA TYR C 228 -59.07 40.14 13.17
C TYR C 228 -58.92 39.34 11.90
N GLY C 229 -59.28 38.07 11.99
CA GLY C 229 -59.16 37.12 10.88
C GLY C 229 -59.84 37.58 9.61
N LEU C 230 -61.11 37.98 9.74
CA LEU C 230 -61.90 38.38 8.57
C LEU C 230 -61.37 39.67 7.90
N ARG C 231 -60.89 40.59 8.73
CA ARG C 231 -60.19 41.78 8.22
C ARG C 231 -58.88 41.42 7.47
N ALA C 232 -58.17 40.40 7.98
CA ALA C 232 -56.90 39.99 7.39
C ALA C 232 -57.10 39.40 6.00
N ILE C 233 -58.12 38.54 5.91
CA ILE C 233 -58.53 37.89 4.67
C ILE C 233 -58.82 38.98 3.60
N GLU C 234 -59.52 40.04 4.00
CA GLU C 234 -59.72 41.20 3.13
C GLU C 234 -58.40 41.84 2.68
N PHE C 235 -57.47 42.01 3.63
CA PHE C 235 -56.16 42.60 3.38
C PHE C 235 -55.34 41.79 2.36
N TRP C 236 -55.24 40.47 2.55
CA TRP C 236 -54.42 39.60 1.66
C TRP C 236 -55.03 39.46 0.28
N SER C 237 -56.36 39.50 0.26
CA SER C 237 -57.12 39.40 -1.01
C SER C 237 -57.11 40.70 -1.86
N ASN C 238 -57.15 41.87 -1.22
CA ASN C 238 -57.40 43.15 -1.92
C ASN C 238 -56.33 44.23 -1.80
N GLU C 239 -55.74 44.36 -0.61
CA GLU C 239 -54.72 45.37 -0.36
C GLU C 239 -53.33 44.85 -0.67
N TRP C 240 -52.96 43.75 -0.04
CA TRP C 240 -51.64 43.16 -0.26
C TRP C 240 -51.13 43.26 -1.70
N SER C 241 -49.91 43.77 -1.87
CA SER C 241 -49.25 43.88 -3.17
C SER C 241 -47.84 43.28 -3.18
N GLY C 242 -47.49 42.51 -2.18
CA GLY C 242 -46.15 41.87 -2.10
C GLY C 242 -46.03 40.51 -2.75
N GLU C 243 -44.82 39.94 -2.64
CA GLU C 243 -44.54 38.61 -3.12
C GLU C 243 -44.80 37.57 -2.03
N SER C 244 -45.27 36.39 -2.40
CA SER C 244 -45.52 35.31 -1.41
C SER C 244 -44.96 33.99 -1.90
N PHE C 245 -44.77 33.07 -0.95
CA PHE C 245 -44.33 31.69 -1.21
C PHE C 245 -44.97 30.80 -0.16
N MET C 246 -45.58 29.70 -0.58
CA MET C 246 -46.27 28.76 0.32
C MET C 246 -45.56 27.40 0.24
N ALA C 247 -45.34 26.80 1.41
CA ALA C 247 -44.78 25.41 1.53
C ALA C 247 -45.72 24.60 2.38
N ILE C 248 -46.20 23.44 1.91
CA ILE C 248 -47.15 22.66 2.61
C ILE C 248 -46.54 21.36 3.09
N GLY C 249 -46.62 21.13 4.43
CA GLY C 249 -46.34 19.77 4.98
C GLY C 249 -47.51 18.90 4.84
N MET C 250 -47.39 17.88 3.94
CA MET C 250 -48.54 17.08 3.54
C MET C 250 -49.10 16.14 4.61
N LYS C 251 -48.24 15.70 5.54
CA LYS C 251 -48.61 14.78 6.59
C LYS C 251 -49.19 15.58 7.75
N ASP C 252 -50.20 16.37 7.48
CA ASP C 252 -50.89 17.15 8.52
C ASP C 252 -52.37 16.94 8.28
N ALA C 253 -53.02 16.29 9.22
CA ALA C 253 -54.47 16.05 9.21
C ALA C 253 -55.38 17.26 9.51
N VAL C 254 -54.82 18.34 10.02
CA VAL C 254 -55.60 19.52 10.37
C VAL C 254 -55.31 20.70 9.38
N LEU C 255 -54.05 21.14 9.31
CA LEU C 255 -53.70 22.31 8.52
C LEU C 255 -52.78 21.98 7.34
N GLY C 256 -53.07 20.85 6.69
CA GLY C 256 -52.36 20.35 5.53
C GLY C 256 -52.87 20.90 4.23
N GLU C 257 -52.79 20.12 3.18
CA GLU C 257 -53.03 20.53 1.79
C GLU C 257 -54.39 21.24 1.57
N ALA C 258 -55.47 20.66 2.12
CA ALA C 258 -56.81 21.22 1.87
C ALA C 258 -56.95 22.61 2.49
N ALA C 259 -56.52 22.76 3.76
CA ALA C 259 -56.56 24.03 4.45
C ALA C 259 -55.61 25.07 3.83
N MET C 260 -54.44 24.63 3.38
CA MET C 260 -53.46 25.54 2.78
C MET C 260 -53.91 26.05 1.41
N MET C 261 -54.54 25.18 0.62
CA MET C 261 -55.02 25.59 -0.72
C MET C 261 -56.17 26.61 -0.58
N GLN C 262 -57.04 26.43 0.42
CA GLN C 262 -58.11 27.40 0.74
C GLN C 262 -57.50 28.74 1.09
N LEU C 263 -56.44 28.71 1.92
CA LEU C 263 -55.71 29.89 2.27
C LEU C 263 -55.10 30.58 1.07
N LYS C 264 -54.49 29.81 0.17
CA LYS C 264 -53.87 30.35 -1.03
C LYS C 264 -54.85 31.20 -1.86
N THR C 265 -56.11 30.81 -1.92
CA THR C 265 -57.14 31.52 -2.71
C THR C 265 -57.32 32.96 -2.22
N VAL C 266 -57.01 33.26 -0.96
CA VAL C 266 -57.21 34.60 -0.43
C VAL C 266 -55.95 35.44 -0.34
N ILE C 267 -54.79 34.86 -0.71
CA ILE C 267 -53.53 35.55 -0.82
C ILE C 267 -53.29 35.93 -2.28
N LYS C 268 -53.48 37.22 -2.59
CA LYS C 268 -53.33 37.71 -3.97
C LYS C 268 -51.89 37.51 -4.41
N GLY C 269 -51.70 36.86 -5.58
CA GLY C 269 -50.36 36.65 -6.12
C GLY C 269 -49.62 35.40 -5.62
N CYS C 270 -50.26 34.58 -4.79
CA CYS C 270 -49.57 33.42 -4.25
C CYS C 270 -49.30 32.38 -5.33
N PRO C 271 -48.00 32.06 -5.60
CA PRO C 271 -47.70 31.06 -6.64
C PRO C 271 -48.01 29.67 -6.19
N GLU C 272 -47.82 28.73 -7.09
CA GLU C 272 -47.94 27.32 -6.85
C GLU C 272 -47.19 26.95 -5.59
N PRO C 273 -47.89 26.27 -4.63
CA PRO C 273 -47.22 25.84 -3.40
C PRO C 273 -46.17 24.73 -3.63
N MET C 274 -45.09 24.81 -2.88
CA MET C 274 -44.18 23.69 -2.65
C MET C 274 -44.85 22.66 -1.76
N LYS C 275 -45.09 21.43 -2.25
CA LYS C 275 -45.74 20.36 -1.45
C LYS C 275 -44.74 19.28 -0.99
N ILE C 276 -44.49 19.22 0.31
CA ILE C 276 -43.39 18.37 0.85
C ILE C 276 -44.06 17.14 1.43
N GLU C 277 -43.98 16.02 0.71
CA GLU C 277 -44.65 14.78 1.12
C GLU C 277 -44.17 14.20 2.42
N GLU C 278 -42.92 14.45 2.75
CA GLU C 278 -42.28 13.85 3.98
C GLU C 278 -42.47 14.72 5.22
N ALA C 279 -42.93 15.98 4.99
CA ALA C 279 -43.08 16.95 6.08
C ALA C 279 -44.47 16.86 6.71
N GLY C 280 -44.51 17.07 8.03
CA GLY C 280 -45.73 17.19 8.79
C GLY C 280 -46.10 18.64 9.06
N HIS C 281 -46.95 18.85 10.08
CA HIS C 281 -47.38 20.18 10.49
C HIS C 281 -46.20 21.14 10.70
N PHE C 282 -45.11 20.67 11.36
CA PHE C 282 -43.94 21.43 11.61
C PHE C 282 -43.01 21.44 10.38
N VAL C 283 -43.43 22.22 9.39
CA VAL C 283 -42.80 22.31 8.06
C VAL C 283 -41.36 22.73 8.13
N GLN C 284 -41.02 23.56 9.14
CA GLN C 284 -39.70 24.13 9.28
C GLN C 284 -38.62 23.06 9.60
N GLU C 285 -39.04 21.88 10.08
CA GLU C 285 -38.11 20.76 10.28
C GLU C 285 -37.63 20.21 8.90
N TYR C 286 -38.29 20.62 7.82
CA TYR C 286 -37.96 20.30 6.43
C TYR C 286 -37.73 21.60 5.68
N GLY C 287 -37.20 22.59 6.39
CA GLY C 287 -37.32 24.00 6.01
C GLY C 287 -36.08 24.57 5.24
N VAL C 288 -34.97 23.80 5.17
CA VAL C 288 -33.81 24.27 4.36
C VAL C 288 -34.24 24.58 2.91
N GLU C 289 -34.90 23.63 2.30
CA GLU C 289 -35.33 23.67 0.91
C GLU C 289 -36.46 24.71 0.72
N VAL C 290 -37.31 24.90 1.76
CA VAL C 290 -38.29 25.96 1.75
C VAL C 290 -37.68 27.33 1.69
N ALA C 291 -36.68 27.57 2.56
CA ALA C 291 -35.95 28.83 2.60
C ALA C 291 -35.19 29.07 1.27
N GLU C 292 -34.53 28.03 0.76
CA GLU C 292 -33.83 28.12 -0.54
C GLU C 292 -34.77 28.47 -1.69
N GLN C 293 -35.86 27.75 -1.81
CA GLN C 293 -36.80 27.98 -2.90
C GLN C 293 -37.57 29.28 -2.81
N ALA C 294 -37.89 29.71 -1.58
CA ALA C 294 -38.50 31.02 -1.32
C ALA C 294 -37.63 32.15 -1.85
N LEU C 295 -36.35 32.11 -1.47
CA LEU C 295 -35.38 33.12 -1.87
C LEU C 295 -35.18 33.18 -3.40
N ALA C 296 -35.15 32.00 -4.05
CA ALA C 296 -34.96 31.90 -5.50
C ALA C 296 -36.20 32.46 -6.23
N SER C 297 -37.38 32.18 -5.67
CA SER C 297 -38.65 32.71 -6.19
C SER C 297 -38.78 34.22 -6.05
N PHE C 298 -38.19 34.80 -5.04
CA PHE C 298 -38.32 36.20 -4.69
C PHE C 298 -37.32 37.11 -5.40
N THR C 299 -37.71 38.38 -5.50
CA THR C 299 -36.87 39.41 -6.10
C THR C 299 -36.39 40.27 -4.95
N MET C 300 -35.18 40.01 -4.48
CA MET C 300 -34.63 40.69 -3.35
C MET C 300 -33.83 41.92 -3.67
N ILE D 3 -38.45 2.98 52.58
CA ILE D 3 -37.60 3.64 51.50
C ILE D 3 -38.33 4.91 51.04
N LYS D 4 -37.65 6.06 51.13
CA LYS D 4 -38.19 7.32 50.62
C LYS D 4 -38.46 7.23 49.12
N ALA D 5 -39.69 7.57 48.72
CA ALA D 5 -40.15 7.43 47.32
C ALA D 5 -41.35 8.32 47.05
N LEU D 6 -41.58 8.58 45.76
CA LEU D 6 -42.74 9.25 45.25
C LEU D 6 -43.65 8.25 44.54
N ARG D 7 -44.94 8.49 44.59
CA ARG D 7 -45.93 7.74 43.89
C ARG D 7 -46.52 8.70 42.86
N THR D 8 -46.48 8.29 41.58
CA THR D 8 -47.08 9.11 40.53
C THR D 8 -48.61 9.22 40.75
N PRO D 9 -49.17 10.42 40.78
CA PRO D 9 -50.60 10.60 40.87
C PRO D 9 -51.36 9.82 39.83
N GLU D 10 -52.45 9.17 40.24
CA GLU D 10 -53.27 8.27 39.41
C GLU D 10 -53.82 8.96 38.19
N GLU D 11 -54.16 10.27 38.29
CA GLU D 11 -54.70 11.03 37.18
C GLU D 11 -53.76 11.01 35.94
N ARG D 12 -52.47 10.81 36.17
CA ARG D 12 -51.48 10.66 35.08
C ARG D 12 -51.82 9.52 34.12
N PHE D 13 -52.52 8.49 34.63
CA PHE D 13 -52.79 7.24 33.90
C PHE D 13 -54.24 7.15 33.42
N SER D 14 -55.01 8.25 33.48
CA SER D 14 -56.44 8.20 33.20
C SER D 14 -56.76 8.12 31.70
N VAL D 15 -55.81 8.44 30.82
CA VAL D 15 -55.93 8.32 29.39
C VAL D 15 -54.87 7.37 28.84
N LEU D 16 -55.23 6.10 28.74
CA LEU D 16 -54.41 4.99 28.24
C LEU D 16 -55.21 4.03 27.31
N PRO D 17 -55.75 4.56 26.21
CA PRO D 17 -56.66 3.74 25.43
C PRO D 17 -56.01 2.52 24.83
N ALA D 18 -54.69 2.56 24.52
CA ALA D 18 -54.04 1.41 23.94
C ALA D 18 -53.54 0.35 24.99
N PHE D 19 -53.83 0.54 26.28
CA PHE D 19 -53.31 -0.31 27.35
C PHE D 19 -54.39 -0.43 28.42
N PRO D 20 -55.49 -1.10 28.08
CA PRO D 20 -56.68 -1.10 28.93
C PRO D 20 -56.67 -2.26 29.95
N TYR D 21 -55.56 -2.49 30.60
CA TYR D 21 -55.50 -3.52 31.66
C TYR D 21 -55.59 -2.76 33.01
N GLN D 22 -56.31 -3.34 33.96
CA GLN D 22 -56.27 -2.88 35.36
C GLN D 22 -54.96 -3.35 36.01
N PRO D 23 -54.16 -2.43 36.54
CA PRO D 23 -52.86 -2.88 37.10
C PRO D 23 -53.01 -3.59 38.45
N ASN D 24 -52.11 -4.51 38.73
CA ASN D 24 -52.00 -5.16 40.03
C ASN D 24 -50.82 -4.57 40.77
N TYR D 25 -50.84 -4.70 42.08
CA TYR D 25 -49.85 -4.09 42.96
C TYR D 25 -49.40 -5.08 44.02
N VAL D 26 -48.12 -4.98 44.39
CA VAL D 26 -47.57 -5.72 45.52
C VAL D 26 -46.67 -4.76 46.29
N ASP D 27 -46.92 -4.63 47.62
CA ASP D 27 -46.09 -3.73 48.46
C ASP D 27 -45.44 -4.40 49.69
N ASP D 28 -45.27 -5.70 49.62
CA ASP D 28 -44.64 -6.48 50.68
C ASP D 28 -43.64 -7.47 50.04
N LEU D 29 -42.95 -7.05 49.00
CA LEU D 29 -41.80 -7.85 48.54
C LEU D 29 -40.73 -7.82 49.61
N GLY D 30 -40.17 -8.97 49.93
CA GLY D 30 -39.06 -9.07 50.89
C GLY D 30 -37.87 -8.16 50.61
N GLY D 31 -37.61 -7.25 51.55
CA GLY D 31 -36.59 -6.24 51.40
C GLY D 31 -37.08 -4.87 50.94
N TYR D 32 -38.27 -4.80 50.35
CA TYR D 32 -38.80 -3.59 49.69
C TYR D 32 -40.08 -3.14 50.40
N GLU D 33 -40.24 -3.52 51.67
CA GLU D 33 -41.50 -3.39 52.37
C GLU D 33 -42.07 -1.98 52.18
N SER D 34 -43.33 -1.92 51.76
CA SER D 34 -44.12 -0.74 51.53
C SER D 34 -43.85 -0.05 50.21
N LEU D 35 -42.75 -0.35 49.52
CA LEU D 35 -42.54 0.13 48.13
C LEU D 35 -43.45 -0.71 47.28
N ARG D 36 -44.36 -0.07 46.56
CA ARG D 36 -45.40 -0.75 45.77
C ARG D 36 -44.97 -0.93 44.31
N MET D 37 -44.95 -2.19 43.85
CA MET D 37 -44.62 -2.50 42.49
C MET D 37 -45.91 -2.77 41.76
N ALA D 38 -46.08 -2.11 40.60
CA ALA D 38 -47.21 -2.34 39.68
C ALA D 38 -46.85 -3.41 38.67
N TYR D 39 -47.81 -4.24 38.28
CA TYR D 39 -47.58 -5.26 37.26
C TYR D 39 -48.90 -5.60 36.57
N ILE D 40 -48.80 -5.84 35.26
CA ILE D 40 -49.91 -6.40 34.49
C ILE D 40 -49.90 -7.90 34.70
N ASP D 41 -51.09 -8.50 34.86
CA ASP D 41 -51.30 -9.97 34.96
C ASP D 41 -52.59 -10.33 34.17
N GLU D 42 -52.44 -10.91 32.99
CA GLU D 42 -53.57 -11.18 32.04
C GLU D 42 -53.48 -12.61 31.56
N GLY D 43 -54.62 -13.18 31.18
CA GLY D 43 -54.73 -14.59 30.77
C GLY D 43 -55.09 -15.45 31.98
N ASP D 44 -55.48 -16.70 31.71
CA ASP D 44 -55.89 -17.62 32.75
C ASP D 44 -54.71 -17.97 33.64
N LYS D 45 -54.88 -17.87 34.95
CA LYS D 45 -53.84 -18.24 35.93
C LYS D 45 -53.33 -19.70 35.83
N ASP D 46 -54.21 -20.59 35.35
CA ASP D 46 -53.87 -21.99 35.10
C ASP D 46 -53.41 -22.26 33.64
N SER D 47 -53.01 -21.20 32.91
CA SER D 47 -52.38 -21.36 31.60
C SER D 47 -51.15 -22.24 31.73
N GLU D 48 -50.79 -22.98 30.70
CA GLU D 48 -49.55 -23.78 30.69
C GLU D 48 -48.32 -22.87 30.99
N TYR D 49 -48.23 -21.79 30.21
CA TYR D 49 -47.01 -20.96 30.16
C TYR D 49 -47.32 -19.52 30.60
N THR D 50 -46.34 -18.85 31.24
CA THR D 50 -46.43 -17.43 31.61
C THR D 50 -45.34 -16.66 30.91
N PHE D 51 -45.71 -15.65 30.10
CA PHE D 51 -44.74 -14.76 29.46
C PHE D 51 -44.40 -13.61 30.41
N LEU D 52 -43.18 -13.62 30.94
CA LEU D 52 -42.71 -12.60 31.88
C LEU D 52 -41.97 -11.54 31.02
N CYS D 53 -42.59 -10.38 30.87
CA CYS D 53 -42.17 -9.34 29.91
C CYS D 53 -41.56 -8.20 30.70
N LEU D 54 -40.23 -8.03 30.56
CA LEU D 54 -39.41 -7.07 31.31
C LEU D 54 -39.00 -5.90 30.43
N HIS D 55 -39.38 -4.68 30.87
CA HIS D 55 -38.94 -3.44 30.22
C HIS D 55 -37.57 -2.99 30.78
N GLY D 56 -36.98 -2.00 30.14
CA GLY D 56 -35.78 -1.28 30.60
C GLY D 56 -35.96 0.22 30.62
N GLU D 57 -34.90 0.91 30.23
CA GLU D 57 -34.78 2.41 30.29
C GLU D 57 -35.45 3.01 29.02
N PRO D 58 -36.21 4.11 29.12
CA PRO D 58 -36.92 4.68 30.24
C PRO D 58 -38.42 4.39 30.14
N THR D 59 -38.74 3.11 30.06
CA THR D 59 -40.07 2.62 29.65
C THR D 59 -40.82 2.04 30.85
N TRP D 60 -41.92 1.34 30.60
CA TRP D 60 -42.67 0.58 31.57
C TRP D 60 -43.46 -0.47 30.80
N SER D 61 -44.38 -1.18 31.46
CA SER D 61 -45.14 -2.32 30.88
C SER D 61 -45.95 -1.89 29.62
N TYR D 62 -46.27 -0.59 29.53
CA TYR D 62 -46.92 0.00 28.35
C TYR D 62 -46.21 -0.38 27.05
N LEU D 63 -44.87 -0.49 27.13
CA LEU D 63 -44.05 -0.86 26.00
C LEU D 63 -44.47 -2.24 25.36
N TYR D 64 -45.04 -3.10 26.20
CA TYR D 64 -45.47 -4.46 25.80
C TYR D 64 -46.91 -4.57 25.30
N ARG D 65 -47.61 -3.43 25.18
CA ARG D 65 -49.05 -3.41 24.86
C ARG D 65 -49.41 -4.09 23.53
N LYS D 66 -48.50 -4.13 22.56
CA LYS D 66 -48.79 -4.74 21.27
C LYS D 66 -48.55 -6.25 21.31
N MET D 67 -47.67 -6.73 22.22
CA MET D 67 -47.25 -8.14 22.35
C MET D 67 -48.21 -8.91 23.24
N ILE D 68 -48.63 -8.28 24.33
CA ILE D 68 -49.50 -8.91 25.33
C ILE D 68 -50.75 -9.60 24.70
N PRO D 69 -51.52 -8.89 23.85
CA PRO D 69 -52.70 -9.54 23.26
C PRO D 69 -52.41 -10.75 22.38
N VAL D 70 -51.23 -10.77 21.73
CA VAL D 70 -50.82 -11.94 20.94
C VAL D 70 -50.64 -13.17 21.82
N PHE D 71 -49.98 -13.00 22.95
CA PHE D 71 -49.78 -14.07 23.95
C PHE D 71 -51.08 -14.55 24.61
N THR D 72 -51.93 -13.63 25.02
CA THR D 72 -53.18 -13.96 25.67
C THR D 72 -54.19 -14.57 24.68
N ASP D 73 -54.18 -14.13 23.42
CA ASP D 73 -55.03 -14.72 22.39
C ASP D 73 -54.68 -16.16 22.13
N ALA D 74 -53.43 -16.57 22.42
CA ALA D 74 -52.98 -17.92 22.19
C ALA D 74 -53.14 -18.84 23.37
N GLY D 75 -53.77 -18.35 24.41
CA GLY D 75 -54.13 -19.12 25.58
C GLY D 75 -53.14 -19.07 26.75
N HIS D 76 -52.21 -18.11 26.72
CA HIS D 76 -51.17 -17.99 27.76
C HIS D 76 -51.43 -16.87 28.73
N ARG D 77 -50.70 -16.89 29.85
CA ARG D 77 -50.70 -15.85 30.86
C ARG D 77 -49.53 -14.89 30.56
N VAL D 78 -49.67 -13.63 30.91
CA VAL D 78 -48.61 -12.61 30.77
C VAL D 78 -48.46 -11.85 32.07
N VAL D 79 -47.22 -11.70 32.54
CA VAL D 79 -46.89 -10.85 33.68
C VAL D 79 -45.88 -9.81 33.17
N ALA D 80 -46.19 -8.52 33.35
CA ALA D 80 -45.34 -7.43 32.88
C ALA D 80 -45.22 -6.40 34.00
N PRO D 81 -44.16 -6.49 34.81
CA PRO D 81 -43.98 -5.56 35.95
C PRO D 81 -43.39 -4.24 35.48
N ASP D 82 -43.72 -3.17 36.21
CA ASP D 82 -43.04 -1.92 36.18
C ASP D 82 -41.95 -1.94 37.25
N LEU D 83 -40.70 -1.79 36.83
CA LEU D 83 -39.57 -1.69 37.76
C LEU D 83 -39.79 -0.51 38.70
N PHE D 84 -39.26 -0.60 39.90
CA PHE D 84 -39.24 0.53 40.81
C PHE D 84 -38.49 1.70 40.10
N GLY D 85 -39.04 2.90 40.18
CA GLY D 85 -38.61 4.07 39.45
C GLY D 85 -39.34 4.28 38.12
N PHE D 86 -40.20 3.32 37.72
CA PHE D 86 -40.85 3.35 36.39
C PHE D 86 -42.34 3.06 36.46
N GLY D 87 -43.05 3.51 35.41
CA GLY D 87 -44.46 3.22 35.20
C GLY D 87 -45.32 3.65 36.36
N ARG D 88 -46.11 2.72 36.91
CA ARG D 88 -46.97 3.02 38.05
C ARG D 88 -46.39 2.56 39.39
N SER D 89 -45.16 2.03 39.37
CA SER D 89 -44.51 1.56 40.60
C SER D 89 -44.04 2.78 41.35
N ASP D 90 -43.75 2.60 42.63
CA ASP D 90 -43.17 3.67 43.43
C ASP D 90 -41.76 3.97 42.98
N LYS D 91 -41.33 5.21 43.25
CA LYS D 91 -40.07 5.76 42.72
C LYS D 91 -39.16 6.30 43.84
N PRO D 92 -38.19 5.50 44.31
CA PRO D 92 -37.17 6.01 45.23
C PRO D 92 -36.53 7.31 44.77
N ILE D 93 -36.24 8.21 45.72
CA ILE D 93 -35.70 9.52 45.42
C ILE D 93 -34.23 9.63 45.67
N GLU D 94 -33.59 8.61 46.26
CA GLU D 94 -32.14 8.63 46.46
C GLU D 94 -31.41 7.80 45.38
N ASP D 95 -30.44 8.41 44.71
CA ASP D 95 -29.71 7.76 43.62
C ASP D 95 -29.00 6.44 43.97
N SER D 96 -28.51 6.31 45.19
CA SER D 96 -27.78 5.11 45.60
C SER D 96 -28.66 3.88 45.79
N VAL D 97 -29.95 4.07 45.98
CA VAL D 97 -30.88 2.95 46.14
C VAL D 97 -30.96 2.13 44.85
N TYR D 98 -30.93 2.82 43.71
CA TYR D 98 -30.93 2.12 42.41
C TYR D 98 -29.57 1.57 42.12
N ASN D 99 -29.50 0.25 41.85
CA ASN D 99 -28.29 -0.44 41.40
C ASN D 99 -28.73 -1.80 40.83
N PHE D 100 -27.81 -2.57 40.30
CA PHE D 100 -28.07 -3.86 39.66
C PHE D 100 -28.74 -4.83 40.61
N GLU D 101 -28.23 -4.94 41.83
CA GLU D 101 -28.86 -5.82 42.84
C GLU D 101 -30.24 -5.44 43.25
N PHE D 102 -30.48 -4.14 43.50
CA PHE D 102 -31.81 -3.61 43.85
C PHE D 102 -32.86 -4.09 42.86
N HIS D 103 -32.55 -3.90 41.55
CA HIS D 103 -33.53 -4.25 40.47
C HIS D 103 -33.69 -5.75 40.31
N ARG D 104 -32.57 -6.46 40.21
CA ARG D 104 -32.56 -7.91 40.01
C ARG D 104 -33.35 -8.61 41.12
N ASN D 105 -33.07 -8.24 42.36
CA ASN D 105 -33.76 -8.84 43.53
C ASN D 105 -35.22 -8.56 43.53
N SER D 106 -35.63 -7.36 43.13
CA SER D 106 -37.09 -7.04 43.02
C SER D 106 -37.80 -8.01 42.11
N LEU D 107 -37.15 -8.35 41.00
CA LEU D 107 -37.73 -9.27 40.02
C LEU D 107 -37.77 -10.71 40.55
N ILE D 108 -36.65 -11.13 41.14
CA ILE D 108 -36.58 -12.42 41.85
C ILE D 108 -37.71 -12.58 42.89
N GLN D 109 -37.94 -11.55 43.72
CA GLN D 109 -39.00 -11.53 44.75
C GLN D 109 -40.39 -11.59 44.15
N LEU D 110 -40.60 -10.88 43.04
CA LEU D 110 -41.89 -10.88 42.34
C LEU D 110 -42.17 -12.29 41.80
N ILE D 111 -41.16 -12.86 41.19
CA ILE D 111 -41.28 -14.23 40.62
C ILE D 111 -41.71 -15.25 41.73
N GLU D 112 -41.04 -15.16 42.89
CA GLU D 112 -41.30 -16.06 44.01
C GLU D 112 -42.64 -15.75 44.68
N HIS D 113 -43.02 -14.47 44.70
CA HIS D 113 -44.31 -14.04 45.24
C HIS D 113 -45.52 -14.54 44.47
N LEU D 114 -45.45 -14.51 43.15
CA LEU D 114 -46.51 -15.04 42.27
C LEU D 114 -46.31 -16.54 41.97
N ASP D 115 -45.18 -17.11 42.41
CA ASP D 115 -44.83 -18.48 42.19
C ASP D 115 -44.92 -18.81 40.71
N LEU D 116 -44.31 -17.95 39.89
CA LEU D 116 -44.33 -18.15 38.43
C LEU D 116 -43.54 -19.36 38.01
N LYS D 117 -44.12 -20.16 37.12
CA LYS D 117 -43.54 -21.39 36.58
C LYS D 117 -43.84 -21.45 35.10
N ASN D 118 -43.12 -22.31 34.41
CA ASN D 118 -43.20 -22.41 32.93
C ASN D 118 -43.10 -21.01 32.27
N ILE D 119 -42.01 -20.32 32.61
CA ILE D 119 -41.84 -18.91 32.22
C ILE D 119 -41.19 -18.84 30.87
N VAL D 120 -41.81 -18.03 29.99
CA VAL D 120 -41.15 -17.53 28.78
C VAL D 120 -40.65 -16.12 29.10
N LEU D 121 -39.33 -15.98 29.21
CA LEU D 121 -38.71 -14.69 29.52
C LEU D 121 -38.73 -13.88 28.22
N VAL D 122 -39.38 -12.72 28.27
CA VAL D 122 -39.37 -11.73 27.19
C VAL D 122 -38.65 -10.47 27.71
N CYS D 123 -37.55 -10.06 27.07
CA CYS D 123 -36.75 -8.95 27.59
C CYS D 123 -36.11 -8.15 26.48
N GLN D 124 -35.61 -6.96 26.89
CA GLN D 124 -34.99 -5.96 25.99
C GLN D 124 -34.34 -4.91 26.92
N ASP D 125 -33.28 -4.27 26.42
CA ASP D 125 -32.54 -3.23 27.17
C ASP D 125 -32.14 -3.80 28.54
N TRP D 126 -32.29 -3.01 29.61
CA TRP D 126 -32.01 -3.48 31.03
C TRP D 126 -32.94 -4.60 31.46
N GLY D 127 -34.12 -4.71 30.85
CA GLY D 127 -34.94 -5.89 30.96
C GLY D 127 -34.14 -7.16 30.78
N GLY D 128 -33.30 -7.18 29.74
CA GLY D 128 -32.40 -8.28 29.47
C GLY D 128 -31.12 -8.23 30.32
N GLY D 129 -30.50 -7.08 30.42
CA GLY D 129 -29.29 -6.89 31.26
C GLY D 129 -29.45 -7.46 32.66
N LEU D 130 -30.58 -7.14 33.28
CA LEU D 130 -31.03 -7.78 34.52
C LEU D 130 -31.58 -9.22 34.34
N GLY D 131 -32.67 -9.32 33.56
CA GLY D 131 -33.47 -10.55 33.43
C GLY D 131 -32.73 -11.78 32.93
N LEU D 132 -31.81 -11.59 31.96
CA LEU D 132 -31.00 -12.69 31.46
C LEU D 132 -30.07 -13.27 32.53
N THR D 133 -29.84 -12.55 33.64
CA THR D 133 -29.02 -13.07 34.74
C THR D 133 -29.80 -13.84 35.78
N ILE D 134 -31.13 -13.97 35.61
CA ILE D 134 -32.00 -14.59 36.62
C ILE D 134 -32.16 -16.11 36.50
N PRO D 135 -32.41 -16.63 35.27
CA PRO D 135 -32.65 -18.06 35.13
C PRO D 135 -31.59 -19.02 35.70
N MET D 136 -30.32 -18.62 35.68
CA MET D 136 -29.21 -19.42 36.24
C MET D 136 -29.39 -19.72 37.75
N ASP D 137 -30.13 -18.89 38.45
CA ASP D 137 -30.39 -19.04 39.84
C ASP D 137 -31.84 -19.46 40.13
N MET D 138 -32.61 -19.78 39.08
CA MET D 138 -33.95 -20.36 39.19
C MET D 138 -34.29 -21.19 37.95
N GLN D 139 -33.42 -22.12 37.64
CA GLN D 139 -33.42 -22.86 36.38
C GLN D 139 -34.71 -23.55 36.03
N ASP D 140 -35.36 -24.14 37.01
CA ASP D 140 -36.59 -24.94 36.78
C ASP D 140 -37.81 -24.10 36.44
N ARG D 141 -37.78 -22.80 36.74
CA ARG D 141 -38.90 -21.89 36.45
C ARG D 141 -38.98 -21.41 34.98
N PHE D 142 -37.84 -21.40 34.27
CA PHE D 142 -37.74 -20.88 32.92
C PHE D 142 -37.65 -21.96 31.83
N LYS D 143 -38.53 -21.87 30.84
CA LYS D 143 -38.67 -22.85 29.70
C LYS D 143 -38.21 -22.28 28.36
N LYS D 144 -38.51 -20.99 28.06
CA LYS D 144 -38.17 -20.40 26.78
C LYS D 144 -37.79 -18.90 26.93
N LEU D 145 -37.30 -18.32 25.83
CA LEU D 145 -36.76 -16.95 25.81
C LEU D 145 -37.12 -16.27 24.48
N ILE D 146 -37.69 -15.08 24.58
CA ILE D 146 -37.80 -14.14 23.47
C ILE D 146 -36.91 -12.96 23.82
N VAL D 147 -35.90 -12.70 23.00
CA VAL D 147 -34.89 -11.68 23.28
C VAL D 147 -34.85 -10.66 22.14
N MET D 148 -34.89 -9.41 22.56
CA MET D 148 -34.82 -8.25 21.66
C MET D 148 -33.71 -7.31 22.19
N ASN D 149 -33.29 -6.37 21.38
CA ASN D 149 -32.18 -5.49 21.57
C ASN D 149 -31.78 -5.29 23.04
N THR D 150 -30.71 -6.02 23.40
CA THR D 150 -30.26 -6.16 24.79
C THR D 150 -28.78 -6.66 24.74
N THR D 151 -28.22 -6.81 25.94
CA THR D 151 -26.88 -7.32 26.12
C THR D 151 -26.73 -7.94 27.52
N ILE D 152 -25.74 -8.82 27.68
CA ILE D 152 -25.31 -9.30 29.03
C ILE D 152 -23.93 -8.69 29.20
N SER D 153 -23.72 -8.06 30.35
CA SER D 153 -22.47 -7.38 30.70
C SER D 153 -21.35 -8.41 30.80
N ASN D 154 -20.22 -8.16 30.14
CA ASN D 154 -19.06 -9.07 30.17
C ASN D 154 -17.76 -8.42 30.63
N GLY D 155 -17.81 -7.15 30.99
CA GLY D 155 -16.62 -6.40 31.42
C GLY D 155 -15.65 -5.92 30.30
N GLU D 156 -16.01 -6.14 29.04
CA GLU D 156 -15.22 -5.66 27.90
C GLU D 156 -15.23 -4.14 27.83
N PRO D 157 -14.26 -3.53 27.19
CA PRO D 157 -14.34 -2.05 26.95
C PRO D 157 -15.73 -1.64 26.40
N LEU D 158 -16.28 -0.52 26.90
CA LEU D 158 -17.52 0.04 26.38
C LEU D 158 -17.33 0.54 24.99
N ALA D 159 -18.30 0.25 24.09
CA ALA D 159 -18.34 0.86 22.76
C ALA D 159 -18.50 2.38 22.86
N GLU D 160 -18.02 3.12 21.86
CA GLU D 160 -18.07 4.58 21.93
C GLU D 160 -19.52 5.10 22.10
N ALA D 161 -20.45 4.48 21.41
CA ALA D 161 -21.89 4.85 21.43
C ALA D 161 -22.48 4.80 22.85
N ALA D 162 -22.06 3.76 23.63
CA ALA D 162 -22.51 3.61 25.00
C ALA D 162 -21.90 4.67 25.91
N VAL D 163 -20.62 4.96 25.75
CA VAL D 163 -19.95 6.03 26.50
C VAL D 163 -20.64 7.37 26.21
N GLN D 164 -20.93 7.65 24.93
CA GLN D 164 -21.62 8.89 24.49
C GLN D 164 -23.02 9.00 25.13
N TRP D 165 -23.74 7.86 25.16
CA TRP D 165 -25.01 7.76 25.87
C TRP D 165 -24.91 8.11 27.34
N MET D 166 -23.90 7.60 28.03
CA MET D 166 -23.70 7.92 29.44
C MET D 166 -23.41 9.42 29.63
N ALA D 167 -22.53 9.96 28.81
CA ALA D 167 -22.15 11.42 28.92
C ALA D 167 -23.35 12.34 28.63
N PHE D 168 -24.16 11.95 27.62
CA PHE D 168 -25.46 12.64 27.31
C PHE D 168 -26.34 12.76 28.56
N ASN D 169 -26.60 11.63 29.21
CA ASN D 169 -27.45 11.59 30.37
C ASN D 169 -26.88 12.32 31.55
N GLU D 170 -25.56 12.50 31.58
CA GLU D 170 -24.91 13.24 32.67
C GLU D 170 -24.85 14.76 32.41
N THR D 171 -24.92 15.17 31.15
CA THR D 171 -24.88 16.58 30.76
C THR D 171 -26.24 17.28 30.74
N ILE D 172 -27.30 16.53 30.36
CA ILE D 172 -28.62 17.11 30.26
C ILE D 172 -29.32 17.38 31.63
N SER D 173 -30.32 18.29 31.57
CA SER D 173 -31.13 18.57 32.73
C SER D 173 -31.92 17.31 33.17
N GLU D 174 -32.53 16.65 32.19
CA GLU D 174 -33.28 15.43 32.41
C GLU D 174 -33.53 14.81 31.06
N LEU D 175 -33.78 13.51 31.03
CA LEU D 175 -33.94 12.79 29.74
C LEU D 175 -35.39 13.04 29.23
N PRO D 176 -35.56 13.44 27.95
CA PRO D 176 -36.89 13.61 27.40
C PRO D 176 -37.49 12.25 27.06
N VAL D 177 -38.32 11.69 27.93
CA VAL D 177 -38.69 10.27 27.88
C VAL D 177 -39.51 9.91 26.64
N ALA D 178 -40.61 10.62 26.46
CA ALA D 178 -41.47 10.42 25.27
C ALA D 178 -40.74 10.75 23.99
N GLY D 179 -39.97 11.86 24.05
CA GLY D 179 -39.11 12.26 22.92
C GLY D 179 -38.22 11.16 22.44
N LEU D 180 -37.50 10.53 23.38
CA LEU D 180 -36.52 9.46 23.03
C LEU D 180 -37.22 8.31 22.38
N VAL D 181 -38.34 7.85 22.98
CA VAL D 181 -39.07 6.67 22.44
C VAL D 181 -39.63 7.00 21.05
N ALA D 182 -40.23 8.19 20.92
CA ALA D 182 -40.82 8.62 19.59
C ALA D 182 -39.74 8.76 18.51
N CYS D 183 -38.56 9.31 18.86
CA CYS D 183 -37.46 9.41 17.96
C CYS D 183 -36.98 8.04 17.49
N ASP D 184 -36.98 7.08 18.39
CA ASP D 184 -36.54 5.70 18.06
C ASP D 184 -37.51 4.90 17.23
N ALA D 185 -38.80 5.02 17.53
CA ALA D 185 -39.83 4.13 17.00
C ALA D 185 -40.58 4.68 15.80
N GLY D 186 -40.38 5.97 15.48
CA GLY D 186 -41.00 6.61 14.31
C GLY D 186 -42.52 6.45 14.29
N ALA D 187 -43.02 5.97 13.14
CA ALA D 187 -44.41 5.88 12.87
C ALA D 187 -45.16 4.89 13.77
N ALA D 188 -44.43 4.02 14.49
CA ALA D 188 -45.02 3.06 15.37
C ALA D 188 -45.57 3.68 16.67
N VAL D 189 -45.18 4.90 16.95
CA VAL D 189 -45.59 5.64 18.15
C VAL D 189 -46.32 6.95 17.72
N ASN D 190 -47.49 7.19 18.33
CA ASN D 190 -48.25 8.41 18.15
C ASN D 190 -48.25 9.24 19.45
N VAL D 191 -48.96 10.36 19.47
CA VAL D 191 -48.96 11.31 20.57
C VAL D 191 -49.64 10.73 21.82
N MET D 192 -50.62 9.85 21.63
CA MET D 192 -51.26 9.11 22.73
C MET D 192 -50.20 8.22 23.43
N ASP D 193 -49.29 7.63 22.64
CA ASP D 193 -48.21 6.84 23.18
C ASP D 193 -47.19 7.70 23.92
N ALA D 194 -46.86 8.86 23.35
CA ALA D 194 -45.98 9.85 23.96
C ALA D 194 -46.50 10.29 25.34
N LEU D 195 -47.81 10.47 25.44
CA LEU D 195 -48.50 10.79 26.68
C LEU D 195 -48.26 9.70 27.75
N ALA D 196 -48.41 8.43 27.31
CA ALA D 196 -48.17 7.30 28.15
C ALA D 196 -46.79 7.17 28.64
N TYR D 197 -45.80 7.45 27.79
CA TYR D 197 -44.38 7.38 28.16
C TYR D 197 -43.97 8.49 29.10
N ASP D 198 -44.55 9.70 28.94
CA ASP D 198 -44.29 10.82 29.87
C ASP D 198 -45.10 10.70 31.16
N ALA D 199 -46.16 9.85 31.17
CA ALA D 199 -47.13 9.80 32.31
C ALA D 199 -46.48 9.51 33.68
N PRO D 200 -45.48 8.57 33.75
CA PRO D 200 -44.92 8.32 35.07
C PRO D 200 -44.21 9.49 35.76
N PHE D 201 -43.86 10.55 35.01
CA PHE D 201 -42.85 11.53 35.42
C PHE D 201 -43.36 13.00 35.31
N PRO D 202 -44.21 13.44 36.27
CA PRO D 202 -44.63 14.82 36.29
C PRO D 202 -43.46 15.86 36.30
N ASN D 203 -42.28 15.48 36.83
CA ASN D 203 -41.09 16.31 36.85
C ASN D 203 -39.88 15.43 37.20
N LYS D 204 -38.69 16.02 37.15
CA LYS D 204 -37.46 15.32 37.30
C LYS D 204 -37.25 14.66 38.66
N ASN D 205 -37.96 15.11 39.69
CA ASN D 205 -37.91 14.46 41.00
C ASN D 205 -38.37 13.00 40.94
N TYR D 206 -39.22 12.67 39.96
CA TYR D 206 -39.71 11.32 39.73
C TYR D 206 -38.75 10.43 38.83
N LYS D 207 -37.68 11.04 38.32
CA LYS D 207 -36.81 10.46 37.33
C LYS D 207 -35.46 9.93 37.84
N VAL D 208 -35.32 9.80 39.17
CA VAL D 208 -34.03 9.37 39.73
C VAL D 208 -33.65 7.96 39.17
N GLY D 209 -34.61 7.02 39.05
CA GLY D 209 -34.34 5.74 38.42
C GLY D 209 -33.94 5.82 36.92
N VAL D 210 -34.60 6.74 36.21
CA VAL D 210 -34.28 7.05 34.80
C VAL D 210 -32.87 7.60 34.66
N LYS D 211 -32.48 8.50 35.58
CA LYS D 211 -31.10 9.01 35.65
C LYS D 211 -30.11 7.94 35.95
N ARG D 212 -30.46 7.01 36.82
CA ARG D 212 -29.49 6.01 37.28
C ARG D 212 -29.15 4.90 36.32
N PHE D 213 -30.10 4.53 35.41
CA PHE D 213 -29.84 3.45 34.50
C PHE D 213 -28.60 3.65 33.62
N PRO D 214 -28.48 4.83 32.94
CA PRO D 214 -27.29 5.08 32.17
C PRO D 214 -25.99 5.02 33.03
N GLN D 215 -26.05 5.56 34.24
CA GLN D 215 -24.90 5.49 35.16
C GLN D 215 -24.50 4.09 35.57
N MET D 216 -25.45 3.17 35.49
CA MET D 216 -25.24 1.74 35.90
C MET D 216 -24.53 0.92 34.86
N ILE D 217 -24.42 1.42 33.61
CA ILE D 217 -23.72 0.69 32.55
C ILE D 217 -22.30 0.44 33.06
N PRO D 218 -21.86 -0.82 33.09
CA PRO D 218 -20.61 -1.14 33.82
C PRO D 218 -19.38 -0.71 33.11
N THR D 219 -18.47 -0.03 33.82
CA THR D 219 -17.15 0.40 33.41
C THR D 219 -16.02 -0.35 34.19
N ASN D 220 -16.41 -1.25 35.13
CA ASN D 220 -15.45 -2.00 35.98
C ASN D 220 -15.81 -3.47 36.06
N ALA D 221 -14.88 -4.43 35.85
CA ALA D 221 -15.28 -5.89 35.81
C ALA D 221 -15.69 -6.46 37.17
N ASP D 222 -15.52 -5.68 38.22
CA ASP D 222 -16.02 -6.00 39.53
C ASP D 222 -17.40 -5.50 39.77
N ASP D 223 -18.03 -4.82 38.80
CA ASP D 223 -19.43 -4.37 38.93
C ASP D 223 -20.31 -5.63 39.00
N ASP D 224 -21.36 -5.57 39.84
CA ASP D 224 -22.32 -6.64 39.95
C ASP D 224 -22.88 -7.08 38.58
N ALA D 225 -23.11 -6.10 37.67
CA ALA D 225 -23.70 -6.38 36.35
C ALA D 225 -22.83 -7.41 35.62
N VAL D 226 -21.52 -7.28 35.76
CA VAL D 226 -20.54 -8.13 35.07
C VAL D 226 -20.33 -9.46 35.81
N LYS D 227 -20.26 -9.39 37.17
CA LYS D 227 -20.19 -10.61 37.99
C LYS D 227 -21.36 -11.57 37.65
N TYR D 228 -22.59 -11.10 37.76
CA TYR D 228 -23.75 -11.85 37.33
C TYR D 228 -23.72 -12.17 35.85
N GLY D 229 -23.31 -11.16 35.07
CA GLY D 229 -23.26 -11.26 33.62
C GLY D 229 -22.47 -12.42 33.11
N LEU D 230 -21.24 -12.56 33.62
CA LEU D 230 -20.34 -13.64 33.15
C LEU D 230 -20.83 -15.04 33.50
N ARG D 231 -21.55 -15.14 34.61
CA ARG D 231 -22.13 -16.41 35.03
C ARG D 231 -23.35 -16.74 34.17
N ALA D 232 -24.04 -15.70 33.70
CA ALA D 232 -25.24 -15.87 32.85
C ALA D 232 -24.83 -16.41 31.47
N ILE D 233 -23.76 -15.82 30.93
CA ILE D 233 -23.18 -16.21 29.66
C ILE D 233 -22.80 -17.71 29.69
N GLU D 234 -22.20 -18.15 30.80
CA GLU D 234 -21.94 -19.58 31.04
C GLU D 234 -23.25 -20.41 31.01
N PHE D 235 -24.30 -19.92 31.68
CA PHE D 235 -25.57 -20.57 31.78
C PHE D 235 -26.23 -20.77 30.38
N TRP D 236 -26.30 -19.69 29.57
CA TRP D 236 -26.96 -19.74 28.27
C TRP D 236 -26.18 -20.57 27.26
N SER D 237 -24.84 -20.54 27.42
CA SER D 237 -23.96 -21.32 26.57
C SER D 237 -23.89 -22.83 26.87
N ASN D 238 -23.99 -23.21 28.14
CA ASN D 238 -23.71 -24.60 28.55
C ASN D 238 -24.82 -25.36 29.28
N GLU D 239 -25.66 -24.65 30.03
CA GLU D 239 -26.67 -25.31 30.83
C GLU D 239 -28.06 -25.17 30.24
N TRP D 240 -28.38 -23.99 29.68
CA TRP D 240 -29.68 -23.75 29.04
C TRP D 240 -30.04 -24.86 27.99
N SER D 241 -31.24 -25.39 28.11
CA SER D 241 -31.72 -26.44 27.18
C SER D 241 -33.13 -26.08 26.63
N GLY D 242 -33.56 -24.83 26.80
CA GLY D 242 -34.88 -24.38 26.30
C GLY D 242 -34.87 -23.86 24.86
N GLU D 243 -36.05 -23.42 24.40
CA GLU D 243 -36.21 -22.84 23.10
C GLU D 243 -36.04 -21.32 23.22
N SER D 244 -35.46 -20.73 22.17
CA SER D 244 -35.23 -19.26 22.13
C SER D 244 -35.64 -18.71 20.78
N PHE D 245 -35.87 -17.41 20.76
CA PHE D 245 -36.17 -16.65 19.54
C PHE D 245 -35.68 -15.23 19.74
N MET D 246 -34.97 -14.70 18.75
CA MET D 246 -34.35 -13.40 18.78
C MET D 246 -34.94 -12.51 17.70
N ALA D 247 -35.31 -11.28 18.06
CA ALA D 247 -35.73 -10.24 17.08
C ALA D 247 -34.86 -9.00 17.27
N ILE D 248 -34.27 -8.48 16.19
CA ILE D 248 -33.36 -7.39 16.20
C ILE D 248 -33.97 -6.18 15.53
N GLY D 249 -34.07 -5.07 16.30
CA GLY D 249 -34.35 -3.73 15.71
C GLY D 249 -33.11 -3.17 15.12
N MET D 250 -33.07 -3.07 13.77
CA MET D 250 -31.85 -2.74 13.09
C MET D 250 -31.36 -1.28 13.23
N LYS D 251 -32.31 -0.36 13.45
CA LYS D 251 -32.02 1.04 13.60
C LYS D 251 -31.59 1.33 15.05
N ASP D 252 -30.57 0.63 15.51
CA ASP D 252 -30.07 0.83 16.92
C ASP D 252 -28.57 0.84 16.78
N ALA D 253 -27.94 1.95 17.06
CA ALA D 253 -26.45 2.11 17.05
C ALA D 253 -25.71 1.52 18.26
N VAL D 254 -26.43 1.14 19.29
CA VAL D 254 -25.78 0.59 20.51
C VAL D 254 -26.09 -0.91 20.65
N LEU D 255 -27.37 -1.31 20.70
CA LEU D 255 -27.71 -2.70 20.93
C LEU D 255 -28.43 -3.35 19.73
N GLY D 256 -27.98 -3.00 18.53
CA GLY D 256 -28.52 -3.49 17.28
C GLY D 256 -27.89 -4.76 16.81
N GLU D 257 -27.88 -4.99 15.50
CA GLU D 257 -27.34 -6.22 14.90
C GLU D 257 -26.02 -6.76 15.47
N ALA D 258 -25.00 -5.91 15.53
CA ALA D 258 -23.67 -6.34 15.99
C ALA D 258 -23.69 -6.91 17.37
N ALA D 259 -24.32 -6.19 18.32
CA ALA D 259 -24.48 -6.64 19.71
C ALA D 259 -25.34 -7.85 19.82
N MET D 260 -26.42 -7.93 19.02
CA MET D 260 -27.36 -9.03 19.10
C MET D 260 -26.78 -10.33 18.54
N MET D 261 -25.99 -10.20 17.45
CA MET D 261 -25.32 -11.39 16.87
C MET D 261 -24.27 -11.97 17.85
N GLN D 262 -23.56 -11.12 18.54
CA GLN D 262 -22.58 -11.54 19.57
C GLN D 262 -23.30 -12.28 20.68
N LEU D 263 -24.47 -11.74 21.09
CA LEU D 263 -25.30 -12.37 22.08
C LEU D 263 -25.78 -13.73 21.63
N LYS D 264 -26.22 -13.83 20.38
CA LYS D 264 -26.69 -15.09 19.82
C LYS D 264 -25.67 -16.23 19.97
N THR D 265 -24.39 -15.92 19.82
CA THR D 265 -23.31 -16.91 19.89
C THR D 265 -23.27 -17.58 21.28
N VAL D 266 -23.75 -16.94 22.32
CA VAL D 266 -23.71 -17.48 23.66
C VAL D 266 -25.01 -18.08 24.14
N ILE D 267 -26.08 -18.00 23.34
CA ILE D 267 -27.36 -18.63 23.60
C ILE D 267 -27.44 -19.95 22.80
N LYS D 268 -27.24 -21.07 23.47
CA LYS D 268 -27.21 -22.37 22.80
C LYS D 268 -28.58 -22.66 22.22
N GLY D 269 -28.63 -23.00 20.94
CA GLY D 269 -29.90 -23.34 20.30
C GLY D 269 -30.65 -22.15 19.68
N CYS D 270 -30.10 -20.96 19.76
CA CYS D 270 -30.83 -19.79 19.28
C CYS D 270 -30.92 -19.79 17.76
N PRO D 271 -32.14 -19.83 17.18
CA PRO D 271 -32.26 -19.90 15.73
C PRO D 271 -31.94 -18.53 15.12
N GLU D 272 -31.95 -18.53 13.79
CA GLU D 272 -31.67 -17.36 12.99
C GLU D 272 -32.57 -16.22 13.49
N PRO D 273 -31.96 -15.04 13.79
CA PRO D 273 -32.77 -13.93 14.24
C PRO D 273 -33.71 -13.34 13.19
N MET D 274 -34.86 -12.90 13.63
CA MET D 274 -35.72 -11.97 12.87
C MET D 274 -35.10 -10.59 12.89
N LYS D 275 -34.73 -10.03 11.73
CA LYS D 275 -34.12 -8.69 11.59
C LYS D 275 -35.16 -7.68 11.01
N ILE D 276 -35.58 -6.73 11.83
CA ILE D 276 -36.69 -5.80 11.47
C ILE D 276 -36.03 -4.49 11.08
N GLU D 277 -35.95 -4.22 9.77
CA GLU D 277 -35.27 -3.06 9.25
C GLU D 277 -35.84 -1.72 9.73
N GLU D 278 -37.15 -1.69 9.96
CA GLU D 278 -37.90 -0.48 10.34
C GLU D 278 -37.91 -0.21 11.84
N ALA D 279 -37.52 -1.22 12.62
CA ALA D 279 -37.55 -1.13 14.09
C ALA D 279 -36.26 -0.57 14.64
N GLY D 280 -36.39 0.20 15.73
CA GLY D 280 -35.25 0.75 16.47
C GLY D 280 -34.99 -0.06 17.74
N HIS D 281 -34.28 0.55 18.69
CA HIS D 281 -34.01 -0.06 19.98
C HIS D 281 -35.24 -0.66 20.66
N PHE D 282 -36.36 0.07 20.65
CA PHE D 282 -37.63 -0.33 21.25
C PHE D 282 -38.39 -1.25 20.29
N VAL D 283 -37.88 -2.48 20.22
CA VAL D 283 -38.36 -3.51 19.26
C VAL D 283 -39.83 -3.82 19.46
N GLN D 284 -40.31 -3.73 20.70
CA GLN D 284 -41.70 -4.08 21.06
C GLN D 284 -42.75 -3.15 20.40
N GLU D 285 -42.33 -1.95 19.97
CA GLU D 285 -43.22 -1.08 19.20
C GLU D 285 -43.49 -1.67 17.78
N TYR D 286 -42.75 -2.67 17.41
CA TYR D 286 -42.85 -3.44 16.14
C TYR D 286 -43.03 -4.91 16.50
N GLY D 287 -43.71 -5.15 17.63
CA GLY D 287 -43.64 -6.39 18.34
C GLY D 287 -44.75 -7.39 18.05
N VAL D 288 -45.79 -6.98 17.35
CA VAL D 288 -46.89 -7.96 16.97
C VAL D 288 -46.32 -9.14 16.23
N GLU D 289 -45.53 -8.88 15.20
CA GLU D 289 -44.95 -9.89 14.33
C GLU D 289 -43.86 -10.67 15.08
N VAL D 290 -43.16 -10.03 16.04
CA VAL D 290 -42.21 -10.73 16.91
C VAL D 290 -42.91 -11.76 17.77
N ALA D 291 -44.02 -11.37 18.42
CA ALA D 291 -44.81 -12.26 19.25
C ALA D 291 -45.43 -13.40 18.41
N GLU D 292 -45.95 -13.08 17.24
CA GLU D 292 -46.49 -14.09 16.31
C GLU D 292 -45.46 -15.10 15.87
N GLN D 293 -44.34 -14.63 15.40
CA GLN D 293 -43.28 -15.53 14.93
C GLN D 293 -42.60 -16.32 16.00
N ALA D 294 -42.44 -15.74 17.19
CA ALA D 294 -41.93 -16.45 18.39
C ALA D 294 -42.82 -17.66 18.70
N LEU D 295 -44.12 -17.43 18.80
CA LEU D 295 -45.09 -18.45 19.08
C LEU D 295 -45.13 -19.58 18.04
N ALA D 296 -45.01 -19.23 16.77
CA ALA D 296 -45.01 -20.18 15.64
C ALA D 296 -43.74 -21.04 15.68
N SER D 297 -42.63 -20.40 16.03
CA SER D 297 -41.33 -21.07 16.16
C SER D 297 -41.30 -22.03 17.35
N PHE D 298 -42.02 -21.71 18.39
CA PHE D 298 -42.03 -22.45 19.65
C PHE D 298 -42.90 -23.69 19.67
N THR D 299 -42.53 -24.61 20.52
CA THR D 299 -43.30 -25.79 20.74
C THR D 299 -43.94 -25.59 22.08
N ILE E 3 68.10 4.00 26.94
CA ILE E 3 67.50 2.73 26.39
C ILE E 3 68.21 2.40 25.06
N LYS E 4 68.83 1.23 24.97
CA LYS E 4 69.52 0.80 23.77
C LYS E 4 68.55 0.70 22.59
N ALA E 5 68.89 1.37 21.47
CA ALA E 5 68.01 1.48 20.30
C ALA E 5 68.80 1.77 19.04
N LEU E 6 68.18 1.49 17.91
CA LEU E 6 68.72 1.81 16.59
C LEU E 6 67.89 2.93 15.97
N ARG E 7 68.56 3.74 15.16
CA ARG E 7 67.96 4.80 14.40
C ARG E 7 68.04 4.40 12.96
N THR E 8 66.89 4.35 12.26
CA THR E 8 66.89 4.06 10.85
C THR E 8 67.69 5.08 10.04
N PRO E 9 68.69 4.63 9.24
CA PRO E 9 69.42 5.53 8.39
C PRO E 9 68.53 6.39 7.54
N GLU E 10 68.78 7.69 7.50
CA GLU E 10 67.96 8.64 6.76
C GLU E 10 67.74 8.27 5.30
N GLU E 11 68.79 7.78 4.66
CA GLU E 11 68.74 7.40 3.24
C GLU E 11 67.53 6.47 2.93
N ARG E 12 67.07 5.75 3.93
CA ARG E 12 65.86 4.91 3.80
C ARG E 12 64.62 5.70 3.46
N PHE E 13 64.59 6.98 3.82
CA PHE E 13 63.41 7.85 3.64
C PHE E 13 63.52 8.82 2.49
N SER E 14 64.57 8.65 1.63
CA SER E 14 64.84 9.58 0.55
C SER E 14 63.86 9.51 -0.62
N VAL E 15 63.10 8.40 -0.75
CA VAL E 15 62.06 8.28 -1.77
C VAL E 15 60.69 8.08 -1.12
N LEU E 16 60.00 9.19 -0.86
CA LEU E 16 58.66 9.27 -0.28
C LEU E 16 57.73 10.30 -0.96
N PRO E 17 57.53 10.19 -2.27
CA PRO E 17 56.79 11.27 -2.96
C PRO E 17 55.38 11.39 -2.51
N ALA E 18 54.72 10.30 -2.04
CA ALA E 18 53.35 10.42 -1.53
C ALA E 18 53.21 10.93 -0.07
N PHE E 19 54.34 11.31 0.59
CA PHE E 19 54.35 11.71 1.99
C PHE E 19 55.35 12.81 2.16
N PRO E 20 55.06 13.99 1.55
CA PRO E 20 56.06 15.05 1.47
C PRO E 20 56.03 16.00 2.69
N TYR E 21 55.92 15.47 3.88
CA TYR E 21 55.95 16.33 5.09
C TYR E 21 57.34 16.15 5.71
N GLN E 22 57.89 17.23 6.20
CA GLN E 22 59.14 17.21 6.99
C GLN E 22 58.79 16.73 8.41
N PRO E 23 59.46 15.66 8.88
CA PRO E 23 59.16 15.17 10.22
C PRO E 23 59.65 16.09 11.34
N ASN E 24 58.92 16.12 12.46
CA ASN E 24 59.36 16.74 13.69
C ASN E 24 59.78 15.65 14.66
N TYR E 25 60.56 16.02 15.65
CA TYR E 25 61.19 15.08 16.59
C TYR E 25 61.06 15.61 18.01
N VAL E 26 60.88 14.69 18.96
CA VAL E 26 60.96 14.99 20.40
C VAL E 26 61.79 13.89 21.06
N ASP E 27 62.85 14.26 21.77
CA ASP E 27 63.79 13.30 22.40
C ASP E 27 64.05 13.55 23.88
N ASP E 28 63.12 14.22 24.54
CA ASP E 28 63.14 14.48 25.96
C ASP E 28 61.73 14.21 26.52
N LEU E 29 61.01 13.21 25.97
CA LEU E 29 59.79 12.78 26.63
C LEU E 29 60.15 12.17 28.00
N GLY E 30 59.41 12.59 29.03
CA GLY E 30 59.62 12.09 30.39
C GLY E 30 59.57 10.58 30.53
N GLY E 31 60.67 9.97 30.95
CA GLY E 31 60.80 8.54 31.05
C GLY E 31 61.47 7.86 29.85
N TYR E 32 61.65 8.59 28.72
CA TYR E 32 62.15 7.99 27.48
C TYR E 32 63.52 8.49 27.08
N GLU E 33 64.20 9.11 28.07
CA GLU E 33 65.62 9.41 27.96
C GLU E 33 65.86 10.11 26.61
N SER E 34 66.86 9.67 25.88
N SER E 34 66.86 9.66 25.86
CA SER E 34 67.20 10.35 24.60
CA SER E 34 67.27 10.28 24.60
C SER E 34 66.51 9.68 23.40
C SER E 34 66.47 9.75 23.41
N LEU E 35 65.44 8.95 23.65
CA LEU E 35 64.76 8.16 22.56
C LEU E 35 63.95 9.15 21.84
N ARG E 36 64.22 9.26 20.51
CA ARG E 36 63.59 10.28 19.67
C ARG E 36 62.36 9.77 18.99
N MET E 37 61.23 10.47 19.17
CA MET E 37 59.98 10.13 18.55
C MET E 37 59.81 11.09 17.38
N ALA E 38 59.53 10.57 16.21
CA ALA E 38 59.16 11.34 15.00
C ALA E 38 57.63 11.54 14.94
N TYR E 39 57.18 12.72 14.51
CA TYR E 39 55.78 12.99 14.33
C TYR E 39 55.58 14.02 13.22
N ILE E 40 54.51 13.81 12.45
CA ILE E 40 54.01 14.79 11.49
C ILE E 40 53.22 15.83 12.27
N ASP E 41 53.40 17.13 11.90
CA ASP E 41 52.59 18.25 12.46
C ASP E 41 52.31 19.23 11.35
N GLU E 42 51.08 19.28 10.85
CA GLU E 42 50.69 20.05 9.62
C GLU E 42 49.41 20.80 9.92
N GLY E 43 49.18 21.88 9.18
CA GLY E 43 48.08 22.79 9.41
C GLY E 43 48.47 23.92 10.32
N ASP E 44 47.59 24.92 10.46
CA ASP E 44 47.89 26.11 11.26
C ASP E 44 47.95 25.69 12.73
N LYS E 45 49.04 26.08 13.42
CA LYS E 45 49.25 25.71 14.83
C LYS E 45 48.13 26.14 15.79
N ASP E 46 47.49 27.26 15.45
CA ASP E 46 46.34 27.82 16.18
C ASP E 46 45.00 27.35 15.61
N SER E 47 44.97 26.23 14.88
CA SER E 47 43.71 25.64 14.39
C SER E 47 42.81 25.34 15.59
N GLU E 48 41.50 25.40 15.41
CA GLU E 48 40.54 25.03 16.44
C GLU E 48 40.80 23.61 16.96
N TYR E 49 40.88 22.67 16.03
CA TYR E 49 40.91 21.23 16.31
C TYR E 49 42.22 20.60 15.83
N THR E 50 42.69 19.57 16.56
CA THR E 50 43.88 18.76 16.17
C THR E 50 43.45 17.34 15.98
N PHE E 51 43.67 16.78 14.77
CA PHE E 51 43.42 15.36 14.49
C PHE E 51 44.67 14.57 14.86
N LEU E 52 44.59 13.81 15.95
CA LEU E 52 45.72 13.04 16.46
C LEU E 52 45.54 11.62 15.86
N CYS E 53 46.42 11.28 14.89
CA CYS E 53 46.24 10.09 14.04
C CYS E 53 47.29 9.06 14.49
N LEU E 54 46.81 7.97 15.08
CA LEU E 54 47.64 6.88 15.70
C LEU E 54 47.58 5.63 14.82
N HIS E 55 48.77 5.19 14.38
CA HIS E 55 48.98 3.94 13.66
C HIS E 55 49.18 2.79 14.68
N GLY E 56 49.16 1.57 14.16
CA GLY E 56 49.53 0.35 14.91
C GLY E 56 50.57 -0.49 14.18
N GLU E 57 50.40 -1.80 14.26
CA GLU E 57 51.25 -2.83 13.69
C GLU E 57 50.99 -3.03 12.19
N PRO E 58 52.01 -3.18 11.32
CA PRO E 58 53.41 -2.79 11.47
C PRO E 58 53.70 -1.55 10.63
N THR E 59 52.95 -0.48 10.91
CA THR E 59 52.90 0.72 10.04
C THR E 59 53.61 1.90 10.66
N TRP E 60 53.35 3.12 10.13
CA TRP E 60 53.84 4.39 10.73
C TRP E 60 52.93 5.49 10.16
N SER E 61 53.25 6.75 10.43
CA SER E 61 52.41 7.92 10.04
C SER E 61 52.15 7.97 8.50
N TYR E 62 53.04 7.34 7.71
CA TYR E 62 52.82 7.16 6.26
C TYR E 62 51.45 6.60 5.91
N LEU E 63 50.94 5.74 6.80
CA LEU E 63 49.64 5.14 6.66
C LEU E 63 48.50 6.17 6.55
N TYR E 64 48.70 7.34 7.16
CA TYR E 64 47.72 8.41 7.21
C TYR E 64 47.89 9.45 6.08
N ARG E 65 48.75 9.18 5.12
CA ARG E 65 49.07 10.14 4.02
C ARG E 65 47.87 10.57 3.18
N LYS E 66 46.84 9.74 3.06
CA LYS E 66 45.68 10.05 2.24
C LYS E 66 44.66 10.86 3.07
N MET E 67 44.69 10.72 4.43
CA MET E 67 43.74 11.37 5.36
C MET E 67 44.18 12.75 5.73
N ILE E 68 45.45 12.89 6.00
CA ILE E 68 46.07 14.18 6.42
C ILE E 68 45.66 15.37 5.54
N PRO E 69 45.77 15.28 4.21
CA PRO E 69 45.39 16.42 3.37
C PRO E 69 43.92 16.81 3.44
N VAL E 70 43.04 15.83 3.69
CA VAL E 70 41.62 16.12 3.85
C VAL E 70 41.38 16.98 5.11
N PHE E 71 42.02 16.61 6.21
CA PHE E 71 41.93 17.38 7.46
C PHE E 71 42.57 18.79 7.37
N THR E 72 43.74 18.90 6.76
CA THR E 72 44.42 20.17 6.64
C THR E 72 43.73 21.10 5.60
N ASP E 73 43.13 20.52 4.56
CA ASP E 73 42.34 21.29 3.59
C ASP E 73 41.14 21.93 4.22
N ALA E 74 40.63 21.35 5.32
CA ALA E 74 39.44 21.83 5.99
C ALA E 74 39.75 22.81 7.12
N GLY E 75 41.02 23.19 7.25
CA GLY E 75 41.47 24.15 8.20
C GLY E 75 41.95 23.67 9.54
N HIS E 76 42.18 22.36 9.68
CA HIS E 76 42.59 21.77 10.97
C HIS E 76 44.07 21.43 11.01
N ARG E 77 44.56 21.18 12.22
CA ARG E 77 45.91 20.73 12.48
C ARG E 77 45.87 19.16 12.56
N VAL E 78 46.97 18.53 12.15
CA VAL E 78 47.12 17.08 12.23
C VAL E 78 48.44 16.76 12.92
N VAL E 79 48.38 15.86 13.92
CA VAL E 79 49.58 15.31 14.56
C VAL E 79 49.53 13.81 14.38
N ALA E 80 50.58 13.23 13.76
CA ALA E 80 50.61 11.79 13.46
C ALA E 80 51.98 11.28 13.89
N PRO E 81 52.09 10.72 15.11
CA PRO E 81 53.40 10.24 15.59
C PRO E 81 53.69 8.84 15.05
N ASP E 82 54.99 8.57 14.93
CA ASP E 82 55.50 7.24 14.76
C ASP E 82 55.84 6.71 16.15
N LEU E 83 55.19 5.60 16.51
CA LEU E 83 55.49 4.93 17.78
C LEU E 83 56.94 4.52 17.81
N PHE E 84 57.51 4.46 19.02
CA PHE E 84 58.83 3.90 19.19
C PHE E 84 58.83 2.46 18.62
N GLY E 85 59.87 2.11 17.85
CA GLY E 85 59.96 0.88 17.10
C GLY E 85 59.46 0.99 15.66
N PHE E 86 58.89 2.15 15.29
CA PHE E 86 58.23 2.31 13.96
C PHE E 86 58.64 3.60 13.27
N GLY E 87 58.49 3.60 11.95
CA GLY E 87 58.65 4.77 11.12
C GLY E 87 60.03 5.38 11.24
N ARG E 88 60.07 6.67 11.55
CA ARG E 88 61.34 7.38 11.71
C ARG E 88 61.76 7.51 13.17
N SER E 89 60.96 6.98 14.09
CA SER E 89 61.30 7.05 15.51
C SER E 89 62.40 6.10 15.81
N ASP E 90 63.03 6.28 16.98
CA ASP E 90 64.05 5.32 17.42
C ASP E 90 63.44 4.01 17.80
N LYS E 91 64.25 2.95 17.71
CA LYS E 91 63.77 1.55 17.83
C LYS E 91 64.55 0.76 18.89
N PRO E 92 64.02 0.67 20.13
CA PRO E 92 64.61 -0.23 21.12
C PRO E 92 64.87 -1.62 20.60
N ILE E 93 66.00 -2.21 21.02
CA ILE E 93 66.44 -3.49 20.53
C ILE E 93 66.14 -4.62 21.52
N GLU E 94 65.66 -4.31 22.72
CA GLU E 94 65.31 -5.31 23.72
C GLU E 94 63.82 -5.52 23.79
N ASP E 95 63.44 -6.78 23.66
CA ASP E 95 62.08 -7.24 23.66
C ASP E 95 61.25 -6.67 24.78
N SER E 96 61.74 -6.70 26.00
CA SER E 96 60.95 -6.35 27.20
C SER E 96 60.64 -4.88 27.35
N VAL E 97 61.35 -4.00 26.63
CA VAL E 97 61.05 -2.57 26.66
C VAL E 97 59.70 -2.28 26.09
N TYR E 98 59.33 -3.00 25.04
CA TYR E 98 57.98 -2.85 24.44
C TYR E 98 56.96 -3.54 25.28
N ASN E 99 55.91 -2.80 25.67
CA ASN E 99 54.73 -3.34 26.37
C ASN E 99 53.64 -2.26 26.29
N PHE E 100 52.44 -2.56 26.79
CA PHE E 100 51.29 -1.66 26.75
C PHE E 100 51.57 -0.32 27.42
N GLU E 101 52.16 -0.37 28.61
CA GLU E 101 52.50 0.87 29.32
C GLU E 101 53.49 1.73 28.52
N PHE E 102 54.60 1.13 28.11
CA PHE E 102 55.64 1.82 27.34
C PHE E 102 55.04 2.69 26.24
N HIS E 103 54.15 2.07 25.44
CA HIS E 103 53.53 2.75 24.29
C HIS E 103 52.52 3.82 24.71
N ARG E 104 51.61 3.44 25.61
CA ARG E 104 50.55 4.32 26.08
C ARG E 104 51.15 5.61 26.68
N ASN E 105 52.16 5.43 27.54
CA ASN E 105 52.78 6.57 28.23
C ASN E 105 53.50 7.47 27.25
N SER E 106 54.13 6.91 26.21
CA SER E 106 54.78 7.74 25.19
C SER E 106 53.82 8.68 24.54
N LEU E 107 52.59 8.20 24.29
CA LEU E 107 51.56 9.01 23.66
C LEU E 107 51.03 10.08 24.62
N ILE E 108 50.76 9.67 25.86
CA ILE E 108 50.41 10.63 26.93
C ILE E 108 51.44 11.77 27.03
N GLN E 109 52.75 11.44 27.05
CA GLN E 109 53.84 12.42 27.15
C GLN E 109 53.92 13.35 25.93
N LEU E 110 53.66 12.79 24.74
CA LEU E 110 53.67 13.58 23.48
C LEU E 110 52.54 14.57 23.53
N ILE E 111 51.36 14.09 23.94
CA ILE E 111 50.17 14.94 24.03
C ILE E 111 50.44 16.16 24.98
N GLU E 112 51.04 15.89 26.14
CA GLU E 112 51.32 16.91 27.13
C GLU E 112 52.47 17.81 26.71
N HIS E 113 53.44 17.26 25.96
CA HIS E 113 54.54 18.02 25.41
C HIS E 113 54.13 19.07 24.38
N LEU E 114 53.23 18.70 23.48
CA LEU E 114 52.67 19.65 22.48
C LEU E 114 51.44 20.40 23.01
N ASP E 115 50.98 20.03 24.20
CA ASP E 115 49.84 20.64 24.84
C ASP E 115 48.65 20.61 23.91
N LEU E 116 48.40 19.42 23.33
CA LEU E 116 47.27 19.24 22.41
C LEU E 116 45.95 19.37 23.11
N LYS E 117 45.02 20.11 22.50
CA LYS E 117 43.68 20.38 23.03
C LYS E 117 42.73 20.31 21.83
N ASN E 118 41.43 20.20 22.12
CA ASN E 118 40.42 20.02 21.06
C ASN E 118 40.84 18.88 20.06
N ILE E 119 41.10 17.72 20.64
CA ILE E 119 41.64 16.58 19.89
C ILE E 119 40.54 15.78 19.29
N VAL E 120 40.66 15.51 17.97
CA VAL E 120 39.90 14.43 17.32
C VAL E 120 40.84 13.23 17.22
N LEU E 121 40.52 12.19 18.02
CA LEU E 121 41.35 10.98 18.09
C LEU E 121 40.97 10.17 16.83
N VAL E 122 41.99 9.90 16.01
CA VAL E 122 41.85 9.00 14.85
C VAL E 122 42.74 7.78 15.11
N CYS E 123 42.16 6.59 15.14
CA CYS E 123 42.93 5.38 15.48
C CYS E 123 42.45 4.16 14.77
N GLN E 124 43.32 3.12 14.82
CA GLN E 124 43.12 1.83 14.10
C GLN E 124 44.19 0.88 14.70
N ASP E 125 43.89 -0.41 14.70
CA ASP E 125 44.78 -1.46 15.19
C ASP E 125 45.18 -1.08 16.65
N TRP E 126 46.48 -1.29 17.00
CA TRP E 126 47.04 -0.86 18.32
C TRP E 126 46.95 0.64 18.57
N GLY E 127 46.91 1.44 17.49
CA GLY E 127 46.56 2.82 17.61
C GLY E 127 45.32 3.03 18.47
N GLY E 128 44.29 2.21 18.25
CA GLY E 128 43.10 2.21 19.07
C GLY E 128 43.22 1.46 20.37
N GLY E 129 43.82 0.23 20.32
CA GLY E 129 44.07 -0.58 21.50
C GLY E 129 44.72 0.22 22.65
N LEU E 130 45.75 1.00 22.29
CA LEU E 130 46.37 1.96 23.16
C LEU E 130 45.56 3.27 23.32
N GLY E 131 45.36 3.97 22.18
CA GLY E 131 44.79 5.31 22.15
C GLY E 131 43.41 5.49 22.77
N LEU E 132 42.52 4.49 22.55
CA LEU E 132 41.19 4.54 23.12
C LEU E 132 41.22 4.47 24.67
N THR E 133 42.35 4.07 25.26
CA THR E 133 42.49 4.05 26.72
C THR E 133 43.05 5.36 27.31
N ILE E 134 43.31 6.35 26.47
CA ILE E 134 43.93 7.61 26.92
C ILE E 134 42.96 8.72 27.37
N PRO E 135 41.85 8.93 26.60
CA PRO E 135 40.93 9.98 26.94
C PRO E 135 40.35 9.99 28.37
N MET E 136 40.14 8.80 28.96
CA MET E 136 39.65 8.63 30.31
C MET E 136 40.53 9.31 31.37
N ASP E 137 41.81 9.48 31.07
CA ASP E 137 42.75 10.11 31.95
C ASP E 137 43.16 11.52 31.47
N MET E 138 42.50 12.02 30.43
CA MET E 138 42.72 13.37 29.86
C MET E 138 41.43 13.88 29.21
N GLN E 139 40.32 13.79 29.91
CA GLN E 139 39.00 14.01 29.36
C GLN E 139 38.77 15.32 28.66
N ASP E 140 39.35 16.38 29.21
CA ASP E 140 39.20 17.76 28.70
CA ASP E 140 39.23 17.74 28.70
C ASP E 140 39.89 18.01 27.36
N ARG E 141 40.85 17.17 26.99
CA ARG E 141 41.58 17.34 25.72
C ARG E 141 41.00 16.66 24.47
N PHE E 142 40.05 15.77 24.67
CA PHE E 142 39.40 15.02 23.57
C PHE E 142 37.94 15.44 23.34
N LYS E 143 37.62 15.83 22.09
CA LYS E 143 36.28 16.29 21.65
C LYS E 143 35.55 15.28 20.75
N LYS E 144 36.28 14.63 19.82
CA LYS E 144 35.65 13.69 18.88
C LYS E 144 36.57 12.46 18.59
N LEU E 145 36.00 11.48 17.89
CA LEU E 145 36.65 10.19 17.60
C LEU E 145 36.32 9.73 16.17
N ILE E 146 37.34 9.37 15.41
CA ILE E 146 37.24 8.61 14.17
C ILE E 146 37.91 7.28 14.45
N VAL E 147 37.14 6.19 14.38
CA VAL E 147 37.61 4.84 14.74
C VAL E 147 37.46 3.90 13.53
N MET E 148 38.55 3.22 13.26
CA MET E 148 38.68 2.22 12.19
C MET E 148 39.24 0.92 12.80
N ASN E 149 39.13 -0.17 12.08
CA ASN E 149 39.40 -1.53 12.48
C ASN E 149 40.39 -1.63 13.65
N THR E 150 39.80 -1.83 14.83
CA THR E 150 40.50 -1.80 16.10
C THR E 150 39.62 -2.54 17.14
N THR E 151 40.09 -2.54 18.39
CA THR E 151 39.30 -3.08 19.50
C THR E 151 39.83 -2.48 20.81
N ILE E 152 39.04 -2.56 21.87
CA ILE E 152 39.51 -2.30 23.25
C ILE E 152 39.49 -3.64 23.92
N SER E 153 40.61 -4.01 24.55
CA SER E 153 40.76 -5.29 25.21
C SER E 153 39.77 -5.41 26.37
N ASN E 154 38.99 -6.48 26.37
CA ASN E 154 37.95 -6.76 27.38
C ASN E 154 38.19 -8.09 28.11
N GLY E 155 39.24 -8.80 27.81
CA GLY E 155 39.61 -10.04 28.42
C GLY E 155 38.91 -11.30 27.86
N GLU E 156 37.96 -11.16 26.94
CA GLU E 156 37.20 -12.31 26.44
CA GLU E 156 37.20 -12.31 26.45
C GLU E 156 38.11 -13.21 25.59
N PRO E 157 37.74 -14.50 25.49
CA PRO E 157 38.62 -15.45 24.75
C PRO E 157 38.98 -14.90 23.35
N LEU E 158 40.23 -15.09 22.93
CA LEU E 158 40.65 -14.77 21.58
C LEU E 158 39.96 -15.64 20.55
N ALA E 159 39.55 -15.04 19.45
CA ALA E 159 39.13 -15.82 18.25
C ALA E 159 40.28 -16.64 17.70
N GLU E 160 39.99 -17.73 17.02
CA GLU E 160 41.03 -18.55 16.35
C GLU E 160 41.96 -17.74 15.45
N ALA E 161 41.42 -16.78 14.71
CA ALA E 161 42.22 -15.98 13.75
C ALA E 161 43.32 -15.20 14.46
N ALA E 162 43.01 -14.67 15.67
CA ALA E 162 43.95 -13.95 16.48
C ALA E 162 45.02 -14.84 17.05
N VAL E 163 44.62 -16.01 17.57
CA VAL E 163 45.56 -17.01 18.06
C VAL E 163 46.53 -17.42 16.94
N GLN E 164 45.99 -17.68 15.74
CA GLN E 164 46.78 -18.06 14.53
C GLN E 164 47.76 -16.97 14.16
N TRP E 165 47.31 -15.72 14.20
CA TRP E 165 48.18 -14.55 14.00
C TRP E 165 49.34 -14.51 14.98
N MET E 166 49.09 -14.75 16.27
CA MET E 166 50.16 -14.77 17.25
C MET E 166 51.15 -15.88 16.96
N ALA E 167 50.63 -17.08 16.69
CA ALA E 167 51.52 -18.26 16.43
C ALA E 167 52.35 -18.07 15.13
N PHE E 168 51.75 -17.48 14.11
CA PHE E 168 52.43 -17.08 12.84
C PHE E 168 53.65 -16.21 13.13
N ASN E 169 53.44 -15.13 13.88
CA ASN E 169 54.52 -14.21 14.20
C ASN E 169 55.59 -14.82 15.07
N GLU E 170 55.22 -15.85 15.85
CA GLU E 170 56.20 -16.63 16.63
C GLU E 170 57.06 -17.53 15.78
N THR E 171 56.44 -18.17 14.79
CA THR E 171 57.08 -19.21 13.95
C THR E 171 58.00 -18.67 12.87
N ILE E 172 57.63 -17.52 12.27
CA ILE E 172 58.42 -16.93 11.20
C ILE E 172 59.76 -16.28 11.64
N SER E 173 60.67 -16.13 10.70
CA SER E 173 61.93 -15.42 10.93
C SER E 173 61.66 -13.95 11.30
N GLU E 174 60.80 -13.31 10.52
CA GLU E 174 60.42 -11.92 10.75
C GLU E 174 59.21 -11.67 9.86
N LEU E 175 58.42 -10.65 10.23
CA LEU E 175 57.20 -10.34 9.49
C LEU E 175 57.57 -9.55 8.19
N PRO E 176 57.04 -9.95 7.02
CA PRO E 176 57.23 -9.16 5.79
C PRO E 176 56.28 -7.96 5.83
N VAL E 177 56.80 -6.79 6.21
CA VAL E 177 55.97 -5.62 6.56
C VAL E 177 55.21 -5.10 5.32
N ALA E 178 55.93 -4.78 4.26
CA ALA E 178 55.28 -4.28 3.02
C ALA E 178 54.38 -5.35 2.41
N GLY E 179 54.84 -6.60 2.45
CA GLY E 179 54.07 -7.76 2.02
C GLY E 179 52.68 -7.81 2.67
N LEU E 180 52.67 -7.70 4.01
CA LEU E 180 51.45 -7.77 4.77
C LEU E 180 50.46 -6.65 4.37
N VAL E 181 50.97 -5.44 4.32
CA VAL E 181 50.16 -4.25 4.00
C VAL E 181 49.62 -4.34 2.58
N ALA E 182 50.50 -4.71 1.63
CA ALA E 182 50.07 -4.86 0.21
C ALA E 182 49.02 -5.98 0.04
N CYS E 183 49.19 -7.11 0.73
CA CYS E 183 48.21 -8.19 0.70
C CYS E 183 46.87 -7.73 1.21
N ASP E 184 46.87 -6.91 2.26
CA ASP E 184 45.62 -6.40 2.84
C ASP E 184 44.89 -5.35 2.02
N ALA E 185 45.65 -4.43 1.44
CA ALA E 185 45.08 -3.20 0.84
C ALA E 185 44.90 -3.31 -0.69
N GLY E 186 45.45 -4.34 -1.31
CA GLY E 186 45.31 -4.58 -2.77
C GLY E 186 45.75 -3.42 -3.61
N ALA E 187 44.88 -2.97 -4.50
CA ALA E 187 45.15 -1.94 -5.47
C ALA E 187 45.38 -0.57 -4.85
N ALA E 188 45.04 -0.39 -3.57
CA ALA E 188 45.26 0.87 -2.89
C ALA E 188 46.69 1.15 -2.54
N VAL E 189 47.54 0.11 -2.64
CA VAL E 189 48.99 0.22 -2.40
C VAL E 189 49.77 -0.20 -3.65
N ASN E 190 50.75 0.66 -4.04
CA ASN E 190 51.69 0.42 -5.13
C ASN E 190 53.07 0.15 -4.62
N VAL E 191 54.05 -0.05 -5.51
CA VAL E 191 55.41 -0.45 -5.10
C VAL E 191 56.15 0.70 -4.38
N MET E 192 55.80 1.94 -4.71
CA MET E 192 56.32 3.11 -3.98
C MET E 192 55.85 3.10 -2.50
N ASP E 193 54.60 2.64 -2.30
CA ASP E 193 54.08 2.46 -0.95
C ASP E 193 54.76 1.32 -0.21
N ALA E 194 55.00 0.23 -0.91
CA ALA E 194 55.71 -0.94 -0.38
C ALA E 194 57.08 -0.55 0.10
N LEU E 195 57.76 0.30 -0.67
CA LEU E 195 59.08 0.85 -0.31
C LEU E 195 59.00 1.63 1.01
N ALA E 196 57.96 2.47 1.14
CA ALA E 196 57.72 3.26 2.34
C ALA E 196 57.47 2.42 3.57
N TYR E 197 56.71 1.33 3.42
CA TYR E 197 56.40 0.48 4.53
C TYR E 197 57.59 -0.38 4.97
N ASP E 198 58.44 -0.81 4.02
CA ASP E 198 59.68 -1.50 4.38
C ASP E 198 60.79 -0.56 4.83
N ALA E 199 60.66 0.77 4.53
CA ALA E 199 61.75 1.76 4.78
C ALA E 199 62.28 1.79 6.22
N PRO E 200 61.38 1.68 7.25
CA PRO E 200 61.93 1.75 8.62
C PRO E 200 62.89 0.63 9.01
N PHE E 201 62.92 -0.47 8.25
CA PHE E 201 63.44 -1.78 8.72
C PHE E 201 64.46 -2.39 7.74
N PRO E 202 65.72 -1.84 7.70
CA PRO E 202 66.73 -2.47 6.87
C PRO E 202 66.97 -3.98 7.13
N ASN E 203 66.69 -4.45 8.37
CA ASN E 203 66.78 -5.87 8.72
C ASN E 203 66.06 -6.12 10.04
N LYS E 204 66.02 -7.36 10.49
CA LYS E 204 65.24 -7.75 11.62
C LYS E 204 65.68 -7.15 12.95
N ASN E 205 66.93 -6.71 13.05
CA ASN E 205 67.39 -6.02 14.25
C ASN E 205 66.60 -4.75 14.54
N TYR E 206 66.01 -4.12 13.49
CA TYR E 206 65.16 -2.96 13.59
C TYR E 206 63.66 -3.27 13.89
N LYS E 207 63.30 -4.54 13.93
CA LYS E 207 61.91 -5.04 13.96
C LYS E 207 61.45 -5.56 15.32
N VAL E 208 62.20 -5.27 16.38
CA VAL E 208 61.83 -5.77 17.71
C VAL E 208 60.45 -5.33 18.12
N GLY E 209 60.13 -4.02 17.87
CA GLY E 209 58.74 -3.52 18.12
C GLY E 209 57.67 -4.22 17.27
N VAL E 210 58.00 -4.48 16.02
CA VAL E 210 57.13 -5.24 15.08
C VAL E 210 56.87 -6.66 15.61
N LYS E 211 57.94 -7.32 16.08
CA LYS E 211 57.83 -8.64 16.71
C LYS E 211 56.98 -8.62 17.97
N ARG E 212 57.10 -7.55 18.77
CA ARG E 212 56.47 -7.53 20.06
C ARG E 212 54.97 -7.28 20.09
N PHE E 213 54.47 -6.52 19.09
CA PHE E 213 53.02 -6.22 19.07
C PHE E 213 52.13 -7.44 19.08
N PRO E 214 52.34 -8.43 18.18
CA PRO E 214 51.53 -9.65 18.25
C PRO E 214 51.64 -10.36 19.62
N GLN E 215 52.81 -10.37 20.20
CA GLN E 215 53.01 -11.01 21.53
C GLN E 215 52.24 -10.29 22.63
N MET E 216 51.95 -8.99 22.43
CA MET E 216 51.28 -8.15 23.41
C MET E 216 49.76 -8.35 23.44
N ILE E 217 49.18 -9.01 22.42
CA ILE E 217 47.74 -9.23 22.38
C ILE E 217 47.39 -10.01 23.67
N PRO E 218 46.44 -9.49 24.46
CA PRO E 218 46.05 -10.20 25.69
C PRO E 218 45.24 -11.48 25.36
N THR E 219 45.54 -12.55 26.03
CA THR E 219 44.87 -13.89 25.84
C THR E 219 43.71 -14.22 26.87
N ASN E 220 43.66 -13.43 27.96
CA ASN E 220 42.70 -13.45 29.01
C ASN E 220 42.70 -12.03 29.72
N ALA E 221 41.90 -11.92 30.78
CA ALA E 221 41.72 -10.72 31.56
C ALA E 221 42.86 -10.20 32.36
N ASP E 222 43.86 -11.06 32.54
CA ASP E 222 45.04 -10.74 33.32
C ASP E 222 46.16 -10.11 32.50
N ASP E 223 45.92 -8.89 32.04
CA ASP E 223 46.93 -8.12 31.25
C ASP E 223 46.68 -6.62 31.42
N ASP E 224 47.70 -5.81 31.44
CA ASP E 224 47.60 -4.36 31.45
C ASP E 224 46.61 -3.78 30.39
N ALA E 225 46.68 -4.38 29.18
CA ALA E 225 45.83 -3.98 28.04
C ALA E 225 44.37 -4.04 28.44
N VAL E 226 44.02 -5.07 29.20
CA VAL E 226 42.64 -5.36 29.65
C VAL E 226 42.26 -4.51 30.88
N LYS E 227 43.18 -4.38 31.82
CA LYS E 227 43.00 -3.46 32.99
C LYS E 227 42.62 -2.05 32.51
N TYR E 228 43.47 -1.44 31.67
CA TYR E 228 43.15 -0.21 31.00
C TYR E 228 41.90 -0.26 30.15
N GLY E 229 41.81 -1.37 29.41
CA GLY E 229 40.72 -1.62 28.47
C GLY E 229 39.34 -1.53 29.09
N LEU E 230 39.16 -2.23 30.20
CA LEU E 230 37.83 -2.28 30.88
C LEU E 230 37.44 -0.92 31.45
N ARG E 231 38.41 -0.16 31.96
CA ARG E 231 38.18 1.23 32.36
C ARG E 231 37.74 2.14 31.16
N ALA E 232 38.35 1.86 29.99
CA ALA E 232 38.07 2.67 28.81
C ALA E 232 36.66 2.42 28.29
N ILE E 233 36.26 1.16 28.29
CA ILE E 233 34.91 0.72 27.92
C ILE E 233 33.87 1.44 28.80
N GLU E 234 34.17 1.60 30.08
CA GLU E 234 33.29 2.35 30.98
C GLU E 234 33.25 3.83 30.57
N PHE E 235 34.42 4.39 30.24
CA PHE E 235 34.52 5.79 29.82
C PHE E 235 33.68 6.07 28.56
N TRP E 236 33.82 5.24 27.50
CA TRP E 236 33.13 5.47 26.21
C TRP E 236 31.63 5.22 26.34
N SER E 237 31.28 4.29 27.22
CA SER E 237 29.87 3.95 27.47
C SER E 237 29.12 4.96 28.36
N ASN E 238 29.78 5.56 29.35
CA ASN E 238 29.08 6.37 30.37
C ASN E 238 29.51 7.83 30.51
N GLU E 239 30.80 8.11 30.29
CA GLU E 239 31.33 9.44 30.55
C GLU E 239 31.54 10.24 29.27
N TRP E 240 32.01 9.59 28.19
CA TRP E 240 32.11 10.22 26.89
C TRP E 240 30.84 10.93 26.44
N SER E 241 30.95 12.18 26.01
CA SER E 241 29.78 12.94 25.49
C SER E 241 30.07 13.59 24.14
N GLY E 242 31.18 13.18 23.49
CA GLY E 242 31.59 13.74 22.17
C GLY E 242 30.95 13.09 20.96
N GLU E 243 31.31 13.54 19.76
CA GLU E 243 30.88 12.98 18.53
C GLU E 243 31.84 11.90 18.05
N SER E 244 31.32 10.87 17.40
CA SER E 244 32.14 9.77 16.91
C SER E 244 31.70 9.29 15.52
N PHE E 245 32.65 8.74 14.77
CA PHE E 245 32.41 8.21 13.41
C PHE E 245 33.26 6.96 13.25
N MET E 246 32.63 5.88 12.79
CA MET E 246 33.26 4.58 12.63
C MET E 246 33.29 4.20 11.18
N ALA E 247 34.45 3.76 10.69
CA ALA E 247 34.59 3.21 9.31
C ALA E 247 35.20 1.81 9.41
N ILE E 248 34.56 0.81 8.82
CA ILE E 248 34.93 -0.57 8.94
C ILE E 248 35.46 -1.07 7.57
N GLY E 249 36.72 -1.55 7.58
CA GLY E 249 37.25 -2.34 6.45
C GLY E 249 36.79 -3.73 6.52
N MET E 250 35.92 -4.12 5.56
CA MET E 250 35.21 -5.40 5.65
C MET E 250 36.06 -6.64 5.43
N LYS E 251 37.13 -6.50 4.67
CA LYS E 251 38.03 -7.62 4.33
C LYS E 251 39.05 -7.79 5.47
N ASP E 252 38.57 -7.93 6.70
CA ASP E 252 39.42 -8.13 7.87
C ASP E 252 38.81 -9.29 8.65
N ALA E 253 39.49 -10.41 8.71
CA ALA E 253 39.11 -11.59 9.45
C ALA E 253 39.25 -11.52 10.99
N VAL E 254 39.98 -10.53 11.48
CA VAL E 254 40.22 -10.39 12.91
C VAL E 254 39.44 -9.18 13.50
N LEU E 255 39.68 -7.96 12.99
CA LEU E 255 39.12 -6.77 13.56
C LEU E 255 38.16 -6.05 12.57
N GLY E 256 37.38 -6.85 11.84
CA GLY E 256 36.41 -6.39 10.88
C GLY E 256 35.08 -6.15 11.44
N GLU E 257 34.02 -6.44 10.68
CA GLU E 257 32.64 -6.05 11.02
C GLU E 257 32.17 -6.54 12.41
N ALA E 258 32.43 -7.78 12.73
CA ALA E 258 31.98 -8.37 14.01
C ALA E 258 32.58 -7.68 15.21
N ALA E 259 33.92 -7.50 15.17
CA ALA E 259 34.64 -6.83 16.27
C ALA E 259 34.28 -5.33 16.34
N MET E 260 34.08 -4.69 15.19
CA MET E 260 33.76 -3.27 15.15
C MET E 260 32.32 -2.98 15.66
N MET E 261 31.39 -3.87 15.33
CA MET E 261 30.00 -3.71 15.78
C MET E 261 29.92 -3.88 17.33
N GLN E 262 30.69 -4.82 17.89
CA GLN E 262 30.79 -5.03 19.32
C GLN E 262 31.33 -3.77 19.99
N LEU E 263 32.37 -3.18 19.38
CA LEU E 263 32.94 -1.94 19.81
C LEU E 263 31.95 -0.81 19.76
N LYS E 264 31.17 -0.69 18.69
CA LYS E 264 30.18 0.35 18.55
C LYS E 264 29.20 0.40 19.73
N THR E 265 28.84 -0.76 20.27
CA THR E 265 27.87 -0.88 21.37
C THR E 265 28.38 -0.16 22.61
N VAL E 266 29.69 0.00 22.79
CA VAL E 266 30.24 0.62 23.97
C VAL E 266 30.64 2.07 23.81
N ILE E 267 30.50 2.61 22.60
CA ILE E 267 30.72 4.01 22.31
C ILE E 267 29.37 4.74 22.28
N LYS E 268 29.08 5.49 23.33
CA LYS E 268 27.79 6.22 23.44
C LYS E 268 27.72 7.25 22.33
N GLY E 269 26.66 7.27 21.55
CA GLY E 269 26.51 8.25 20.48
C GLY E 269 27.08 7.84 19.13
N CYS E 270 27.67 6.66 19.02
CA CYS E 270 28.32 6.26 17.77
C CYS E 270 27.30 6.01 16.68
N PRO E 271 27.33 6.79 15.56
CA PRO E 271 26.33 6.58 14.51
C PRO E 271 26.61 5.31 13.73
N GLU E 272 25.70 5.03 12.79
CA GLU E 272 25.85 3.96 11.86
C GLU E 272 27.21 3.93 11.24
N PRO E 273 27.93 2.79 11.31
CA PRO E 273 29.26 2.73 10.67
C PRO E 273 29.25 2.79 9.16
N MET E 274 30.22 3.45 8.59
CA MET E 274 30.60 3.37 7.16
C MET E 274 31.28 2.05 6.92
N LYS E 275 30.70 1.18 6.09
CA LYS E 275 31.23 -0.19 5.80
C LYS E 275 31.84 -0.23 4.37
N ILE E 276 33.16 -0.36 4.30
CA ILE E 276 33.90 -0.23 3.02
C ILE E 276 34.24 -1.66 2.58
N GLU E 277 33.47 -2.15 1.59
CA GLU E 277 33.63 -3.54 1.11
C GLU E 277 35.00 -3.81 0.49
N GLU E 278 35.61 -2.82 -0.08
CA GLU E 278 36.97 -2.99 -0.76
C GLU E 278 38.16 -2.84 0.19
N ALA E 279 37.90 -2.33 1.40
CA ALA E 279 38.96 -2.03 2.38
C ALA E 279 39.25 -3.26 3.25
N GLY E 280 40.54 -3.40 3.60
CA GLY E 280 40.95 -4.45 4.56
C GLY E 280 41.21 -3.83 5.94
N HIS E 281 42.00 -4.51 6.76
CA HIS E 281 42.40 -4.06 8.07
C HIS E 281 42.95 -2.61 8.05
N PHE E 282 43.80 -2.29 7.08
CA PHE E 282 44.37 -0.98 6.93
C PHE E 282 43.42 -0.03 6.21
N VAL E 283 42.42 0.38 6.97
CA VAL E 283 41.29 1.21 6.45
C VAL E 283 41.75 2.53 5.86
N GLN E 284 42.86 3.09 6.38
CA GLN E 284 43.38 4.38 5.94
C GLN E 284 43.89 4.39 4.51
N GLU E 285 44.18 3.19 3.95
CA GLU E 285 44.51 3.08 2.52
C GLU E 285 43.31 3.37 1.64
N TYR E 286 42.12 3.41 2.25
CA TYR E 286 40.82 3.73 1.62
C TYR E 286 40.22 4.92 2.37
N GLY E 287 41.09 5.81 2.85
CA GLY E 287 40.77 6.73 3.91
C GLY E 287 40.34 8.14 3.47
N VAL E 288 40.45 8.47 2.17
CA VAL E 288 40.00 9.77 1.67
C VAL E 288 38.51 9.97 2.00
N GLU E 289 37.70 8.99 1.65
CA GLU E 289 36.28 9.01 1.82
C GLU E 289 35.88 8.93 3.30
N VAL E 290 36.70 8.22 4.12
CA VAL E 290 36.50 8.18 5.56
C VAL E 290 36.68 9.55 6.18
N ALA E 291 37.78 10.25 5.82
CA ALA E 291 38.06 11.59 6.30
C ALA E 291 36.97 12.59 5.85
N GLU E 292 36.59 12.52 4.58
CA GLU E 292 35.49 13.36 4.06
C GLU E 292 34.19 13.16 4.76
N GLN E 293 33.75 11.92 4.90
CA GLN E 293 32.48 11.64 5.56
C GLN E 293 32.46 11.91 7.04
N ALA E 294 33.59 11.68 7.73
CA ALA E 294 33.75 12.03 9.15
C ALA E 294 33.51 13.52 9.37
N LEU E 295 34.21 14.33 8.58
CA LEU E 295 34.10 15.78 8.66
C LEU E 295 32.66 16.30 8.38
N ALA E 296 31.98 15.72 7.41
CA ALA E 296 30.62 16.09 7.03
C ALA E 296 29.62 15.71 8.15
N SER E 297 29.88 14.54 8.76
CA SER E 297 29.10 14.06 9.91
C SER E 297 29.27 14.92 11.16
N PHE E 298 30.43 15.55 11.30
CA PHE E 298 30.81 16.30 12.50
C PHE E 298 30.34 17.76 12.48
N THR E 299 30.03 18.31 13.62
CA THR E 299 29.89 19.75 13.84
C THR E 299 31.11 20.29 14.50
N MET E 300 31.79 21.23 13.84
CA MET E 300 33.03 21.81 14.29
C MET E 300 32.96 23.34 14.37
N THR F 2 8.73 9.77 -41.29
CA THR F 2 9.20 9.83 -39.86
C THR F 2 9.85 8.48 -39.50
N ILE F 3 11.05 8.50 -38.89
CA ILE F 3 11.77 7.25 -38.50
C ILE F 3 11.04 6.60 -37.32
N LYS F 4 10.57 5.37 -37.49
CA LYS F 4 9.91 4.61 -36.41
C LYS F 4 10.93 4.40 -35.27
N ALA F 5 10.55 4.78 -34.06
CA ALA F 5 11.46 4.78 -32.89
C ALA F 5 10.66 4.74 -31.59
N LEU F 6 11.32 4.29 -30.53
CA LEU F 6 10.81 4.31 -29.18
C LEU F 6 11.54 5.37 -28.38
N ARG F 7 10.85 5.98 -27.44
CA ARG F 7 11.37 6.94 -26.51
C ARG F 7 11.33 6.26 -25.16
N THR F 8 12.50 6.15 -24.50
CA THR F 8 12.52 5.61 -23.15
C THR F 8 11.70 6.47 -22.19
N PRO F 9 10.74 5.87 -21.45
CA PRO F 9 9.97 6.61 -20.46
C PRO F 9 10.88 7.33 -19.49
N GLU F 10 10.50 8.59 -19.18
CA GLU F 10 11.31 9.50 -18.34
C GLU F 10 11.54 8.92 -16.95
N GLU F 11 10.56 8.15 -16.40
CA GLU F 11 10.69 7.59 -15.08
C GLU F 11 11.95 6.67 -14.95
N ARG F 12 12.41 6.12 -16.07
CA ARG F 12 13.68 5.34 -16.10
C ARG F 12 14.88 6.10 -15.60
N PHE F 13 14.84 7.44 -15.74
CA PHE F 13 15.98 8.32 -15.42
C PHE F 13 15.83 9.08 -14.12
N SER F 14 14.83 8.72 -13.30
CA SER F 14 14.48 9.50 -12.11
C SER F 14 15.49 9.28 -10.95
N VAL F 15 16.29 8.23 -10.97
CA VAL F 15 17.29 7.94 -9.94
C VAL F 15 18.69 7.89 -10.61
N LEU F 16 19.36 9.02 -10.66
CA LEU F 16 20.67 9.27 -11.22
C LEU F 16 21.52 10.22 -10.33
N PRO F 17 21.78 9.83 -9.09
CA PRO F 17 22.44 10.82 -8.21
C PRO F 17 23.85 11.10 -8.63
N ALA F 18 24.56 10.17 -9.35
CA ALA F 18 25.89 10.41 -9.82
C ALA F 18 25.98 11.24 -11.16
N PHE F 19 24.84 11.69 -11.69
CA PHE F 19 24.78 12.33 -13.00
C PHE F 19 23.68 13.38 -12.97
N PRO F 20 23.91 14.44 -12.17
CA PRO F 20 22.82 15.39 -11.87
C PRO F 20 22.81 16.55 -12.88
N TYR F 21 22.92 16.27 -14.16
CA TYR F 21 22.80 17.30 -15.20
C TYR F 21 21.39 17.23 -15.76
N GLN F 22 20.77 18.36 -16.03
CA GLN F 22 19.53 18.42 -16.83
C GLN F 22 19.87 18.21 -18.30
N PRO F 23 19.30 17.16 -18.96
CA PRO F 23 19.66 16.93 -20.35
C PRO F 23 19.07 17.94 -21.31
N ASN F 24 19.80 18.19 -22.40
CA ASN F 24 19.31 19.02 -23.50
C ASN F 24 18.90 18.12 -24.64
N TYR F 25 18.05 18.62 -25.50
CA TYR F 25 17.46 17.84 -26.60
C TYR F 25 17.50 18.65 -27.89
N VAL F 26 17.72 17.94 -28.99
CA VAL F 26 17.58 18.50 -30.34
C VAL F 26 16.80 17.49 -31.18
N ASP F 27 15.71 17.95 -31.83
CA ASP F 27 14.90 17.07 -32.68
C ASP F 27 14.69 17.54 -34.14
N ASP F 28 15.56 18.44 -34.60
CA ASP F 28 15.49 18.95 -35.94
C ASP F 28 16.91 18.95 -36.55
N LEU F 29 17.69 17.92 -36.26
CA LEU F 29 18.92 17.72 -36.99
C LEU F 29 18.57 17.37 -38.42
N GLY F 30 19.25 18.02 -39.37
CA GLY F 30 19.05 17.75 -40.81
C GLY F 30 19.17 16.29 -41.21
N GLY F 31 18.08 15.73 -41.71
CA GLY F 31 18.01 14.33 -42.07
C GLY F 31 17.35 13.44 -41.01
N TYR F 32 17.25 13.89 -39.78
CA TYR F 32 16.80 13.09 -38.62
C TYR F 32 15.54 13.70 -38.03
N GLU F 33 14.79 14.45 -38.85
CA GLU F 33 13.71 15.31 -38.38
C GLU F 33 12.81 14.50 -37.42
N SER F 34 12.55 15.08 -36.24
CA SER F 34 11.70 14.56 -35.20
C SER F 34 12.34 13.48 -34.34
N LEU F 35 13.45 12.87 -34.76
CA LEU F 35 14.24 11.97 -33.87
C LEU F 35 14.96 12.86 -32.91
N ARG F 36 14.71 12.70 -31.62
CA ARG F 36 15.27 13.59 -30.57
C ARG F 36 16.59 13.01 -30.00
N MET F 37 17.66 13.80 -30.07
CA MET F 37 18.94 13.44 -29.53
C MET F 37 19.10 14.17 -28.21
N ALA F 38 19.45 13.44 -27.16
CA ALA F 38 19.78 13.99 -25.84
C ALA F 38 21.28 14.29 -25.74
N TYR F 39 21.66 15.38 -25.07
CA TYR F 39 23.06 15.68 -24.85
C TYR F 39 23.23 16.50 -23.58
N ILE F 40 24.32 16.23 -22.88
CA ILE F 40 24.77 17.06 -21.75
C ILE F 40 25.47 18.27 -22.33
N ASP F 41 25.26 19.45 -21.77
CA ASP F 41 25.96 20.72 -22.13
C ASP F 41 26.19 21.51 -20.84
N GLU F 42 27.44 21.54 -20.34
CA GLU F 42 27.80 22.11 -19.03
C GLU F 42 29.03 22.97 -19.19
N GLY F 43 29.22 23.93 -18.28
CA GLY F 43 30.27 24.94 -18.38
C GLY F 43 29.71 26.17 -19.13
N ASP F 44 30.47 27.27 -19.07
CA ASP F 44 30.08 28.51 -19.73
C ASP F 44 30.13 28.31 -21.22
N LYS F 45 29.09 28.73 -21.94
CA LYS F 45 29.08 28.59 -23.39
C LYS F 45 30.30 29.27 -24.02
N ASP F 46 30.66 30.44 -23.50
CA ASP F 46 31.81 31.21 -23.98
C ASP F 46 33.16 30.72 -23.46
N SER F 47 33.22 29.49 -22.94
CA SER F 47 34.49 28.85 -22.56
C SER F 47 35.41 28.82 -23.76
N GLU F 48 36.71 28.88 -23.52
CA GLU F 48 37.75 28.81 -24.59
C GLU F 48 37.53 27.50 -25.43
N TYR F 49 37.46 26.37 -24.72
CA TYR F 49 37.49 25.04 -25.31
C TYR F 49 36.23 24.27 -24.96
N THR F 50 35.77 23.37 -25.85
CA THR F 50 34.63 22.46 -25.61
C THR F 50 35.12 21.03 -25.71
N PHE F 51 34.94 20.26 -24.64
CA PHE F 51 35.27 18.81 -24.65
C PHE F 51 34.04 18.03 -25.16
N LEU F 52 34.16 17.48 -26.36
CA LEU F 52 33.07 16.73 -27.00
C LEU F 52 33.33 15.25 -26.68
N CYS F 53 32.50 14.69 -25.78
CA CYS F 53 32.75 13.37 -25.16
C CYS F 53 31.77 12.40 -25.79
N LEU F 54 32.29 11.46 -26.58
CA LEU F 54 31.52 10.47 -27.38
C LEU F 54 31.64 9.09 -26.77
N HIS F 55 30.50 8.51 -26.42
CA HIS F 55 30.38 7.13 -25.94
C HIS F 55 30.26 6.16 -27.12
N GLY F 56 30.36 4.85 -26.85
CA GLY F 56 30.11 3.76 -27.80
C GLY F 56 29.12 2.74 -27.27
N GLU F 57 29.41 1.49 -27.63
CA GLU F 57 28.58 0.30 -27.22
C GLU F 57 28.85 -0.13 -25.78
N PRO F 58 27.86 -0.51 -24.96
CA PRO F 58 26.42 -0.18 -25.03
C PRO F 58 26.07 0.87 -23.99
N THR F 59 26.76 2.01 -24.08
CA THR F 59 26.77 3.01 -22.98
C THR F 59 25.98 4.26 -23.41
N TRP F 60 26.15 5.38 -22.67
CA TRP F 60 25.61 6.67 -22.98
C TRP F 60 26.46 7.70 -22.21
N SER F 61 26.03 8.98 -22.19
CA SER F 61 26.79 10.10 -21.61
C SER F 61 27.10 9.88 -20.11
N TYR F 62 26.26 9.06 -19.43
CA TYR F 62 26.50 8.64 -18.06
C TYR F 62 27.92 8.11 -17.83
N LEU F 63 28.47 7.45 -18.86
CA LEU F 63 29.81 6.91 -18.82
C LEU F 63 30.90 8.00 -18.50
N TYR F 64 30.60 9.24 -18.90
CA TYR F 64 31.49 10.39 -18.76
C TYR F 64 31.32 11.17 -17.45
N ARG F 65 30.44 10.71 -16.58
CA ARG F 65 30.14 11.38 -15.31
C ARG F 65 31.31 11.71 -14.39
N LYS F 66 32.38 10.91 -14.43
CA LYS F 66 33.50 11.14 -13.56
C LYS F 66 34.46 12.20 -14.21
N MET F 67 34.46 12.29 -15.56
CA MET F 67 35.36 13.15 -16.35
C MET F 67 34.82 14.56 -16.49
N ILE F 68 33.52 14.67 -16.73
CA ILE F 68 32.84 15.95 -16.92
C ILE F 68 33.19 17.01 -15.84
N PRO F 69 33.07 16.67 -14.55
CA PRO F 69 33.38 17.69 -13.51
C PRO F 69 34.84 18.16 -13.50
N VAL F 70 35.76 17.31 -13.92
CA VAL F 70 37.17 17.72 -14.03
C VAL F 70 37.35 18.80 -15.10
N PHE F 71 36.72 18.60 -16.26
CA PHE F 71 36.76 19.59 -17.35
C PHE F 71 36.03 20.91 -17.02
N THR F 72 34.85 20.83 -16.42
CA THR F 72 34.09 22.01 -16.05
C THR F 72 34.74 22.79 -14.88
N ASP F 73 35.38 22.08 -13.95
CA ASP F 73 36.12 22.70 -12.86
C ASP F 73 37.29 23.52 -13.38
N ALA F 74 37.83 23.18 -14.56
CA ALA F 74 38.97 23.84 -15.13
C ALA F 74 38.62 24.98 -16.06
N GLY F 75 37.32 25.29 -16.13
CA GLY F 75 36.82 26.44 -16.84
C GLY F 75 36.36 26.17 -18.27
N HIS F 76 36.18 24.88 -18.64
CA HIS F 76 35.79 24.52 -19.98
C HIS F 76 34.33 24.10 -20.08
N ARG F 77 33.87 24.03 -21.33
CA ARG F 77 32.53 23.55 -21.67
C ARG F 77 32.64 22.05 -22.02
N VAL F 78 31.59 21.29 -21.75
CA VAL F 78 31.53 19.85 -22.11
C VAL F 78 30.22 19.59 -22.82
N VAL F 79 30.29 18.91 -23.96
CA VAL F 79 29.10 18.44 -24.69
C VAL F 79 29.26 16.90 -24.77
N ALA F 80 28.27 16.16 -24.26
CA ALA F 80 28.30 14.69 -24.24
C ALA F 80 26.97 14.17 -24.76
N PRO F 81 26.88 13.84 -26.04
CA PRO F 81 25.59 13.38 -26.61
C PRO F 81 25.38 11.90 -26.36
N ASP F 82 24.10 11.53 -26.28
CA ASP F 82 23.66 10.17 -26.37
C ASP F 82 23.36 9.89 -27.85
N LEU F 83 24.06 8.91 -28.44
CA LEU F 83 23.80 8.47 -29.80
C LEU F 83 22.36 7.99 -29.90
N PHE F 84 21.76 8.14 -31.09
CA PHE F 84 20.47 7.55 -31.35
C PHE F 84 20.59 6.01 -31.08
N GLY F 85 19.59 5.44 -30.38
CA GLY F 85 19.59 4.09 -29.89
C GLY F 85 20.11 3.94 -28.46
N PHE F 86 20.61 5.05 -27.86
CA PHE F 86 21.28 4.98 -26.54
C PHE F 86 20.82 6.11 -25.62
N GLY F 87 21.02 5.87 -24.32
CA GLY F 87 20.78 6.85 -23.27
C GLY F 87 19.37 7.38 -23.27
N ARG F 88 19.26 8.67 -23.30
CA ARG F 88 18.03 9.37 -23.34
C ARG F 88 17.53 9.76 -24.74
N SER F 89 18.27 9.42 -25.79
CA SER F 89 17.91 9.75 -27.18
C SER F 89 16.85 8.79 -27.64
N ASP F 90 16.17 9.15 -28.72
CA ASP F 90 15.21 8.24 -29.33
C ASP F 90 15.90 7.06 -29.97
N LYS F 91 15.16 5.95 -30.07
CA LYS F 91 15.72 4.63 -30.45
C LYS F 91 14.98 4.04 -31.66
N PRO F 92 15.50 4.21 -32.89
CA PRO F 92 14.95 3.49 -34.04
C PRO F 92 14.77 2.00 -33.81
N ILE F 93 13.68 1.43 -34.35
CA ILE F 93 13.34 0.07 -34.15
C ILE F 93 13.68 -0.83 -35.32
N GLU F 94 14.10 -0.25 -36.44
CA GLU F 94 14.52 -1.04 -37.62
C GLU F 94 16.03 -1.17 -37.71
N ASP F 95 16.53 -2.40 -37.80
CA ASP F 95 17.97 -2.67 -37.83
C ASP F 95 18.76 -1.97 -38.93
N SER F 96 18.15 -1.78 -40.09
CA SER F 96 18.86 -1.15 -41.21
C SER F 96 19.12 0.32 -41.06
N VAL F 97 18.38 0.99 -40.19
CA VAL F 97 18.56 2.44 -39.97
C VAL F 97 19.92 2.68 -39.34
N TYR F 98 20.34 1.81 -38.43
CA TYR F 98 21.65 1.94 -37.79
C TYR F 98 22.73 1.46 -38.74
N ASN F 99 23.72 2.32 -38.98
CA ASN F 99 24.92 1.98 -39.77
C ASN F 99 25.93 3.11 -39.46
N PHE F 100 27.15 2.99 -40.01
CA PHE F 100 28.24 3.92 -39.76
C PHE F 100 27.88 5.33 -40.20
N GLU F 101 27.30 5.47 -41.40
CA GLU F 101 26.86 6.78 -41.87
C GLU F 101 25.80 7.45 -41.03
N PHE F 102 24.76 6.71 -40.64
CA PHE F 102 23.67 7.18 -39.78
C PHE F 102 24.24 7.86 -38.52
N HIS F 103 25.16 7.15 -37.83
CA HIS F 103 25.74 7.65 -36.57
C HIS F 103 26.68 8.83 -36.78
N ARG F 104 27.61 8.68 -37.73
CA ARG F 104 28.62 9.69 -38.02
C ARG F 104 27.93 11.02 -38.38
N ASN F 105 26.94 10.96 -39.28
CA ASN F 105 26.23 12.15 -39.72
C ASN F 105 25.46 12.82 -38.62
N SER F 106 24.87 12.02 -37.71
CA SER F 106 24.17 12.61 -36.53
C SER F 106 25.10 13.48 -35.71
N LEU F 107 26.34 13.03 -35.58
CA LEU F 107 27.34 13.77 -34.80
C LEU F 107 27.80 15.03 -35.53
N ILE F 108 28.09 14.87 -36.82
CA ILE F 108 28.36 16.03 -37.71
C ILE F 108 27.28 17.11 -37.61
N GLN F 109 26.00 16.70 -37.69
CA GLN F 109 24.83 17.63 -37.57
C GLN F 109 24.75 18.32 -36.23
N LEU F 110 25.03 17.55 -35.16
CA LEU F 110 25.02 18.09 -33.79
C LEU F 110 26.11 19.14 -33.67
N ILE F 111 27.29 18.81 -34.15
CA ILE F 111 28.43 19.74 -34.10
C ILE F 111 28.07 21.10 -34.81
N GLU F 112 27.48 21.00 -35.99
CA GLU F 112 27.11 22.16 -36.79
C GLU F 112 25.92 22.91 -36.18
N HIS F 113 25.01 22.18 -35.54
CA HIS F 113 23.87 22.77 -34.83
C HIS F 113 24.23 23.64 -33.64
N LEU F 114 25.19 23.16 -32.83
CA LEU F 114 25.73 23.94 -31.68
C LEU F 114 26.89 24.85 -32.10
N ASP F 115 27.33 24.74 -33.35
CA ASP F 115 28.45 25.50 -33.90
C ASP F 115 29.65 25.36 -32.99
N LEU F 116 29.98 24.11 -32.63
CA LEU F 116 31.10 23.84 -31.75
C LEU F 116 32.43 24.17 -32.37
N LYS F 117 33.29 24.86 -31.61
CA LYS F 117 34.64 25.25 -32.06
C LYS F 117 35.58 25.03 -30.91
N ASN F 118 36.88 25.03 -31.21
CA ASN F 118 37.92 24.74 -30.18
C ASN F 118 37.59 23.42 -29.44
N ILE F 119 37.40 22.37 -30.24
CA ILE F 119 36.90 21.09 -29.72
C ILE F 119 38.08 20.24 -29.24
N VAL F 120 37.98 19.74 -28.02
CA VAL F 120 38.80 18.60 -27.59
C VAL F 120 37.92 17.34 -27.73
N LEU F 121 38.29 16.48 -28.70
CA LEU F 121 37.55 15.26 -28.96
C LEU F 121 37.99 14.27 -27.86
N VAL F 122 36.99 13.80 -27.10
CA VAL F 122 37.20 12.72 -26.12
C VAL F 122 36.37 11.52 -26.60
N CYS F 123 37.00 10.38 -26.86
CA CYS F 123 36.33 9.22 -27.41
C CYS F 123 36.89 7.92 -26.90
N GLN F 124 36.12 6.84 -27.17
CA GLN F 124 36.40 5.46 -26.73
C GLN F 124 35.39 4.58 -27.47
N ASP F 125 35.77 3.32 -27.72
CA ASP F 125 34.93 2.33 -28.39
C ASP F 125 34.48 2.92 -29.76
N TRP F 126 33.23 2.72 -30.14
CA TRP F 126 32.61 3.33 -31.37
C TRP F 126 32.59 4.85 -31.30
N GLY F 127 32.60 5.44 -30.12
CA GLY F 127 32.87 6.86 -29.97
C GLY F 127 34.07 7.29 -30.77
N GLY F 128 35.14 6.51 -30.70
CA GLY F 128 36.34 6.72 -31.48
C GLY F 128 36.22 6.20 -32.92
N GLY F 129 35.72 4.98 -33.10
CA GLY F 129 35.48 4.40 -34.42
C GLY F 129 34.76 5.32 -35.37
N LEU F 130 33.69 5.95 -34.89
CA LEU F 130 33.00 7.05 -35.54
C LEU F 130 33.77 8.39 -35.47
N GLY F 131 33.93 8.89 -34.23
CA GLY F 131 34.43 10.22 -33.95
C GLY F 131 35.80 10.57 -34.54
N LEU F 132 36.74 9.61 -34.51
CA LEU F 132 38.07 9.84 -35.07
C LEU F 132 38.03 10.06 -36.57
N THR F 133 36.91 9.72 -37.24
CA THR F 133 36.77 9.95 -38.69
C THR F 133 36.14 11.29 -39.03
N ILE F 134 35.81 12.10 -38.02
CA ILE F 134 35.10 13.38 -38.23
C ILE F 134 36.03 14.59 -38.47
N PRO F 135 37.12 14.74 -37.68
CA PRO F 135 37.97 15.89 -37.83
C PRO F 135 38.56 16.17 -39.23
N MET F 136 38.84 15.11 -39.99
CA MET F 136 39.35 15.26 -41.37
C MET F 136 38.40 16.03 -42.30
N ASP F 137 37.13 16.05 -41.98
CA ASP F 137 36.14 16.78 -42.75
C ASP F 137 35.63 18.03 -42.04
N MET F 138 36.25 18.38 -40.91
CA MET F 138 35.93 19.59 -40.12
C MET F 138 37.19 20.06 -39.37
N GLN F 139 38.29 20.16 -40.09
CA GLN F 139 39.62 20.35 -39.55
C GLN F 139 39.81 21.49 -38.63
N ASP F 140 39.22 22.63 -38.96
CA ASP F 140 39.40 23.86 -38.16
C ASP F 140 38.68 23.86 -36.82
N ARG F 141 37.68 22.97 -36.65
CA ARG F 141 36.91 22.88 -35.40
C ARG F 141 37.62 22.15 -34.24
N PHE F 142 38.54 21.24 -34.57
CA PHE F 142 39.23 20.37 -33.62
C PHE F 142 40.65 20.79 -33.30
N LYS F 143 40.94 20.94 -32.01
CA LYS F 143 42.27 21.39 -31.47
C LYS F 143 43.06 20.29 -30.78
N LYS F 144 42.40 19.44 -29.97
CA LYS F 144 43.11 18.39 -29.21
C LYS F 144 42.25 17.08 -29.15
N LEU F 145 42.89 16.02 -28.67
CA LEU F 145 42.31 14.67 -28.64
C LEU F 145 42.70 13.96 -27.33
N ILE F 146 41.71 13.44 -26.62
CA ILE F 146 41.92 12.48 -25.55
C ILE F 146 41.28 11.17 -26.04
N VAL F 147 42.11 10.13 -26.14
CA VAL F 147 41.68 8.86 -26.77
C VAL F 147 41.92 7.74 -25.76
N MET F 148 40.88 6.94 -25.61
CA MET F 148 40.83 5.76 -24.74
C MET F 148 40.34 4.56 -25.58
N ASN F 149 40.57 3.35 -25.08
CA ASN F 149 40.34 2.09 -25.71
C ASN F 149 39.35 2.16 -26.91
N THR F 150 39.93 2.20 -28.10
CA THR F 150 39.25 2.44 -29.33
C THR F 150 40.17 2.00 -30.51
N THR F 151 39.68 2.19 -31.75
CA THR F 151 40.40 1.84 -32.93
C THR F 151 39.80 2.57 -34.15
N ILE F 152 40.58 2.68 -35.22
CA ILE F 152 40.06 3.19 -36.52
C ILE F 152 40.12 1.98 -37.41
N SER F 153 39.05 1.70 -38.13
CA SER F 153 38.92 0.55 -39.01
C SER F 153 39.91 0.69 -40.18
N ASN F 154 40.65 -0.38 -40.45
CA ASN F 154 41.63 -0.40 -41.56
C ASN F 154 41.41 -1.47 -42.60
N GLY F 155 40.38 -2.28 -42.43
CA GLY F 155 40.09 -3.39 -43.34
C GLY F 155 40.91 -4.70 -43.11
N GLU F 156 41.86 -4.69 -42.16
CA GLU F 156 42.71 -5.81 -41.92
C GLU F 156 41.86 -6.94 -41.26
N PRO F 157 42.30 -8.22 -41.42
CA PRO F 157 41.51 -9.32 -40.81
C PRO F 157 41.18 -9.03 -39.34
N LEU F 158 39.95 -9.40 -38.93
CA LEU F 158 39.54 -9.21 -37.53
C LEU F 158 40.29 -10.17 -36.65
N ALA F 159 40.78 -9.67 -35.49
CA ALA F 159 41.35 -10.53 -34.46
C ALA F 159 40.28 -11.50 -33.92
N GLU F 160 40.71 -12.64 -33.41
CA GLU F 160 39.77 -13.68 -32.98
C GLU F 160 38.76 -13.16 -31.90
N ALA F 161 39.25 -12.34 -30.99
CA ALA F 161 38.47 -11.75 -29.91
C ALA F 161 37.25 -10.97 -30.41
N ALA F 162 37.47 -10.20 -31.51
CA ALA F 162 36.41 -9.44 -32.13
C ALA F 162 35.41 -10.31 -32.83
N VAL F 163 35.88 -11.32 -33.57
CA VAL F 163 34.99 -12.29 -34.20
C VAL F 163 34.10 -12.99 -33.13
N GLN F 164 34.72 -13.41 -32.01
CA GLN F 164 34.02 -14.06 -30.88
C GLN F 164 32.94 -13.15 -30.29
N TRP F 165 33.32 -11.86 -30.12
CA TRP F 165 32.38 -10.84 -29.68
C TRP F 165 31.16 -10.71 -30.61
N MET F 166 31.39 -10.70 -31.94
CA MET F 166 30.31 -10.60 -32.87
C MET F 166 29.40 -11.84 -32.79
N ALA F 167 30.00 -13.03 -32.74
CA ALA F 167 29.17 -14.28 -32.70
C ALA F 167 28.36 -14.38 -31.41
N PHE F 168 28.96 -13.96 -30.28
CA PHE F 168 28.25 -13.84 -28.96
C PHE F 168 26.97 -13.01 -29.08
N ASN F 169 27.09 -11.80 -29.61
CA ASN F 169 25.97 -10.90 -29.76
C ASN F 169 24.92 -11.39 -30.72
N GLU F 170 25.34 -12.21 -31.69
CA GLU F 170 24.40 -12.88 -32.60
C GLU F 170 23.60 -14.01 -31.93
N THR F 171 24.28 -14.76 -31.10
CA THR F 171 23.73 -16.00 -30.45
C THR F 171 22.80 -15.72 -29.29
N ILE F 172 23.10 -14.68 -28.49
CA ILE F 172 22.29 -14.35 -27.32
C ILE F 172 20.92 -13.72 -27.60
N SER F 173 20.02 -13.82 -26.61
CA SER F 173 18.69 -13.18 -26.71
C SER F 173 18.84 -11.65 -26.79
N GLU F 174 19.68 -11.10 -25.91
CA GLU F 174 19.97 -9.69 -25.87
C GLU F 174 21.18 -9.53 -24.98
N LEU F 175 21.91 -8.43 -25.16
CA LEU F 175 23.12 -8.18 -24.38
C LEU F 175 22.75 -7.67 -22.96
N PRO F 176 23.34 -8.24 -21.89
CA PRO F 176 23.08 -7.74 -20.54
C PRO F 176 23.90 -6.49 -20.30
N VAL F 177 23.32 -5.31 -20.47
CA VAL F 177 24.08 -4.06 -20.59
C VAL F 177 24.84 -3.70 -19.30
N ALA F 178 24.12 -3.64 -18.19
CA ALA F 178 24.71 -3.37 -16.87
C ALA F 178 25.71 -4.43 -16.47
N GLY F 179 25.34 -5.68 -16.72
CA GLY F 179 26.25 -6.83 -16.49
C GLY F 179 27.55 -6.70 -17.16
N LEU F 180 27.54 -6.36 -18.46
CA LEU F 180 28.78 -6.24 -19.26
C LEU F 180 29.65 -5.15 -18.67
N VAL F 181 29.07 -3.97 -18.39
CA VAL F 181 29.86 -2.84 -17.88
C VAL F 181 30.41 -3.16 -16.50
N ALA F 182 29.57 -3.74 -15.62
CA ALA F 182 30.02 -4.09 -14.26
C ALA F 182 31.14 -5.15 -14.27
N CYS F 183 31.05 -6.15 -15.17
CA CYS F 183 32.08 -7.16 -15.33
C CYS F 183 33.38 -6.52 -15.75
N ASP F 184 33.31 -5.54 -16.63
CA ASP F 184 34.52 -4.83 -17.12
C ASP F 184 35.20 -3.91 -16.14
N ALA F 185 34.39 -3.15 -15.40
CA ALA F 185 34.86 -2.04 -14.58
C ALA F 185 35.04 -2.38 -13.10
N GLY F 186 34.59 -3.55 -12.68
CA GLY F 186 34.80 -4.06 -11.28
C GLY F 186 34.30 -3.09 -10.24
N ALA F 187 35.19 -2.76 -9.29
CA ALA F 187 34.86 -1.98 -8.14
C ALA F 187 34.51 -0.51 -8.49
N ALA F 188 34.83 -0.07 -9.73
CA ALA F 188 34.54 1.27 -10.15
C ALA F 188 33.07 1.51 -10.46
N VAL F 189 32.29 0.46 -10.53
CA VAL F 189 30.84 0.49 -10.79
C VAL F 189 30.09 -0.18 -9.64
N ASN F 190 29.07 0.50 -9.12
CA ASN F 190 28.17 -0.01 -8.10
C ASN F 190 26.77 -0.25 -8.69
N VAL F 191 25.80 -0.66 -7.87
CA VAL F 191 24.47 -1.04 -8.33
C VAL F 191 23.67 0.18 -8.81
N MET F 192 23.95 1.35 -8.27
CA MET F 192 23.34 2.61 -8.74
C MET F 192 23.81 2.88 -10.20
N ASP F 193 25.09 2.53 -10.50
CA ASP F 193 25.61 2.65 -11.85
C ASP F 193 24.98 1.66 -12.78
N ALA F 194 24.80 0.40 -12.30
CA ALA F 194 24.14 -0.65 -13.04
C ALA F 194 22.73 -0.25 -13.44
N LEU F 195 22.01 0.40 -12.52
CA LEU F 195 20.68 0.93 -12.76
C LEU F 195 20.69 1.95 -13.92
N ALA F 196 21.66 2.84 -13.90
CA ALA F 196 21.85 3.83 -14.94
C ALA F 196 22.14 3.24 -16.28
N TYR F 197 22.97 2.18 -16.33
CA TYR F 197 23.31 1.55 -17.58
C TYR F 197 22.16 0.74 -18.17
N ASP F 198 21.34 0.12 -17.31
CA ASP F 198 20.11 -0.61 -17.76
C ASP F 198 18.95 0.36 -18.05
N ALA F 199 19.02 1.61 -17.56
CA ALA F 199 17.89 2.57 -17.63
C ALA F 199 17.36 2.84 -19.02
N PRO F 200 18.23 2.96 -20.05
CA PRO F 200 17.67 3.23 -21.41
C PRO F 200 16.79 2.16 -21.99
N PHE F 201 16.83 0.93 -21.44
CA PHE F 201 16.36 -0.29 -22.14
C PHE F 201 15.38 -1.10 -21.26
N PRO F 202 14.12 -0.67 -21.15
CA PRO F 202 13.13 -1.51 -20.44
C PRO F 202 13.01 -2.95 -20.96
N ASN F 203 13.31 -3.18 -22.27
CA ASN F 203 13.29 -4.49 -22.90
C ASN F 203 14.02 -4.44 -24.21
N LYS F 204 14.16 -5.60 -24.87
CA LYS F 204 14.97 -5.71 -26.06
C LYS F 204 14.47 -4.90 -27.26
N ASN F 205 13.20 -4.54 -27.27
CA ASN F 205 12.67 -3.69 -28.36
C ASN F 205 13.38 -2.33 -28.42
N TYR F 206 13.93 -1.88 -27.28
CA TYR F 206 14.68 -0.64 -27.19
C TYR F 206 16.20 -0.80 -27.53
N LYS F 207 16.64 -2.04 -27.80
CA LYS F 207 18.08 -2.36 -27.92
C LYS F 207 18.52 -2.61 -29.36
N VAL F 208 17.74 -2.19 -30.36
CA VAL F 208 18.13 -2.49 -31.76
C VAL F 208 19.48 -1.83 -32.08
N GLY F 209 19.74 -0.60 -31.61
CA GLY F 209 21.06 0.03 -31.76
C GLY F 209 22.19 -0.74 -31.05
N VAL F 210 21.90 -1.24 -29.84
CA VAL F 210 22.81 -2.08 -29.08
C VAL F 210 23.15 -3.37 -29.83
N LYS F 211 22.12 -4.01 -30.42
N LYS F 211 22.12 -4.01 -30.42
CA LYS F 211 22.29 -5.19 -31.28
CA LYS F 211 22.31 -5.19 -31.26
C LYS F 211 23.11 -4.90 -32.49
C LYS F 211 23.11 -4.89 -32.50
N ARG F 212 22.91 -3.72 -33.09
CA ARG F 212 23.58 -3.42 -34.38
C ARG F 212 25.04 -3.11 -34.30
N PHE F 213 25.52 -2.53 -33.21
CA PHE F 213 26.94 -2.14 -33.11
C PHE F 213 27.91 -3.27 -33.34
N PRO F 214 27.75 -4.43 -32.63
CA PRO F 214 28.63 -5.58 -32.91
C PRO F 214 28.53 -6.04 -34.38
N GLN F 215 27.35 -6.03 -34.95
CA GLN F 215 27.18 -6.38 -36.37
C GLN F 215 27.87 -5.46 -37.33
N MET F 216 28.11 -4.24 -36.90
CA MET F 216 28.70 -3.14 -37.73
C MET F 216 30.22 -3.25 -37.80
N ILE F 217 30.85 -4.05 -36.93
CA ILE F 217 32.29 -4.21 -36.96
C ILE F 217 32.64 -4.73 -38.37
N PRO F 218 33.51 -4.01 -39.11
CA PRO F 218 33.71 -4.29 -40.50
C PRO F 218 34.46 -5.58 -40.80
N THR F 219 33.87 -6.39 -41.69
CA THR F 219 34.40 -7.65 -42.22
C THR F 219 34.80 -7.52 -43.71
N ASN F 220 34.56 -6.35 -44.33
CA ASN F 220 34.84 -6.07 -45.73
C ASN F 220 35.41 -4.68 -45.95
N ALA F 221 36.51 -4.50 -46.72
CA ALA F 221 37.19 -3.20 -46.88
C ALA F 221 36.38 -2.15 -47.64
N ASP F 222 35.25 -2.56 -48.23
CA ASP F 222 34.30 -1.66 -48.81
C ASP F 222 33.28 -1.14 -47.81
N ASP F 223 33.32 -1.56 -46.54
CA ASP F 223 32.45 -1.00 -45.50
C ASP F 223 32.79 0.47 -45.31
N ASP F 224 31.74 1.32 -45.09
CA ASP F 224 31.94 2.70 -44.78
C ASP F 224 32.96 2.94 -43.65
N ALA F 225 32.93 2.07 -42.62
CA ALA F 225 33.81 2.22 -41.45
C ALA F 225 35.28 2.26 -41.89
N VAL F 226 35.61 1.44 -42.89
CA VAL F 226 36.98 1.30 -43.39
C VAL F 226 37.31 2.40 -44.41
N LYS F 227 36.34 2.73 -45.31
CA LYS F 227 36.51 3.85 -46.23
C LYS F 227 36.86 5.15 -45.47
N TYR F 228 36.02 5.55 -44.54
CA TYR F 228 36.31 6.67 -43.65
C TYR F 228 37.54 6.44 -42.81
N GLY F 229 37.67 5.21 -42.33
CA GLY F 229 38.79 4.81 -41.48
C GLY F 229 40.15 5.09 -42.06
N LEU F 230 40.35 4.62 -43.29
CA LEU F 230 41.67 4.76 -43.96
C LEU F 230 42.04 6.23 -44.24
N ARG F 231 41.02 7.05 -44.48
CA ARG F 231 41.24 8.48 -44.71
C ARG F 231 41.56 9.17 -43.39
N ALA F 232 41.02 8.65 -42.29
CA ALA F 232 41.26 9.21 -40.95
C ALA F 232 42.69 8.96 -40.52
N ILE F 233 43.14 7.76 -40.73
CA ILE F 233 44.51 7.30 -40.47
C ILE F 233 45.51 8.24 -41.19
N GLU F 234 45.23 8.54 -42.47
CA GLU F 234 46.01 9.53 -43.22
C GLU F 234 45.98 10.92 -42.52
N PHE F 235 44.82 11.36 -42.06
CA PHE F 235 44.63 12.66 -41.43
C PHE F 235 45.47 12.76 -40.12
N TRP F 236 45.36 11.74 -39.23
CA TRP F 236 46.05 11.78 -37.92
C TRP F 236 47.56 11.64 -38.08
N SER F 237 47.96 10.89 -39.11
CA SER F 237 49.38 10.69 -39.41
C SER F 237 50.09 11.87 -40.10
N ASN F 238 49.38 12.61 -40.96
CA ASN F 238 50.03 13.62 -41.81
C ASN F 238 49.53 15.07 -41.65
N GLU F 239 48.24 15.24 -41.39
CA GLU F 239 47.63 16.56 -41.43
C GLU F 239 47.35 17.10 -40.04
N TRP F 240 46.94 16.26 -39.10
CA TRP F 240 46.77 16.63 -37.71
C TRP F 240 48.01 17.37 -37.13
N SER F 241 47.76 18.51 -36.50
CA SER F 241 48.82 19.33 -35.91
C SER F 241 48.53 19.68 -34.43
N GLY F 242 47.52 19.03 -33.84
CA GLY F 242 47.10 19.31 -32.45
C GLY F 242 47.81 18.49 -31.39
N GLU F 243 47.43 18.69 -30.13
CA GLU F 243 47.97 17.94 -29.02
C GLU F 243 47.06 16.74 -28.77
N SER F 244 47.69 15.63 -28.34
CA SER F 244 46.90 14.39 -28.02
C SER F 244 47.34 13.82 -26.70
N PHE F 245 46.46 12.99 -26.12
CA PHE F 245 46.79 12.25 -24.89
C PHE F 245 46.01 10.91 -24.97
N MET F 246 46.73 9.82 -24.69
CA MET F 246 46.12 8.48 -24.76
C MET F 246 46.12 7.82 -23.38
N ALA F 247 44.98 7.24 -22.99
CA ALA F 247 44.89 6.41 -21.75
C ALA F 247 44.37 5.02 -22.11
N ILE F 248 45.04 3.97 -21.66
CA ILE F 248 44.76 2.62 -22.03
C ILE F 248 44.28 1.86 -20.80
N GLY F 249 43.04 1.31 -20.90
CA GLY F 249 42.56 0.31 -19.92
C GLY F 249 43.13 -1.04 -20.25
N MET F 250 44.03 -1.53 -19.39
CA MET F 250 44.81 -2.72 -19.69
C MET F 250 44.05 -4.05 -19.68
N LYS F 251 42.97 -4.12 -18.90
CA LYS F 251 42.16 -5.31 -18.79
C LYS F 251 41.13 -5.34 -19.95
N ASP F 252 41.63 -5.28 -21.17
CA ASP F 252 40.76 -5.29 -22.36
C ASP F 252 41.45 -6.19 -23.35
N ALA F 253 40.85 -7.35 -23.63
CA ALA F 253 41.34 -8.33 -24.58
C ALA F 253 41.16 -8.00 -26.08
N VAL F 254 40.37 -6.98 -26.37
CA VAL F 254 40.08 -6.61 -27.77
C VAL F 254 40.71 -5.26 -28.10
N LEU F 255 40.39 -4.19 -27.36
CA LEU F 255 40.93 -2.86 -27.68
C LEU F 255 41.83 -2.29 -26.61
N GLY F 256 42.66 -3.17 -26.05
CA GLY F 256 43.62 -2.80 -24.98
C GLY F 256 44.94 -2.42 -25.51
N GLU F 257 46.02 -2.81 -24.79
CA GLU F 257 47.38 -2.26 -25.06
C GLU F 257 47.85 -2.47 -26.51
N ALA F 258 47.65 -3.66 -27.06
CA ALA F 258 48.12 -3.98 -28.40
C ALA F 258 47.47 -3.09 -29.47
N ALA F 259 46.13 -3.01 -29.41
CA ALA F 259 45.37 -2.16 -30.34
C ALA F 259 45.64 -0.69 -30.15
N MET F 260 45.83 -0.25 -28.91
CA MET F 260 46.05 1.16 -28.61
C MET F 260 47.47 1.63 -29.04
N MET F 261 48.46 0.73 -28.89
CA MET F 261 49.83 1.05 -29.35
C MET F 261 49.89 1.17 -30.88
N GLN F 262 49.14 0.30 -31.59
CA GLN F 262 49.03 0.38 -33.05
C GLN F 262 48.40 1.71 -33.44
N LEU F 263 47.36 2.11 -32.71
CA LEU F 263 46.72 3.38 -32.93
C LEU F 263 47.64 4.54 -32.71
N LYS F 264 48.42 4.50 -31.63
CA LYS F 264 49.36 5.55 -31.33
C LYS F 264 50.33 5.86 -32.49
N THR F 265 50.75 4.83 -33.20
CA THR F 265 51.68 4.96 -34.34
C THR F 265 51.12 5.88 -35.44
N VAL F 266 49.81 5.99 -35.55
CA VAL F 266 49.19 6.77 -36.61
C VAL F 266 48.72 8.14 -36.17
N ILE F 267 48.82 8.45 -34.87
CA ILE F 267 48.52 9.77 -34.32
C ILE F 267 49.84 10.55 -34.17
N LYS F 268 50.09 11.49 -35.06
CA LYS F 268 51.41 12.17 -35.12
C LYS F 268 52.11 12.69 -33.87
N GLY F 269 51.48 13.47 -33.03
CA GLY F 269 52.16 14.01 -31.84
C GLY F 269 52.04 13.16 -30.58
N CYS F 270 51.53 11.94 -30.66
CA CYS F 270 50.92 11.31 -29.49
C CYS F 270 51.98 10.93 -28.45
N PRO F 271 51.92 11.49 -27.24
CA PRO F 271 52.96 11.16 -26.21
C PRO F 271 52.71 9.79 -25.66
N GLU F 272 53.62 9.38 -24.78
CA GLU F 272 53.58 8.12 -24.07
C GLU F 272 52.17 7.97 -23.45
N PRO F 273 51.49 6.83 -23.71
CA PRO F 273 50.22 6.59 -23.10
C PRO F 273 50.25 6.39 -21.57
N MET F 274 49.22 6.87 -20.92
CA MET F 274 48.87 6.47 -19.55
C MET F 274 48.29 5.05 -19.60
N LYS F 275 48.95 4.08 -18.93
CA LYS F 275 48.47 2.66 -18.92
C LYS F 275 47.88 2.32 -17.49
N ILE F 276 46.59 2.09 -17.44
CA ILE F 276 45.87 1.95 -16.15
C ILE F 276 45.61 0.46 -15.97
N GLU F 277 46.40 -0.17 -15.09
CA GLU F 277 46.37 -1.60 -14.89
C GLU F 277 45.02 -2.12 -14.38
N GLU F 278 44.33 -1.28 -13.60
CA GLU F 278 43.04 -1.70 -12.98
C GLU F 278 41.82 -1.43 -13.86
N ALA F 279 42.01 -0.68 -14.95
CA ALA F 279 40.92 -0.29 -15.83
C ALA F 279 40.69 -1.29 -16.94
N GLY F 280 39.41 -1.46 -17.31
CA GLY F 280 39.04 -2.31 -18.45
C GLY F 280 38.72 -1.49 -19.69
N HIS F 281 37.99 -2.07 -20.62
CA HIS F 281 37.54 -1.37 -21.83
C HIS F 281 36.93 0.00 -21.56
N PHE F 282 36.04 0.08 -20.54
CA PHE F 282 35.37 1.33 -20.16
C PHE F 282 36.29 2.17 -19.28
N VAL F 283 37.25 2.78 -19.95
CA VAL F 283 38.34 3.55 -19.29
C VAL F 283 37.81 4.72 -18.46
N GLN F 284 36.68 5.29 -18.89
CA GLN F 284 36.08 6.47 -18.23
C GLN F 284 35.58 6.19 -16.80
N GLU F 285 35.37 4.89 -16.46
CA GLU F 285 35.05 4.51 -15.10
C GLU F 285 36.28 4.70 -14.15
N TYR F 286 37.44 4.91 -14.76
CA TYR F 286 38.74 5.14 -14.10
C TYR F 286 39.29 6.48 -14.61
N GLY F 287 38.35 7.41 -14.94
CA GLY F 287 38.60 8.51 -15.79
C GLY F 287 38.95 9.82 -15.09
N VAL F 288 38.83 9.89 -13.78
CA VAL F 288 39.20 11.18 -13.06
C VAL F 288 40.65 11.51 -13.34
N GLU F 289 41.54 10.54 -13.13
CA GLU F 289 42.98 10.70 -13.30
C GLU F 289 43.33 10.88 -14.79
N VAL F 290 42.54 10.27 -15.70
CA VAL F 290 42.70 10.48 -17.14
C VAL F 290 42.45 11.95 -17.53
N ALA F 291 41.32 12.50 -17.02
CA ALA F 291 40.94 13.87 -17.28
C ALA F 291 41.95 14.84 -16.63
N GLU F 292 42.36 14.57 -15.40
CA GLU F 292 43.42 15.38 -14.74
C GLU F 292 44.73 15.37 -15.49
N GLN F 293 45.24 14.21 -15.84
CA GLN F 293 46.51 14.14 -16.54
C GLN F 293 46.51 14.66 -17.95
N ALA F 294 45.38 14.49 -18.67
CA ALA F 294 45.19 15.06 -20.00
C ALA F 294 45.32 16.59 -19.96
N LEU F 295 44.57 17.20 -19.02
CA LEU F 295 44.58 18.65 -18.85
C LEU F 295 45.95 19.22 -18.48
N ALA F 296 46.68 18.50 -17.61
CA ALA F 296 48.03 18.90 -17.16
C ALA F 296 49.02 18.82 -18.33
N SER F 297 48.86 17.78 -19.15
CA SER F 297 49.67 17.59 -20.35
C SER F 297 49.42 18.63 -21.41
N PHE F 298 48.22 19.18 -21.45
CA PHE F 298 47.78 20.10 -22.50
C PHE F 298 48.13 21.58 -22.20
N THR F 299 48.47 22.33 -23.25
CA THR F 299 48.83 23.75 -23.09
C THR F 299 47.65 24.60 -23.41
N THR G 2 -6.37 -21.08 -11.69
CA THR G 2 -4.93 -21.00 -11.97
C THR G 2 -4.43 -19.63 -11.45
N ILE G 3 -3.30 -19.61 -10.76
CA ILE G 3 -2.54 -18.34 -10.41
C ILE G 3 -1.98 -17.74 -11.69
N LYS G 4 -2.32 -16.50 -11.99
CA LYS G 4 -1.81 -15.83 -13.22
C LYS G 4 -0.28 -15.71 -13.13
N ALA G 5 0.40 -16.18 -14.18
CA ALA G 5 1.91 -16.23 -14.17
C ALA G 5 2.43 -16.23 -15.60
N LEU G 6 3.71 -15.91 -15.75
CA LEU G 6 4.43 -15.98 -16.97
C LEU G 6 5.45 -17.10 -16.87
N ARG G 7 5.74 -17.72 -18.03
CA ARG G 7 6.80 -18.67 -18.17
C ARG G 7 7.83 -17.99 -19.04
N THR G 8 9.07 -17.91 -18.55
CA THR G 8 10.15 -17.41 -19.37
C THR G 8 10.36 -18.24 -20.64
N PRO G 9 10.35 -17.62 -21.81
CA PRO G 9 10.62 -18.33 -23.06
C PRO G 9 11.89 -19.11 -23.00
N GLU G 10 11.82 -20.38 -23.49
CA GLU G 10 12.95 -21.32 -23.46
C GLU G 10 14.21 -20.77 -24.14
N GLU G 11 14.06 -19.97 -25.20
CA GLU G 11 15.24 -19.46 -25.92
C GLU G 11 16.16 -18.59 -25.01
N ARG G 12 15.58 -18.06 -23.94
CA ARG G 12 16.40 -17.35 -22.91
C ARG G 12 17.48 -18.20 -22.30
N PHE G 13 17.28 -19.52 -22.27
CA PHE G 13 18.18 -20.45 -21.59
C PHE G 13 19.06 -21.27 -22.55
N SER G 14 19.13 -20.86 -23.82
CA SER G 14 19.87 -21.62 -24.84
C SER G 14 21.40 -21.45 -24.70
N VAL G 15 21.89 -20.41 -23.98
CA VAL G 15 23.30 -20.19 -23.77
C VAL G 15 23.62 -20.22 -22.26
N LEU G 16 23.94 -21.40 -21.74
CA LEU G 16 24.31 -21.64 -20.34
C LEU G 16 25.48 -22.63 -20.20
N PRO G 17 26.62 -22.37 -20.84
CA PRO G 17 27.69 -23.35 -20.86
C PRO G 17 28.22 -23.70 -19.49
N ALA G 18 28.18 -22.75 -18.51
CA ALA G 18 28.67 -23.14 -17.16
C ALA G 18 27.63 -23.91 -16.25
N PHE G 19 26.47 -24.26 -16.80
CA PHE G 19 25.37 -24.89 -16.04
C PHE G 19 24.68 -25.89 -16.95
N PRO G 20 25.38 -26.96 -17.32
CA PRO G 20 24.90 -27.91 -18.32
C PRO G 20 24.03 -29.02 -17.73
N TYR G 21 23.11 -28.68 -16.83
CA TYR G 21 22.15 -29.72 -16.33
C TYR G 21 20.84 -29.46 -17.05
N GLN G 22 20.17 -30.54 -17.50
CA GLN G 22 18.80 -30.47 -17.98
CA GLN G 22 18.80 -30.48 -18.00
C GLN G 22 17.85 -30.35 -16.75
N PRO G 23 17.01 -29.32 -16.74
CA PRO G 23 16.13 -29.11 -15.61
C PRO G 23 14.98 -30.10 -15.52
N ASN G 24 14.57 -30.41 -14.30
CA ASN G 24 13.37 -31.19 -14.00
C ASN G 24 12.28 -30.22 -13.58
N TYR G 25 11.03 -30.66 -13.68
CA TYR G 25 9.86 -29.81 -13.39
C TYR G 25 8.83 -30.55 -12.56
N VAL G 26 8.12 -29.81 -11.74
CA VAL G 26 6.95 -30.31 -10.97
C VAL G 26 5.87 -29.21 -11.01
N ASP G 27 4.65 -29.57 -11.41
CA ASP G 27 3.58 -28.57 -11.55
C ASP G 27 2.26 -28.93 -10.85
N ASP G 28 2.31 -29.90 -9.95
CA ASP G 28 1.16 -30.36 -9.19
C ASP G 28 1.46 -30.31 -7.70
N LEU G 29 2.21 -29.29 -7.28
CA LEU G 29 2.42 -29.09 -5.84
C LEU G 29 1.07 -28.59 -5.32
N GLY G 30 0.62 -29.21 -4.21
CA GLY G 30 -0.70 -28.92 -3.65
C GLY G 30 -0.79 -27.48 -3.19
N GLY G 31 -1.80 -26.82 -3.74
CA GLY G 31 -1.97 -25.37 -3.49
C GLY G 31 -1.48 -24.49 -4.63
N TYR G 32 -0.63 -25.01 -5.50
CA TYR G 32 0.05 -24.21 -6.56
C TYR G 32 -0.32 -24.77 -7.92
N GLU G 33 -1.48 -25.46 -8.01
CA GLU G 33 -1.76 -26.36 -9.14
C GLU G 33 -1.40 -25.71 -10.45
N SER G 34 -0.62 -26.43 -11.25
CA SER G 34 -0.19 -26.04 -12.60
C SER G 34 0.92 -25.00 -12.65
N LEU G 35 1.28 -24.35 -11.51
CA LEU G 35 2.50 -23.52 -11.43
C LEU G 35 3.64 -24.48 -11.42
N ARG G 36 4.54 -24.36 -12.41
CA ARG G 36 5.63 -25.32 -12.63
C ARG G 36 6.92 -24.82 -11.96
N MET G 37 7.49 -25.65 -11.09
CA MET G 37 8.74 -25.34 -10.43
C MET G 37 9.82 -26.15 -11.13
N ALA G 38 10.90 -25.45 -11.51
CA ALA G 38 12.11 -26.09 -12.09
C ALA G 38 13.10 -26.45 -10.98
N TYR G 39 13.79 -27.58 -11.13
CA TYR G 39 14.83 -27.96 -10.16
C TYR G 39 15.89 -28.81 -10.86
N ILE G 40 17.13 -28.61 -10.43
CA ILE G 40 18.24 -29.48 -10.79
C ILE G 40 18.19 -30.70 -9.89
N ASP G 41 18.44 -31.90 -10.45
CA ASP G 41 18.53 -33.16 -9.68
C ASP G 41 19.65 -34.02 -10.30
N GLU G 42 20.80 -34.09 -9.64
CA GLU G 42 22.05 -34.71 -10.17
C GLU G 42 22.61 -35.65 -9.12
N GLY G 43 23.35 -36.65 -9.56
CA GLY G 43 23.92 -37.69 -8.67
C GLY G 43 22.99 -38.88 -8.57
N ASP G 44 23.47 -39.94 -7.96
CA ASP G 44 22.72 -41.16 -7.84
C ASP G 44 21.48 -41.06 -6.99
N LYS G 45 20.33 -41.45 -7.52
CA LYS G 45 19.09 -41.37 -6.69
C LYS G 45 19.14 -42.14 -5.36
N ASP G 46 19.94 -43.21 -5.36
CA ASP G 46 20.22 -44.00 -4.14
C ASP G 46 21.43 -43.55 -3.34
N SER G 47 21.91 -42.33 -3.58
CA SER G 47 22.99 -41.73 -2.77
C SER G 47 22.59 -41.72 -1.33
N GLU G 48 23.55 -41.82 -0.41
CA GLU G 48 23.23 -41.74 1.03
C GLU G 48 22.56 -40.38 1.35
N TYR G 49 23.17 -39.31 0.92
CA TYR G 49 22.84 -37.93 1.31
C TYR G 49 22.39 -37.09 0.11
N THR G 50 21.44 -36.18 0.32
CA THR G 50 20.96 -35.22 -0.72
C THR G 50 21.23 -33.82 -0.25
N PHE G 51 22.01 -33.05 -1.02
CA PHE G 51 22.29 -31.65 -0.73
C PHE G 51 21.18 -30.79 -1.37
N LEU G 52 20.34 -30.20 -0.54
CA LEU G 52 19.21 -29.38 -0.99
C LEU G 52 19.70 -27.94 -0.96
N CYS G 53 19.93 -27.37 -2.16
CA CYS G 53 20.65 -26.07 -2.31
C CYS G 53 19.60 -25.02 -2.68
N LEU G 54 19.36 -24.09 -1.77
CA LEU G 54 18.31 -23.03 -1.85
C LEU G 54 18.95 -21.67 -2.11
N HIS G 55 18.53 -21.04 -3.23
CA HIS G 55 18.89 -19.70 -3.60
C HIS G 55 17.92 -18.70 -2.94
N GLY G 56 18.29 -17.41 -3.03
CA GLY G 56 17.42 -16.26 -2.63
C GLY G 56 17.33 -15.23 -3.70
N GLU G 57 17.27 -13.99 -3.30
CA GLU G 57 17.10 -12.77 -4.13
C GLU G 57 18.43 -12.37 -4.77
N PRO G 58 18.52 -12.00 -6.05
CA PRO G 58 17.58 -12.26 -7.16
C PRO G 58 18.10 -13.33 -8.08
N THR G 59 18.40 -14.49 -7.51
CA THR G 59 19.19 -15.56 -8.17
C THR G 59 18.30 -16.73 -8.59
N TRP G 60 18.93 -17.87 -8.94
CA TRP G 60 18.28 -19.14 -9.20
C TRP G 60 19.36 -20.22 -9.02
N SER G 61 19.04 -21.47 -9.35
CA SER G 61 19.94 -22.67 -9.13
C SER G 61 21.30 -22.48 -9.83
N TYR G 62 21.36 -21.64 -10.88
CA TYR G 62 22.62 -21.28 -11.53
C TYR G 62 23.69 -20.82 -10.56
N LEU G 63 23.26 -20.17 -9.49
CA LEU G 63 24.14 -19.70 -8.44
C LEU G 63 24.98 -20.83 -7.79
N TYR G 64 24.43 -22.05 -7.81
CA TYR G 64 25.05 -23.24 -7.21
C TYR G 64 25.91 -24.06 -8.19
N ARG G 65 26.08 -23.59 -9.41
CA ARG G 65 26.83 -24.29 -10.45
C ARG G 65 28.27 -24.72 -10.11
N LYS G 66 28.92 -23.99 -9.22
CA LYS G 66 30.32 -24.29 -8.86
C LYS G 66 30.34 -25.36 -7.73
N MET G 67 29.26 -25.43 -6.92
CA MET G 67 29.16 -26.32 -5.74
C MET G 67 28.65 -27.69 -6.11
N ILE G 68 27.67 -27.73 -7.00
CA ILE G 68 27.02 -28.98 -7.43
C ILE G 68 28.04 -30.09 -7.85
N PRO G 69 29.01 -29.77 -8.72
CA PRO G 69 29.97 -30.83 -9.13
C PRO G 69 30.84 -31.35 -7.98
N VAL G 70 31.12 -30.53 -6.98
CA VAL G 70 31.87 -30.96 -5.80
C VAL G 70 31.09 -32.04 -5.02
N PHE G 71 29.80 -31.81 -4.82
CA PHE G 71 28.93 -32.75 -4.14
C PHE G 71 28.70 -34.07 -4.93
N THR G 72 28.46 -33.97 -6.23
CA THR G 72 28.25 -35.11 -7.05
C THR G 72 29.54 -35.92 -7.30
N ASP G 73 30.70 -35.28 -7.26
CA ASP G 73 31.97 -35.98 -7.43
C ASP G 73 32.30 -36.82 -6.17
N ALA G 74 31.63 -36.51 -5.07
CA ALA G 74 31.83 -37.21 -3.80
C ALA G 74 30.84 -38.32 -3.58
N GLY G 75 29.95 -38.54 -4.55
CA GLY G 75 28.97 -39.60 -4.55
C GLY G 75 27.62 -39.27 -3.93
N HIS G 76 27.33 -37.96 -3.79
CA HIS G 76 26.04 -37.51 -3.28
C HIS G 76 25.08 -37.01 -4.38
N ARG G 77 23.82 -36.86 -3.96
CA ARG G 77 22.76 -36.32 -4.81
C ARG G 77 22.62 -34.82 -4.49
N VAL G 78 22.23 -34.03 -5.47
CA VAL G 78 21.99 -32.57 -5.27
C VAL G 78 20.62 -32.24 -5.86
N VAL G 79 19.82 -31.50 -5.10
CA VAL G 79 18.55 -30.93 -5.58
C VAL G 79 18.65 -29.44 -5.38
N ALA G 80 18.45 -28.66 -6.45
CA ALA G 80 18.57 -27.19 -6.39
C ALA G 80 17.37 -26.61 -7.13
N PRO G 81 16.30 -26.25 -6.39
CA PRO G 81 15.12 -25.71 -7.05
C PRO G 81 15.24 -24.23 -7.33
N ASP G 82 14.54 -23.79 -8.38
CA ASP G 82 14.26 -22.42 -8.66
C ASP G 82 12.93 -22.07 -7.99
N LEU G 83 12.94 -21.11 -7.08
CA LEU G 83 11.74 -20.62 -6.43
C LEU G 83 10.78 -20.06 -7.50
N PHE G 84 9.49 -20.13 -7.25
CA PHE G 84 8.51 -19.44 -8.08
C PHE G 84 8.86 -17.95 -8.14
N GLY G 85 8.84 -17.36 -9.36
CA GLY G 85 9.33 -16.04 -9.65
C GLY G 85 10.75 -16.00 -10.12
N PHE G 86 11.47 -17.16 -10.10
CA PHE G 86 12.94 -17.17 -10.38
C PHE G 86 13.33 -18.27 -11.35
N GLY G 87 14.46 -18.07 -12.00
CA GLY G 87 15.09 -19.08 -12.85
C GLY G 87 14.21 -19.54 -13.96
N ARG G 88 13.99 -20.84 -14.04
CA ARG G 88 13.13 -21.44 -15.06
C ARG G 88 11.71 -21.73 -14.54
N SER G 89 11.45 -21.46 -13.26
CA SER G 89 10.12 -21.70 -12.67
C SER G 89 9.15 -20.72 -13.23
N ASP G 90 7.87 -21.01 -13.06
CA ASP G 90 6.83 -20.02 -13.41
C ASP G 90 6.82 -18.85 -12.51
N LYS G 91 6.33 -17.72 -13.00
CA LYS G 91 6.45 -16.40 -12.33
C LYS G 91 5.11 -15.70 -12.18
N PRO G 92 4.44 -15.83 -11.02
CA PRO G 92 3.25 -15.03 -10.73
C PRO G 92 3.42 -13.56 -11.01
N ILE G 93 2.37 -12.92 -11.56
CA ILE G 93 2.41 -11.57 -11.97
C ILE G 93 1.72 -10.60 -10.96
N GLU G 94 1.09 -11.14 -9.93
CA GLU G 94 0.46 -10.32 -8.90
C GLU G 94 1.31 -10.30 -7.63
N ASP G 95 1.57 -9.07 -7.14
CA ASP G 95 2.35 -8.75 -5.97
C ASP G 95 1.99 -9.64 -4.79
N SER G 96 0.65 -9.75 -4.49
CA SER G 96 0.23 -10.34 -3.22
C SER G 96 0.43 -11.86 -3.13
N VAL G 97 0.62 -12.51 -4.27
CA VAL G 97 0.87 -13.94 -4.29
C VAL G 97 2.16 -14.30 -3.61
N TYR G 98 3.18 -13.48 -3.83
CA TYR G 98 4.48 -13.69 -3.15
C TYR G 98 4.39 -13.25 -1.69
N ASN G 99 4.72 -14.17 -0.77
CA ASN G 99 4.88 -13.93 0.63
C ASN G 99 5.66 -15.07 1.27
N PHE G 100 5.97 -14.97 2.57
CA PHE G 100 6.76 -15.97 3.29
C PHE G 100 6.15 -17.35 3.21
N GLU G 101 4.84 -17.42 3.49
CA GLU G 101 4.14 -18.69 3.43
C GLU G 101 4.13 -19.36 2.04
N PHE G 102 3.83 -18.59 1.01
CA PHE G 102 3.84 -19.03 -0.38
C PHE G 102 5.14 -19.76 -0.74
N HIS G 103 6.27 -19.13 -0.41
CA HIS G 103 7.61 -19.69 -0.74
C HIS G 103 7.97 -20.91 0.11
N ARG G 104 7.79 -20.77 1.42
CA ARG G 104 8.11 -21.83 2.37
C ARG G 104 7.36 -23.11 2.03
N ASN G 105 6.04 -22.96 1.80
CA ASN G 105 5.17 -24.13 1.55
C ASN G 105 5.54 -24.79 0.24
N SER G 106 5.94 -23.99 -0.78
CA SER G 106 6.41 -24.58 -2.04
C SER G 106 7.56 -25.52 -1.84
N LEU G 107 8.48 -25.14 -0.94
CA LEU G 107 9.67 -25.95 -0.67
C LEU G 107 9.29 -27.21 0.13
N ILE G 108 8.45 -27.03 1.15
CA ILE G 108 7.89 -28.17 1.90
C ILE G 108 7.24 -29.20 0.96
N GLN G 109 6.37 -28.73 0.01
CA GLN G 109 5.69 -29.61 -0.97
C GLN G 109 6.69 -30.31 -1.91
N LEU G 110 7.74 -29.60 -2.33
CA LEU G 110 8.76 -30.15 -3.21
C LEU G 110 9.51 -31.26 -2.46
N ILE G 111 9.87 -30.99 -1.21
CA ILE G 111 10.57 -31.96 -0.38
C ILE G 111 9.76 -33.29 -0.25
N GLU G 112 8.46 -33.15 0.00
CA GLU G 112 7.56 -34.29 0.17
C GLU G 112 7.28 -34.97 -1.16
N HIS G 113 7.25 -34.20 -2.25
CA HIS G 113 7.08 -34.73 -3.62
C HIS G 113 8.23 -35.63 -4.09
N LEU G 114 9.44 -35.23 -3.80
CA LEU G 114 10.66 -36.05 -4.09
C LEU G 114 11.01 -37.02 -2.97
N ASP G 115 10.30 -36.92 -1.85
CA ASP G 115 10.51 -37.74 -0.68
C ASP G 115 11.96 -37.71 -0.28
N LEU G 116 12.51 -36.49 -0.19
CA LEU G 116 13.91 -36.30 0.18
C LEU G 116 14.21 -36.72 1.62
N LYS G 117 15.30 -37.46 1.79
CA LYS G 117 15.77 -37.93 3.11
C LYS G 117 17.27 -37.73 3.18
N ASN G 118 17.82 -37.79 4.38
CA ASN G 118 19.23 -37.57 4.63
C ASN G 118 19.70 -36.25 3.95
N ILE G 119 19.00 -35.16 4.29
CA ILE G 119 19.17 -33.87 3.64
C ILE G 119 20.28 -33.10 4.27
N VAL G 120 21.23 -32.61 3.46
CA VAL G 120 22.12 -31.54 3.83
C VAL G 120 21.55 -30.23 3.27
N LEU G 121 21.04 -29.38 4.16
CA LEU G 121 20.45 -28.10 3.76
C LEU G 121 21.62 -27.17 3.46
N VAL G 122 21.66 -26.66 2.23
CA VAL G 122 22.63 -25.64 1.81
C VAL G 122 21.81 -24.37 1.45
N CYS G 123 22.05 -23.27 2.13
CA CYS G 123 21.22 -22.06 1.97
C CYS G 123 22.00 -20.78 2.17
N GLN G 124 21.39 -19.68 1.71
CA GLN G 124 22.00 -18.31 1.65
C GLN G 124 20.81 -17.35 1.33
N ASP G 125 20.89 -16.13 1.80
CA ASP G 125 19.93 -15.07 1.59
C ASP G 125 18.54 -15.59 2.05
N TRP G 126 17.49 -15.31 1.29
CA TRP G 126 16.10 -15.87 1.54
C TRP G 126 16.06 -17.40 1.49
N GLY G 127 16.98 -18.02 0.74
CA GLY G 127 17.22 -19.44 0.84
C GLY G 127 17.28 -19.91 2.27
N GLY G 128 18.03 -19.18 3.09
CA GLY G 128 18.16 -19.44 4.51
C GLY G 128 16.96 -18.88 5.32
N GLY G 129 16.57 -17.65 5.06
CA GLY G 129 15.41 -17.03 5.69
C GLY G 129 14.17 -17.90 5.70
N LEU G 130 13.88 -18.51 4.53
CA LEU G 130 12.88 -19.54 4.37
C LEU G 130 13.35 -20.91 4.87
N GLY G 131 14.41 -21.45 4.24
CA GLY G 131 14.88 -22.81 4.44
C GLY G 131 15.25 -23.22 5.88
N LEU G 132 15.89 -22.32 6.60
CA LEU G 132 16.23 -22.57 8.00
C LEU G 132 14.97 -22.73 8.90
N THR G 133 13.79 -22.32 8.40
CA THR G 133 12.55 -22.51 9.16
C THR G 133 11.83 -23.82 8.84
N ILE G 134 12.39 -24.65 7.97
CA ILE G 134 11.71 -25.90 7.52
C ILE G 134 12.00 -27.14 8.37
N PRO G 135 13.29 -27.38 8.74
CA PRO G 135 13.63 -28.58 9.47
C PRO G 135 12.86 -28.85 10.79
N MET G 136 12.46 -27.78 11.50
CA MET G 136 11.69 -27.90 12.73
C MET G 136 10.32 -28.61 12.52
N ASP G 137 9.81 -28.60 11.30
CA ASP G 137 8.59 -29.27 10.96
C ASP G 137 8.81 -30.51 10.11
N MET G 138 10.06 -30.92 9.94
CA MET G 138 10.47 -32.14 9.19
C MET G 138 11.77 -32.69 9.75
N GLN G 139 11.89 -32.82 11.04
CA GLN G 139 13.17 -33.11 11.70
C GLN G 139 13.88 -34.35 11.26
N ASP G 140 13.13 -35.42 10.97
CA ASP G 140 13.75 -36.70 10.50
C ASP G 140 14.38 -36.66 9.12
N ARG G 141 14.00 -35.69 8.30
CA ARG G 141 14.55 -35.52 6.92
C ARG G 141 15.92 -34.88 6.85
N PHE G 142 16.27 -34.03 7.82
CA PHE G 142 17.47 -33.16 7.77
C PHE G 142 18.55 -33.63 8.73
N LYS G 143 19.77 -33.84 8.21
CA LYS G 143 20.94 -34.36 8.94
C LYS G 143 22.05 -33.33 9.15
N LYS G 144 22.34 -32.49 8.15
CA LYS G 144 23.40 -31.49 8.23
C LYS G 144 23.03 -30.15 7.55
N LEU G 145 23.91 -29.14 7.71
CA LEU G 145 23.65 -27.75 7.29
C LEU G 145 24.96 -27.12 6.79
N ILE G 146 24.92 -26.54 5.59
CA ILE G 146 25.93 -25.61 5.09
C ILE G 146 25.20 -24.25 4.99
N VAL G 147 25.67 -23.26 5.72
CA VAL G 147 25.04 -21.95 5.80
C VAL G 147 26.04 -20.85 5.35
N MET G 148 25.56 -20.00 4.45
CA MET G 148 26.26 -18.86 3.90
C MET G 148 25.34 -17.61 4.07
N ASN G 149 25.95 -16.44 3.92
CA ASN G 149 25.37 -15.12 4.20
C ASN G 149 23.83 -15.11 4.12
N THR G 150 23.23 -15.14 5.30
CA THR G 150 21.79 -15.28 5.52
C THR G 150 21.45 -14.81 6.95
N THR G 151 20.19 -14.93 7.34
CA THR G 151 19.73 -14.60 8.66
C THR G 151 18.40 -15.33 8.94
N ILE G 152 18.03 -15.48 10.21
CA ILE G 152 16.65 -15.94 10.59
C ILE G 152 16.03 -14.73 11.20
N SER G 153 14.83 -14.38 10.76
CA SER G 153 14.11 -13.23 11.30
C SER G 153 13.78 -13.47 12.78
N ASN G 154 14.11 -12.47 13.61
CA ASN G 154 13.62 -12.25 14.98
C ASN G 154 13.08 -10.83 14.82
N GLY G 155 11.95 -10.42 15.28
CA GLY G 155 11.42 -9.08 14.97
C GLY G 155 12.07 -7.82 15.48
N GLU G 156 13.39 -7.81 15.64
CA GLU G 156 14.11 -6.64 16.08
C GLU G 156 14.06 -5.54 15.07
N PRO G 157 14.13 -4.24 15.50
CA PRO G 157 14.20 -3.16 14.51
C PRO G 157 15.27 -3.46 13.42
N LEU G 158 14.95 -3.13 12.16
CA LEU G 158 15.87 -3.36 11.06
C LEU G 158 17.06 -2.44 11.17
N ALA G 159 18.25 -3.00 10.88
CA ALA G 159 19.47 -2.17 10.75
C ALA G 159 19.34 -1.23 9.57
N GLU G 160 20.10 -0.13 9.60
CA GLU G 160 20.04 0.89 8.54
C GLU G 160 20.25 0.31 7.14
N ALA G 161 21.19 -0.64 7.02
CA ALA G 161 21.54 -1.20 5.68
C ALA G 161 20.36 -1.90 5.03
N ALA G 162 19.55 -2.60 5.87
CA ALA G 162 18.35 -3.32 5.39
C ALA G 162 17.27 -2.35 5.00
N VAL G 163 17.04 -1.30 5.82
CA VAL G 163 16.09 -0.27 5.50
C VAL G 163 16.44 0.41 4.17
N GLN G 164 17.74 0.74 3.99
CA GLN G 164 18.26 1.36 2.75
C GLN G 164 18.03 0.48 1.54
N TRP G 165 18.30 -0.82 1.72
CA TRP G 165 18.01 -1.82 0.69
C TRP G 165 16.53 -1.84 0.27
N MET G 166 15.62 -1.81 1.26
CA MET G 166 14.20 -1.80 0.95
C MET G 166 13.82 -0.53 0.23
N ALA G 167 14.29 0.62 0.69
CA ALA G 167 13.94 1.92 0.04
C ALA G 167 14.46 2.02 -1.41
N PHE G 168 15.69 1.51 -1.61
CA PHE G 168 16.29 1.37 -2.98
C PHE G 168 15.36 0.61 -3.92
N ASN G 169 14.94 -0.58 -3.51
CA ASN G 169 14.07 -1.42 -4.35
C ASN G 169 12.69 -0.81 -4.57
N GLU G 170 12.26 0.05 -3.66
CA GLU G 170 11.03 0.85 -3.84
C GLU G 170 11.15 1.95 -4.86
N THR G 171 12.30 2.64 -4.83
CA THR G 171 12.54 3.86 -5.64
C THR G 171 12.86 3.60 -7.09
N ILE G 172 13.60 2.50 -7.36
CA ILE G 172 14.00 2.16 -8.74
C ILE G 172 12.84 1.61 -9.62
N SER G 173 13.02 1.66 -10.93
CA SER G 173 12.04 1.12 -11.86
C SER G 173 11.97 -0.40 -11.69
N GLU G 174 13.15 -1.01 -11.66
CA GLU G 174 13.31 -2.45 -11.51
C GLU G 174 14.74 -2.70 -11.07
N LEU G 175 14.98 -3.85 -10.47
CA LEU G 175 16.35 -4.19 -9.98
C LEU G 175 17.21 -4.73 -11.18
N PRO G 176 18.39 -4.20 -11.44
CA PRO G 176 19.27 -4.74 -12.48
C PRO G 176 19.95 -6.00 -11.92
N VAL G 177 19.40 -7.17 -12.27
CA VAL G 177 19.72 -8.44 -11.62
C VAL G 177 21.19 -8.85 -11.89
N ALA G 178 21.60 -8.93 -13.13
CA ALA G 178 22.99 -9.25 -13.50
C ALA G 178 23.98 -8.26 -12.94
N GLY G 179 23.60 -6.96 -13.05
CA GLY G 179 24.39 -5.86 -12.48
C GLY G 179 24.67 -6.06 -11.01
N LEU G 180 23.63 -6.36 -10.24
CA LEU G 180 23.74 -6.54 -8.77
C LEU G 180 24.71 -7.67 -8.45
N VAL G 181 24.52 -8.82 -9.10
CA VAL G 181 25.35 -10.00 -8.82
C VAL G 181 26.79 -9.76 -9.23
N ALA G 182 26.99 -9.17 -10.40
CA ALA G 182 28.39 -8.86 -10.92
C ALA G 182 29.08 -7.83 -10.01
N CYS G 183 28.36 -6.81 -9.52
CA CYS G 183 28.90 -5.84 -8.61
C CYS G 183 29.36 -6.52 -7.32
N ASP G 184 28.57 -7.48 -6.85
CA ASP G 184 28.90 -8.22 -5.61
C ASP G 184 30.06 -9.19 -5.70
N ALA G 185 30.13 -9.94 -6.81
CA ALA G 185 31.00 -11.09 -6.95
C ALA G 185 32.33 -10.78 -7.67
N GLY G 186 32.44 -9.61 -8.27
CA GLY G 186 33.65 -9.22 -9.03
C GLY G 186 34.08 -10.18 -10.08
N ALA G 187 35.34 -10.56 -10.05
CA ALA G 187 35.99 -11.43 -11.01
C ALA G 187 35.45 -12.84 -11.01
N ALA G 188 34.69 -13.24 -9.99
CA ALA G 188 34.09 -14.56 -9.96
C ALA G 188 32.90 -14.71 -10.89
N VAL G 189 32.41 -13.61 -11.43
CA VAL G 189 31.34 -13.59 -12.42
C VAL G 189 31.80 -12.90 -13.70
N ASN G 190 31.60 -13.56 -14.84
CA ASN G 190 31.89 -13.01 -16.17
C ASN G 190 30.61 -12.68 -16.92
N VAL G 191 30.72 -12.25 -18.19
CA VAL G 191 29.56 -11.79 -18.95
C VAL G 191 28.61 -12.93 -19.30
N MET G 192 29.14 -14.14 -19.45
CA MET G 192 28.33 -15.36 -19.65
C MET G 192 27.45 -15.61 -18.42
N ASP G 193 28.01 -15.34 -17.23
CA ASP G 193 27.25 -15.47 -15.97
C ASP G 193 26.18 -14.38 -15.87
N ALA G 194 26.51 -13.16 -16.27
CA ALA G 194 25.59 -12.03 -16.30
C ALA G 194 24.39 -12.33 -17.20
N LEU G 195 24.64 -12.97 -18.33
CA LEU G 195 23.60 -13.39 -19.27
C LEU G 195 22.66 -14.41 -18.59
N ALA G 196 23.22 -15.35 -17.86
CA ALA G 196 22.45 -16.35 -17.10
C ALA G 196 21.58 -15.74 -16.03
N TYR G 197 22.11 -14.74 -15.33
CA TYR G 197 21.37 -14.08 -14.25
C TYR G 197 20.23 -13.19 -14.80
N ASP G 198 20.45 -12.54 -15.96
CA ASP G 198 19.38 -11.77 -16.62
C ASP G 198 18.39 -12.66 -17.38
N ALA G 199 18.78 -13.93 -17.66
CA ALA G 199 18.00 -14.84 -18.58
C ALA G 199 16.51 -15.04 -18.12
N PRO G 200 16.24 -15.14 -16.76
CA PRO G 200 14.86 -15.37 -16.39
C PRO G 200 13.88 -14.23 -16.71
N PHE G 201 14.39 -13.03 -17.00
CA PHE G 201 13.62 -11.75 -16.91
C PHE G 201 13.72 -10.92 -18.20
N PRO G 202 13.00 -11.34 -19.28
CA PRO G 202 12.97 -10.49 -20.49
C PRO G 202 12.56 -9.02 -20.26
N ASN G 203 11.74 -8.75 -19.23
CA ASN G 203 11.31 -7.40 -18.84
C ASN G 203 10.71 -7.44 -17.43
N LYS G 204 10.31 -6.30 -16.89
CA LYS G 204 9.86 -6.17 -15.54
C LYS G 204 8.59 -6.93 -15.19
N ASN G 205 7.80 -7.26 -16.22
CA ASN G 205 6.59 -8.06 -16.00
C ASN G 205 6.92 -9.44 -15.39
N TYR G 206 8.16 -9.95 -15.67
CA TYR G 206 8.65 -11.19 -15.16
C TYR G 206 9.32 -11.07 -13.73
N LYS G 207 9.43 -9.85 -13.23
CA LYS G 207 10.30 -9.57 -12.02
C LYS G 207 9.45 -9.28 -10.75
N VAL G 208 8.16 -9.66 -10.75
CA VAL G 208 7.30 -9.34 -9.61
C VAL G 208 7.85 -10.02 -8.35
N GLY G 209 8.32 -11.27 -8.47
CA GLY G 209 8.99 -11.95 -7.32
C GLY G 209 10.25 -11.26 -6.85
N VAL G 210 11.06 -10.75 -7.80
CA VAL G 210 12.28 -9.99 -7.55
C VAL G 210 11.94 -8.69 -6.78
N LYS G 211 10.87 -8.00 -7.23
CA LYS G 211 10.37 -6.80 -6.54
C LYS G 211 9.87 -7.12 -5.14
N ARG G 212 9.22 -8.26 -4.98
CA ARG G 212 8.57 -8.59 -3.70
C ARG G 212 9.47 -9.01 -2.59
N PHE G 213 10.60 -9.67 -2.89
CA PHE G 213 11.50 -10.13 -1.82
C PHE G 213 11.96 -9.03 -0.87
N PRO G 214 12.48 -7.89 -1.40
CA PRO G 214 12.82 -6.78 -0.49
C PRO G 214 11.62 -6.28 0.34
N GLN G 215 10.46 -6.23 -0.25
CA GLN G 215 9.22 -5.83 0.47
C GLN G 215 8.84 -6.79 1.59
N MET G 216 9.27 -8.04 1.47
CA MET G 216 8.94 -9.12 2.43
C MET G 216 9.81 -9.07 3.68
N ILE G 217 10.93 -8.32 3.67
CA ILE G 217 11.80 -8.20 4.85
C ILE G 217 10.93 -7.70 5.98
N PRO G 218 10.87 -8.41 7.11
CA PRO G 218 9.86 -8.05 8.15
C PRO G 218 10.26 -6.77 8.87
N THR G 219 9.30 -5.87 9.06
CA THR G 219 9.52 -4.58 9.78
C THR G 219 9.00 -4.56 11.27
N ASN G 220 8.26 -5.62 11.64
CA ASN G 220 7.67 -5.81 12.95
C ASN G 220 7.65 -7.31 13.28
N ALA G 221 7.50 -7.59 14.57
CA ALA G 221 7.54 -8.97 15.10
C ALA G 221 6.31 -9.83 14.75
N ASP G 222 5.31 -9.26 14.14
CA ASP G 222 4.08 -10.01 13.88
C ASP G 222 4.10 -10.71 12.50
N ASP G 223 5.13 -10.48 11.70
CA ASP G 223 5.18 -11.05 10.35
C ASP G 223 5.41 -12.54 10.45
N ASP G 224 4.84 -13.31 9.51
CA ASP G 224 5.11 -14.73 9.36
C ASP G 224 6.62 -15.11 9.42
N ALA G 225 7.45 -14.28 8.79
CA ALA G 225 8.93 -14.51 8.72
C ALA G 225 9.49 -14.64 10.13
N VAL G 226 8.97 -13.82 11.02
CA VAL G 226 9.43 -13.75 12.43
C VAL G 226 8.79 -14.83 13.29
N LYS G 227 7.47 -15.05 13.09
CA LYS G 227 6.74 -16.16 13.76
C LYS G 227 7.49 -17.50 13.53
N TYR G 228 7.70 -17.87 12.26
CA TYR G 228 8.50 -19.02 11.92
C TYR G 228 9.94 -18.90 12.40
N GLY G 229 10.47 -17.71 12.23
CA GLY G 229 11.87 -17.39 12.55
C GLY G 229 12.23 -17.70 14.03
N LEU G 230 11.40 -17.23 14.94
CA LEU G 230 11.65 -17.42 16.37
C LEU G 230 11.55 -18.89 16.82
N ARG G 231 10.63 -19.63 16.22
CA ARG G 231 10.56 -21.08 16.39
C ARG G 231 11.81 -21.79 15.86
N ALA G 232 12.36 -21.30 14.72
CA ALA G 232 13.53 -21.90 14.11
C ALA G 232 14.76 -21.73 14.96
N ILE G 233 14.92 -20.52 15.51
CA ILE G 233 15.99 -20.15 16.43
C ILE G 233 15.98 -21.12 17.63
N GLU G 234 14.79 -21.38 18.17
CA GLU G 234 14.63 -22.41 19.23
C GLU G 234 15.09 -23.79 18.77
N PHE G 235 14.72 -24.18 17.53
CA PHE G 235 15.08 -25.46 16.98
C PHE G 235 16.58 -25.65 16.85
N TRP G 236 17.27 -24.67 16.24
CA TRP G 236 18.72 -24.76 15.99
C TRP G 236 19.53 -24.67 17.29
N SER G 237 19.00 -23.92 18.24
CA SER G 237 19.64 -23.77 19.55
C SER G 237 19.47 -24.97 20.51
N ASN G 238 18.32 -25.65 20.46
CA ASN G 238 17.99 -26.69 21.48
C ASN G 238 17.69 -28.09 20.97
N GLU G 239 17.10 -28.20 19.79
CA GLU G 239 16.64 -29.51 19.29
C GLU G 239 17.55 -30.07 18.23
N TRP G 240 18.07 -29.23 17.34
CA TRP G 240 19.12 -29.61 16.39
C TRP G 240 20.27 -30.36 17.01
N SER G 241 20.62 -31.52 16.45
CA SER G 241 21.77 -32.31 16.90
C SER G 241 22.66 -32.72 15.76
N GLY G 242 22.50 -32.12 14.58
CA GLY G 242 23.31 -32.45 13.37
C GLY G 242 24.62 -31.67 13.26
N GLU G 243 25.36 -31.92 12.18
CA GLU G 243 26.60 -31.27 11.89
C GLU G 243 26.33 -30.01 11.04
N SER G 244 27.09 -28.96 11.26
CA SER G 244 26.96 -27.72 10.47
C SER G 244 28.30 -27.19 10.02
N PHE G 245 28.28 -26.33 9.01
CA PHE G 245 29.47 -25.65 8.48
C PHE G 245 29.01 -24.30 7.93
N MET G 246 29.71 -23.23 8.32
CA MET G 246 29.37 -21.87 7.96
C MET G 246 30.49 -21.26 7.10
N ALA G 247 30.13 -20.62 5.99
CA ALA G 247 31.09 -19.84 5.17
C ALA G 247 30.55 -18.40 5.02
N ILE G 248 31.36 -17.41 5.33
CA ILE G 248 30.99 -16.04 5.33
C ILE G 248 31.69 -15.30 4.20
N GLY G 249 30.90 -14.68 3.32
CA GLY G 249 31.41 -13.66 2.36
C GLY G 249 31.57 -12.37 3.00
N MET G 250 32.83 -11.95 3.23
CA MET G 250 33.10 -10.75 4.05
C MET G 250 32.70 -9.40 3.46
N LYS G 251 32.69 -9.29 2.13
CA LYS G 251 32.34 -8.07 1.45
C LYS G 251 30.82 -7.96 1.30
N ASP G 252 30.13 -8.03 2.43
CA ASP G 252 28.64 -7.93 2.47
C ASP G 252 28.34 -6.94 3.57
N ALA G 253 27.80 -5.80 3.16
CA ALA G 253 27.34 -4.73 4.07
C ALA G 253 26.07 -5.03 4.92
N VAL G 254 25.31 -6.05 4.55
CA VAL G 254 24.09 -6.39 5.26
C VAL G 254 24.21 -7.71 6.02
N LEU G 255 24.50 -8.82 5.34
CA LEU G 255 24.51 -10.14 5.97
C LEU G 255 25.90 -10.79 5.98
N GLY G 256 26.91 -9.96 6.28
CA GLY G 256 28.31 -10.33 6.36
C GLY G 256 28.66 -10.87 7.77
N GLU G 257 29.93 -10.74 8.12
CA GLU G 257 30.48 -11.23 9.39
C GLU G 257 29.67 -10.98 10.66
N ALA G 258 29.22 -9.75 10.89
CA ALA G 258 28.50 -9.46 12.13
C ALA G 258 27.19 -10.27 12.26
N ALA G 259 26.40 -10.25 11.18
CA ALA G 259 25.13 -10.99 11.12
C ALA G 259 25.34 -12.49 11.17
N MET G 260 26.39 -12.98 10.51
CA MET G 260 26.65 -14.44 10.47
C MET G 260 27.16 -14.97 11.81
N MET G 261 27.97 -14.16 12.51
CA MET G 261 28.46 -14.58 13.85
C MET G 261 27.31 -14.63 14.86
N GLN G 262 26.35 -13.68 14.76
CA GLN G 262 25.15 -13.69 15.60
C GLN G 262 24.33 -14.95 15.32
N LEU G 263 24.21 -15.32 14.04
CA LEU G 263 23.56 -16.52 13.63
C LEU G 263 24.25 -17.77 14.18
N LYS G 264 25.57 -17.81 14.11
CA LYS G 264 26.34 -18.93 14.63
C LYS G 264 26.01 -19.25 16.09
N THR G 265 25.78 -18.22 16.90
CA THR G 265 25.52 -18.37 18.33
C THR G 265 24.24 -19.21 18.57
N VAL G 266 23.30 -19.23 17.63
CA VAL G 266 22.06 -19.94 17.82
C VAL G 266 21.99 -21.30 17.13
N ILE G 267 23.05 -21.67 16.39
CA ILE G 267 23.20 -22.97 15.80
C ILE G 267 24.11 -23.82 16.70
N LYS G 268 23.49 -24.76 17.43
CA LYS G 268 24.23 -25.63 18.35
C LYS G 268 25.22 -26.46 17.61
N GLY G 269 26.52 -26.42 18.01
CA GLY G 269 27.56 -27.19 17.38
C GLY G 269 28.21 -26.61 16.14
N CYS G 270 27.86 -25.38 15.78
CA CYS G 270 28.44 -24.75 14.59
C CYS G 270 29.94 -24.47 14.81
N PRO G 271 30.83 -25.09 14.00
CA PRO G 271 32.27 -24.84 14.20
C PRO G 271 32.66 -23.47 13.66
N GLU G 272 33.93 -23.16 13.82
CA GLU G 272 34.56 -21.93 13.37
C GLU G 272 34.16 -21.70 11.90
N PRO G 273 33.60 -20.50 11.58
CA PRO G 273 33.29 -20.18 10.19
C PRO G 273 34.52 -20.03 9.28
N MET G 274 34.38 -20.49 8.05
CA MET G 274 35.26 -20.16 6.92
C MET G 274 34.95 -18.71 6.51
N LYS G 275 35.94 -17.78 6.66
CA LYS G 275 35.77 -16.38 6.27
C LYS G 275 36.49 -16.03 4.97
N ILE G 276 35.72 -15.74 3.90
CA ILE G 276 36.28 -15.59 2.55
C ILE G 276 36.32 -14.10 2.29
N GLU G 277 37.53 -13.54 2.36
CA GLU G 277 37.76 -12.10 2.29
C GLU G 277 37.40 -11.56 0.92
N GLU G 278 37.55 -12.40 -0.13
CA GLU G 278 37.28 -11.96 -1.52
C GLU G 278 35.82 -12.09 -1.95
N ALA G 279 35.05 -12.81 -1.15
CA ALA G 279 33.63 -13.12 -1.47
C ALA G 279 32.69 -12.05 -0.94
N GLY G 280 31.64 -11.78 -1.72
CA GLY G 280 30.53 -10.90 -1.29
C GLY G 280 29.32 -11.71 -0.78
N HIS G 281 28.17 -11.06 -0.77
CA HIS G 281 26.90 -11.70 -0.37
C HIS G 281 26.66 -13.04 -1.03
N PHE G 282 26.89 -13.12 -2.36
CA PHE G 282 26.72 -14.34 -3.14
C PHE G 282 27.93 -15.25 -2.98
N VAL G 283 27.97 -15.90 -1.81
CA VAL G 283 29.14 -16.72 -1.39
C VAL G 283 29.40 -17.86 -2.33
N GLN G 284 28.34 -18.38 -2.98
CA GLN G 284 28.43 -19.54 -3.87
C GLN G 284 29.27 -19.29 -5.11
N GLU G 285 29.46 -18.01 -5.47
CA GLU G 285 30.39 -17.64 -6.56
C GLU G 285 31.86 -17.92 -6.18
N TYR G 286 32.09 -18.17 -4.89
CA TYR G 286 33.39 -18.52 -4.31
C TYR G 286 33.25 -19.86 -3.59
N GLY G 287 32.35 -20.71 -4.11
CA GLY G 287 31.77 -21.81 -3.39
C GLY G 287 32.46 -23.17 -3.57
N VAL G 288 33.37 -23.31 -4.52
CA VAL G 288 34.11 -24.60 -4.71
C VAL G 288 34.78 -25.02 -3.38
N GLU G 289 35.52 -24.10 -2.80
CA GLU G 289 36.29 -24.30 -1.57
C GLU G 289 35.34 -24.47 -0.36
N VAL G 290 34.20 -23.81 -0.38
CA VAL G 290 33.14 -23.99 0.62
C VAL G 290 32.62 -25.41 0.64
N ALA G 291 32.27 -25.91 -0.56
CA ALA G 291 31.80 -27.28 -0.74
C ALA G 291 32.88 -28.32 -0.32
N GLU G 292 34.10 -28.09 -0.77
CA GLU G 292 35.23 -28.97 -0.39
C GLU G 292 35.46 -29.02 1.12
N GLN G 293 35.55 -27.87 1.75
CA GLN G 293 35.80 -27.81 3.18
C GLN G 293 34.66 -28.32 4.05
N ALA G 294 33.41 -28.07 3.61
CA ALA G 294 32.21 -28.61 4.25
C ALA G 294 32.25 -30.14 4.31
N LEU G 295 32.50 -30.75 3.14
CA LEU G 295 32.58 -32.18 3.00
C LEU G 295 33.66 -32.84 3.85
N ALA G 296 34.84 -32.19 3.93
CA ALA G 296 35.97 -32.65 4.72
C ALA G 296 35.65 -32.58 6.23
N SER G 297 34.96 -31.51 6.61
CA SER G 297 34.49 -31.31 7.99
C SER G 297 33.44 -32.32 8.42
N PHE G 298 32.65 -32.81 7.48
CA PHE G 298 31.49 -33.67 7.76
C PHE G 298 31.86 -35.18 7.83
N THR G 299 31.12 -35.89 8.69
CA THR G 299 31.17 -37.33 8.76
C THR G 299 29.93 -37.87 8.00
N MET G 300 30.19 -38.52 6.88
CA MET G 300 29.20 -39.22 6.03
C MET G 300 29.31 -40.74 6.18
N ILE H 3 82.87 -16.21 -7.16
CA ILE H 3 83.24 -17.15 -6.04
C ILE H 3 82.69 -16.66 -4.70
N LYS H 4 83.05 -15.47 -4.29
CA LYS H 4 82.60 -14.91 -3.00
C LYS H 4 81.06 -14.75 -3.02
N ALA H 5 80.38 -15.33 -2.04
CA ALA H 5 78.94 -15.42 -1.96
C ALA H 5 78.43 -15.59 -0.51
N LEU H 6 77.16 -15.32 -0.30
CA LEU H 6 76.43 -15.62 0.90
C LEU H 6 75.46 -16.75 0.63
N ARG H 7 75.18 -17.51 1.68
CA ARG H 7 74.23 -18.59 1.68
C ARG H 7 73.15 -18.13 2.63
N THR H 8 71.90 -18.08 2.15
CA THR H 8 70.79 -17.76 3.03
C THR H 8 70.64 -18.80 4.15
N PRO H 9 70.60 -18.40 5.41
CA PRO H 9 70.39 -19.34 6.51
C PRO H 9 69.13 -20.17 6.29
N GLU H 10 69.26 -21.48 6.56
CA GLU H 10 68.20 -22.43 6.30
C GLU H 10 66.89 -22.15 7.02
N GLU H 11 66.98 -21.57 8.22
CA GLU H 11 65.82 -21.19 9.03
C GLU H 11 64.85 -20.26 8.26
N ARG H 12 65.37 -19.51 7.29
CA ARG H 12 64.54 -18.67 6.42
C ARG H 12 63.47 -19.45 5.66
N PHE H 13 63.74 -20.74 5.40
CA PHE H 13 62.89 -21.59 4.58
C PHE H 13 62.07 -22.59 5.35
N SER H 14 62.02 -22.46 6.69
CA SER H 14 61.35 -23.41 7.57
C SER H 14 59.83 -23.28 7.51
N VAL H 15 59.29 -22.14 7.04
CA VAL H 15 57.85 -21.95 6.85
C VAL H 15 57.51 -21.70 5.39
N LEU H 16 57.27 -22.77 4.65
CA LEU H 16 56.85 -22.77 3.21
C LEU H 16 55.75 -23.84 2.96
N PRO H 17 54.62 -23.74 3.62
CA PRO H 17 53.62 -24.80 3.50
C PRO H 17 53.09 -24.96 2.10
N ALA H 18 53.05 -23.92 1.28
CA ALA H 18 52.59 -23.99 -0.10
C ALA H 18 53.67 -24.53 -1.12
N PHE H 19 54.87 -24.91 -0.65
CA PHE H 19 55.97 -25.32 -1.52
C PHE H 19 56.73 -26.41 -0.80
N PRO H 20 56.10 -27.58 -0.63
CA PRO H 20 56.68 -28.62 0.25
C PRO H 20 57.58 -29.59 -0.56
N TYR H 21 58.44 -29.09 -1.40
CA TYR H 21 59.42 -29.96 -2.08
C TYR H 21 60.76 -29.83 -1.35
N GLN H 22 61.43 -30.98 -1.19
CA GLN H 22 62.81 -30.99 -0.65
CA GLN H 22 62.79 -31.02 -0.65
C GLN H 22 63.74 -30.58 -1.82
N PRO H 23 64.56 -29.53 -1.58
CA PRO H 23 65.34 -29.00 -2.72
C PRO H 23 66.56 -29.88 -3.01
N ASN H 24 66.97 -29.90 -4.28
CA ASN H 24 68.22 -30.52 -4.70
C ASN H 24 69.24 -29.42 -4.91
N TYR H 25 70.50 -29.81 -4.88
CA TYR H 25 71.63 -28.87 -4.97
C TYR H 25 72.68 -29.41 -5.92
N VAL H 26 73.35 -28.51 -6.61
CA VAL H 26 74.51 -28.83 -7.45
C VAL H 26 75.56 -27.74 -7.19
N ASP H 27 76.79 -28.15 -6.87
CA ASP H 27 77.86 -27.17 -6.54
C ASP H 27 79.19 -27.38 -7.32
N ASP H 28 79.09 -28.07 -8.44
CA ASP H 28 80.23 -28.33 -9.30
C ASP H 28 79.80 -28.13 -10.75
N LEU H 29 78.95 -27.14 -11.02
CA LEU H 29 78.69 -26.71 -12.39
C LEU H 29 80.00 -26.11 -12.91
N GLY H 30 80.39 -26.50 -14.12
CA GLY H 30 81.57 -25.99 -14.79
C GLY H 30 81.68 -24.49 -14.87
N GLY H 31 82.69 -23.92 -14.24
CA GLY H 31 82.87 -22.49 -14.14
C GLY H 31 82.38 -21.85 -12.84
N TYR H 32 81.55 -22.56 -12.09
CA TYR H 32 80.85 -22.02 -10.90
C TYR H 32 81.25 -22.83 -9.67
N GLU H 33 82.41 -23.47 -9.72
CA GLU H 33 82.81 -24.45 -8.72
C GLU H 33 82.56 -23.91 -7.32
N SER H 34 81.87 -24.71 -6.50
CA SER H 34 81.53 -24.47 -5.12
C SER H 34 80.37 -23.52 -4.91
N LEU H 35 79.91 -22.78 -5.94
CA LEU H 35 78.66 -22.01 -5.84
C LEU H 35 77.55 -23.00 -5.98
N ARG H 36 76.68 -23.09 -5.00
CA ARG H 36 75.63 -24.11 -4.94
C ARG H 36 74.30 -23.57 -5.51
N MET H 37 73.77 -24.27 -6.52
CA MET H 37 72.51 -23.93 -7.13
C MET H 37 71.47 -24.88 -6.58
N ALA H 38 70.36 -24.32 -6.11
CA ALA H 38 69.17 -25.08 -5.65
C ALA H 38 68.21 -25.30 -6.80
N TYR H 39 67.56 -26.46 -6.86
CA TYR H 39 66.57 -26.71 -7.89
C TYR H 39 65.55 -27.74 -7.36
N ILE H 40 64.28 -27.53 -7.75
CA ILE H 40 63.24 -28.50 -7.56
C ILE H 40 63.34 -29.54 -8.65
N ASP H 41 63.15 -30.84 -8.30
CA ASP H 41 63.13 -31.96 -9.30
C ASP H 41 62.08 -32.96 -8.84
N GLU H 42 60.92 -33.00 -9.50
CA GLU H 42 59.74 -33.78 -9.06
C GLU H 42 59.18 -34.52 -10.27
N GLY H 43 58.49 -35.61 -10.02
CA GLY H 43 58.00 -36.52 -11.08
C GLY H 43 59.00 -37.62 -11.35
N ASP H 44 58.55 -38.64 -12.09
CA ASP H 44 59.41 -39.79 -12.39
C ASP H 44 60.55 -39.34 -13.32
N LYS H 45 61.76 -39.72 -12.98
CA LYS H 45 62.97 -39.33 -13.76
C LYS H 45 62.96 -39.84 -15.21
N ASP H 46 62.17 -40.87 -15.41
CA ASP H 46 61.97 -41.52 -16.69
C ASP H 46 60.77 -41.00 -17.45
N SER H 47 60.17 -39.94 -16.96
CA SER H 47 59.02 -39.35 -17.63
C SER H 47 59.38 -39.02 -19.06
N GLU H 48 58.40 -39.04 -19.96
CA GLU H 48 58.63 -38.70 -21.37
C GLU H 48 59.22 -37.25 -21.47
N TYR H 49 58.55 -36.30 -20.81
CA TYR H 49 58.83 -34.88 -20.95
C TYR H 49 59.25 -34.27 -19.60
N THR H 50 60.15 -33.26 -19.64
CA THR H 50 60.60 -32.51 -18.46
C THR H 50 60.24 -31.05 -18.66
N PHE H 51 59.45 -30.47 -17.74
CA PHE H 51 59.10 -29.06 -17.76
C PHE H 51 60.20 -28.28 -17.01
N LEU H 52 60.99 -27.50 -17.76
CA LEU H 52 62.06 -26.70 -17.19
C LEU H 52 61.51 -25.31 -16.94
N CYS H 53 61.29 -24.97 -15.65
CA CYS H 53 60.53 -23.77 -15.26
C CYS H 53 61.52 -22.75 -14.73
N LEU H 54 61.69 -21.65 -15.48
CA LEU H 54 62.70 -20.61 -15.20
C LEU H 54 62.02 -19.33 -14.68
N HIS H 55 62.41 -18.91 -13.50
CA HIS H 55 61.97 -17.64 -12.90
C HIS H 55 62.88 -16.50 -13.38
N GLY H 56 62.45 -15.26 -13.07
CA GLY H 56 63.23 -14.04 -13.27
C GLY H 56 63.33 -13.19 -12.02
N GLU H 57 63.28 -11.87 -12.24
CA GLU H 57 63.44 -10.84 -11.17
C GLU H 57 62.10 -10.63 -10.45
N PRO H 58 62.04 -10.49 -9.11
CA PRO H 58 63.01 -10.90 -8.09
C PRO H 58 62.49 -12.14 -7.36
N THR H 59 62.31 -13.19 -8.14
CA THR H 59 61.56 -14.40 -7.68
C THR H 59 62.52 -15.57 -7.48
N TRP H 60 61.92 -16.77 -7.33
CA TRP H 60 62.66 -18.04 -7.28
C TRP H 60 61.65 -19.13 -7.65
N SER H 61 62.04 -20.40 -7.54
CA SER H 61 61.20 -21.57 -7.95
C SER H 61 59.83 -21.58 -7.24
N TYR H 62 59.74 -20.95 -6.06
CA TYR H 62 58.49 -20.76 -5.33
C TYR H 62 57.37 -20.21 -6.22
N LEU H 63 57.75 -19.37 -7.17
CA LEU H 63 56.83 -18.78 -8.12
C LEU H 63 56.03 -19.82 -8.94
N TYR H 64 56.65 -20.99 -9.12
CA TYR H 64 56.07 -22.10 -9.93
C TYR H 64 55.30 -23.12 -9.09
N ARG H 65 55.07 -22.83 -7.79
CA ARG H 65 54.41 -23.76 -6.87
C ARG H 65 53.01 -24.20 -7.29
N LYS H 66 52.28 -23.35 -8.04
CA LYS H 66 50.93 -23.65 -8.44
C LYS H 66 50.94 -24.50 -9.73
N MET H 67 52.02 -24.37 -10.57
CA MET H 67 52.13 -25.03 -11.88
C MET H 67 52.71 -26.41 -11.76
N ILE H 68 53.69 -26.57 -10.92
CA ILE H 68 54.41 -27.85 -10.72
C ILE H 68 53.45 -29.06 -10.51
N PRO H 69 52.49 -28.94 -9.57
CA PRO H 69 51.57 -30.09 -9.34
C PRO H 69 50.71 -30.46 -10.55
N VAL H 70 50.38 -29.49 -11.39
CA VAL H 70 49.61 -29.76 -12.61
C VAL H 70 50.43 -30.64 -13.58
N PHE H 71 51.70 -30.29 -13.75
CA PHE H 71 52.63 -31.05 -14.60
C PHE H 71 52.93 -32.48 -14.05
N THR H 72 53.19 -32.59 -12.76
CA THR H 72 53.48 -33.86 -12.16
C THR H 72 52.23 -34.77 -12.07
N ASP H 73 51.05 -34.18 -11.89
CA ASP H 73 49.80 -34.92 -11.92
C ASP H 73 49.53 -35.55 -13.27
N ALA H 74 50.10 -35.00 -14.33
CA ALA H 74 49.90 -35.48 -15.69
C ALA H 74 50.94 -36.51 -16.12
N GLY H 75 51.83 -36.87 -15.21
CA GLY H 75 52.84 -37.87 -15.43
C GLY H 75 54.20 -37.35 -15.90
N HIS H 76 54.45 -36.03 -15.82
CA HIS H 76 55.72 -35.47 -16.25
C HIS H 76 56.69 -35.12 -15.12
N ARG H 77 57.94 -34.85 -15.53
CA ARG H 77 58.98 -34.40 -14.63
C ARG H 77 59.03 -32.86 -14.65
N VAL H 78 59.40 -32.23 -13.56
CA VAL H 78 59.56 -30.76 -13.48
C VAL H 78 60.93 -30.46 -12.87
N VAL H 79 61.68 -29.58 -13.51
CA VAL H 79 62.93 -29.04 -12.93
C VAL H 79 62.76 -27.53 -12.88
N ALA H 80 62.92 -26.94 -11.67
CA ALA H 80 62.71 -25.50 -11.46
C ALA H 80 63.91 -24.99 -10.62
N PRO H 81 64.93 -24.45 -11.29
CA PRO H 81 66.12 -23.98 -10.57
C PRO H 81 65.89 -22.57 -9.99
N ASP H 82 66.58 -22.30 -8.90
CA ASP H 82 66.81 -20.98 -8.40
C ASP H 82 68.12 -20.46 -9.01
N LEU H 83 68.04 -19.35 -9.75
CA LEU H 83 69.23 -18.69 -10.26
C LEU H 83 70.13 -18.27 -9.13
N PHE H 84 71.43 -18.24 -9.39
CA PHE H 84 72.39 -17.68 -8.44
C PHE H 84 71.97 -16.22 -8.14
N GLY H 85 71.98 -15.85 -6.87
CA GLY H 85 71.44 -14.62 -6.32
C GLY H 85 70.01 -14.71 -5.87
N PHE H 86 69.35 -15.87 -6.08
CA PHE H 86 67.89 -16.00 -5.80
C PHE H 86 67.59 -17.31 -5.03
N GLY H 87 66.46 -17.30 -4.35
CA GLY H 87 65.90 -18.45 -3.69
C GLY H 87 66.82 -19.07 -2.68
N ARG H 88 67.07 -20.35 -2.84
CA ARG H 88 67.94 -21.12 -1.97
C ARG H 88 69.34 -21.30 -2.54
N SER H 89 69.63 -20.70 -3.70
CA SER H 89 70.95 -20.80 -4.31
C SER H 89 71.87 -19.85 -3.60
N ASP H 90 73.18 -20.04 -3.81
CA ASP H 90 74.14 -19.11 -3.28
C ASP H 90 74.08 -17.79 -4.01
N LYS H 91 74.53 -16.74 -3.30
CA LYS H 91 74.36 -15.34 -3.75
C LYS H 91 75.71 -14.60 -3.79
N PRO H 92 76.34 -14.52 -4.98
CA PRO H 92 77.53 -13.70 -5.14
C PRO H 92 77.32 -12.26 -4.61
N ILE H 93 78.39 -11.72 -4.00
CA ILE H 93 78.34 -10.43 -3.36
C ILE H 93 78.95 -9.32 -4.21
N GLU H 94 79.52 -9.67 -5.36
CA GLU H 94 80.10 -8.69 -6.27
C GLU H 94 79.16 -8.39 -7.43
N ASP H 95 78.94 -7.12 -7.68
CA ASP H 95 78.08 -6.66 -8.74
C ASP H 95 78.40 -7.25 -10.10
N SER H 96 79.68 -7.25 -10.44
CA SER H 96 80.20 -7.61 -11.75
C SER H 96 80.08 -9.09 -12.09
N VAL H 97 79.90 -9.95 -11.09
CA VAL H 97 79.76 -11.38 -11.31
C VAL H 97 78.46 -11.65 -12.05
N TYR H 98 77.39 -10.92 -11.70
CA TYR H 98 76.11 -11.07 -12.38
C TYR H 98 76.17 -10.38 -13.72
N ASN H 99 75.83 -11.12 -14.79
CA ASN H 99 75.66 -10.60 -16.15
C ASN H 99 74.91 -11.66 -16.95
N PHE H 100 74.54 -11.34 -18.20
CA PHE H 100 73.72 -12.23 -19.06
C PHE H 100 74.42 -13.57 -19.25
N GLU H 101 75.74 -13.55 -19.54
CA GLU H 101 76.48 -14.79 -19.71
C GLU H 101 76.56 -15.67 -18.48
N PHE H 102 76.85 -15.08 -17.32
CA PHE H 102 76.87 -15.76 -16.02
C PHE H 102 75.61 -16.59 -15.81
N HIS H 103 74.45 -15.97 -16.00
CA HIS H 103 73.15 -16.62 -15.78
C HIS H 103 72.83 -17.67 -16.81
N ARG H 104 72.96 -17.30 -18.08
CA ARG H 104 72.67 -18.19 -19.20
C ARG H 104 73.48 -19.47 -19.10
N ASN H 105 74.78 -19.32 -18.85
CA ASN H 105 75.71 -20.48 -18.79
C ASN H 105 75.38 -21.35 -17.62
N SER H 106 74.96 -20.77 -16.47
CA SER H 106 74.54 -21.60 -15.32
C SER H 106 73.42 -22.54 -15.69
N LEU H 107 72.50 -22.04 -16.50
CA LEU H 107 71.34 -22.84 -16.94
C LEU H 107 71.77 -23.92 -17.95
N ILE H 108 72.58 -23.52 -18.91
CA ILE H 108 73.20 -24.47 -19.87
C ILE H 108 73.93 -25.62 -19.14
N GLN H 109 74.74 -25.29 -18.11
CA GLN H 109 75.47 -26.28 -17.30
C GLN H 109 74.57 -27.19 -16.52
N LEU H 110 73.46 -26.64 -15.97
CA LEU H 110 72.48 -27.42 -15.21
C LEU H 110 71.82 -28.40 -16.14
N ILE H 111 71.43 -27.93 -17.31
CA ILE H 111 70.78 -28.78 -18.33
C ILE H 111 71.68 -29.97 -18.69
N GLU H 112 72.96 -29.71 -18.92
CA GLU H 112 73.94 -30.73 -19.31
C GLU H 112 74.29 -31.63 -18.13
N HIS H 113 74.27 -31.09 -16.92
CA HIS H 113 74.50 -31.85 -15.69
C HIS H 113 73.43 -32.90 -15.40
N LEU H 114 72.16 -32.53 -15.57
CA LEU H 114 71.01 -33.47 -15.43
C LEU H 114 70.71 -34.22 -16.74
N ASP H 115 71.38 -33.85 -17.83
CA ASP H 115 71.17 -34.41 -19.14
C ASP H 115 69.69 -34.37 -19.51
N LEU H 116 69.08 -33.19 -19.32
CA LEU H 116 67.68 -32.99 -19.62
C LEU H 116 67.38 -33.09 -21.11
N LYS H 117 66.32 -33.81 -21.45
CA LYS H 117 66.04 -34.15 -22.89
C LYS H 117 64.82 -33.68 -23.64
N ASN H 118 63.63 -34.07 -23.26
CA ASN H 118 62.42 -33.74 -23.99
C ASN H 118 61.86 -32.58 -23.20
N ILE H 119 62.47 -31.41 -23.34
CA ILE H 119 62.23 -30.27 -22.46
C ILE H 119 61.07 -29.46 -22.98
N VAL H 120 60.11 -29.19 -22.07
CA VAL H 120 59.13 -28.13 -22.28
C VAL H 120 59.65 -26.91 -21.48
N LEU H 121 60.09 -25.88 -22.24
CA LEU H 121 60.59 -24.67 -21.61
C LEU H 121 59.41 -23.88 -21.12
N VAL H 122 59.39 -23.60 -19.81
CA VAL H 122 58.40 -22.69 -19.19
C VAL H 122 59.18 -21.47 -18.66
N CYS H 123 58.87 -20.27 -19.14
CA CYS H 123 59.64 -19.07 -18.76
C CYS H 123 58.78 -17.84 -18.69
N GLN H 124 59.36 -16.77 -18.09
CA GLN H 124 58.70 -15.48 -17.82
C GLN H 124 59.82 -14.53 -17.34
N ASP H 125 59.64 -13.23 -17.59
CA ASP H 125 60.59 -12.19 -17.18
C ASP H 125 61.99 -12.57 -17.73
N TRP H 126 63.05 -12.39 -16.93
CA TRP H 126 64.44 -12.82 -17.26
C TRP H 126 64.58 -14.34 -17.48
N GLY H 127 63.68 -15.11 -16.88
CA GLY H 127 63.54 -16.52 -17.23
C GLY H 127 63.46 -16.72 -18.72
N GLY H 128 62.67 -15.89 -19.41
CA GLY H 128 62.56 -15.88 -20.83
C GLY H 128 63.69 -15.13 -21.52
N GLY H 129 64.03 -13.91 -21.03
CA GLY H 129 65.15 -13.14 -21.55
C GLY H 129 66.44 -13.95 -21.73
N LEU H 130 66.77 -14.71 -20.70
CA LEU H 130 67.80 -15.75 -20.74
C LEU H 130 67.41 -17.02 -21.49
N GLY H 131 66.38 -17.70 -20.97
CA GLY H 131 65.96 -19.05 -21.39
C GLY H 131 65.58 -19.21 -22.85
N LEU H 132 64.90 -18.20 -23.41
CA LEU H 132 64.54 -18.26 -24.82
C LEU H 132 65.75 -18.18 -25.75
N THR H 133 66.93 -17.82 -25.23
CA THR H 133 68.17 -17.83 -26.03
C THR H 133 68.93 -19.12 -25.96
N ILE H 134 68.42 -20.13 -25.24
CA ILE H 134 69.14 -21.41 -25.04
C ILE H 134 68.89 -22.49 -26.09
N PRO H 135 67.60 -22.70 -26.46
CA PRO H 135 67.29 -23.75 -27.42
C PRO H 135 68.06 -23.72 -28.76
N MET H 136 68.37 -22.55 -29.28
CA MET H 136 69.07 -22.39 -30.54
C MET H 136 70.51 -23.03 -30.49
N ASP H 137 71.05 -23.20 -29.30
CA ASP H 137 72.34 -23.81 -29.06
C ASP H 137 72.28 -25.26 -28.60
N MET H 138 71.09 -25.75 -28.38
CA MET H 138 70.80 -27.17 -28.15
C MET H 138 69.41 -27.61 -28.57
N GLN H 139 69.18 -27.46 -29.88
CA GLN H 139 67.90 -27.70 -30.55
C GLN H 139 67.24 -29.01 -30.21
N ASP H 140 67.99 -30.08 -30.13
CA ASP H 140 67.44 -31.45 -29.93
C ASP H 140 66.89 -31.70 -28.54
N ARG H 141 67.25 -30.88 -27.55
CA ARG H 141 66.75 -31.06 -26.19
C ARG H 141 65.41 -30.37 -25.86
N PHE H 142 64.97 -29.45 -26.71
CA PHE H 142 63.73 -28.70 -26.51
C PHE H 142 62.64 -29.08 -27.52
N LYS H 143 61.48 -29.49 -27.02
CA LYS H 143 60.30 -29.93 -27.79
C LYS H 143 59.14 -28.95 -27.80
N LYS H 144 58.85 -28.32 -26.65
CA LYS H 144 57.72 -27.37 -26.56
C LYS H 144 58.04 -26.15 -25.66
N LEU H 145 57.17 -25.17 -25.68
CA LEU H 145 57.37 -23.85 -25.00
C LEU H 145 56.03 -23.38 -24.39
N ILE H 146 56.06 -23.05 -23.09
CA ILE H 146 55.01 -22.27 -22.45
C ILE H 146 55.66 -20.93 -22.07
N VAL H 147 55.14 -19.85 -22.61
CA VAL H 147 55.74 -18.51 -22.47
C VAL H 147 54.73 -17.55 -21.88
N MET H 148 55.19 -16.84 -20.87
CA MET H 148 54.42 -15.83 -20.11
C MET H 148 55.27 -14.55 -20.06
N ASN H 149 54.63 -13.43 -19.72
CA ASN H 149 55.11 -12.07 -19.77
C ASN H 149 56.64 -12.01 -19.71
N THR H 150 57.20 -11.79 -20.90
CA THR H 150 58.65 -11.83 -21.11
C THR H 150 58.93 -11.11 -22.46
N THR H 151 60.20 -11.08 -22.83
CA THR H 151 60.67 -10.43 -24.02
C THR H 151 62.03 -11.06 -24.40
N ILE H 152 62.38 -10.96 -25.70
CA ILE H 152 63.74 -11.32 -26.17
C ILE H 152 64.33 -10.00 -26.59
N SER H 153 65.53 -9.69 -26.12
CA SER H 153 66.22 -8.45 -26.48
C SER H 153 66.50 -8.38 -27.96
N ASN H 154 66.09 -7.31 -28.61
CA ASN H 154 66.30 -7.02 -30.05
C ASN H 154 67.12 -5.75 -30.31
N GLY H 155 67.58 -5.08 -29.25
CA GLY H 155 68.39 -3.87 -29.43
C GLY H 155 67.63 -2.56 -29.69
N GLU H 156 66.31 -2.60 -29.77
CA GLU H 156 65.53 -1.38 -29.99
C GLU H 156 65.61 -0.45 -28.76
N PRO H 157 65.42 0.86 -28.96
CA PRO H 157 65.29 1.77 -27.80
C PRO H 157 64.34 1.19 -26.72
N LEU H 158 64.69 1.36 -25.47
CA LEU H 158 63.89 0.90 -24.40
C LEU H 158 62.61 1.75 -24.30
N ALA H 159 61.47 1.13 -24.04
CA ALA H 159 60.24 1.86 -23.74
C ALA H 159 60.39 2.66 -22.42
N GLU H 160 59.61 3.73 -22.26
CA GLU H 160 59.69 4.58 -21.09
C GLU H 160 59.54 3.84 -19.76
N ALA H 161 58.63 2.87 -19.73
CA ALA H 161 58.36 2.09 -18.52
C ALA H 161 59.55 1.32 -18.04
N ALA H 162 60.34 0.78 -18.96
CA ALA H 162 61.53 0.02 -18.66
C ALA H 162 62.64 0.92 -18.18
N VAL H 163 62.84 2.06 -18.82
CA VAL H 163 63.80 3.04 -18.38
C VAL H 163 63.49 3.51 -16.94
N GLN H 164 62.21 3.80 -16.68
CA GLN H 164 61.72 4.18 -15.32
C GLN H 164 61.98 3.11 -14.29
N TRP H 165 61.72 1.85 -14.67
CA TRP H 165 62.06 0.69 -13.86
C TRP H 165 63.51 0.61 -13.49
N MET H 166 64.41 0.82 -14.47
CA MET H 166 65.84 0.83 -14.18
C MET H 166 66.20 1.97 -13.22
N ALA H 167 65.71 3.16 -13.49
CA ALA H 167 66.01 4.34 -12.61
C ALA H 167 65.53 4.11 -11.20
N PHE H 168 64.30 3.59 -11.06
CA PHE H 168 63.69 3.21 -9.72
C PHE H 168 64.65 2.34 -8.94
N ASN H 169 65.11 1.25 -9.53
CA ASN H 169 66.03 0.33 -8.86
C ASN H 169 67.34 0.91 -8.54
N GLU H 170 67.75 1.95 -9.26
CA GLU H 170 69.03 2.62 -8.97
C GLU H 170 68.92 3.76 -7.94
N THR H 171 67.70 4.26 -7.72
CA THR H 171 67.42 5.35 -6.78
C THR H 171 67.04 4.86 -5.37
N ILE H 172 66.33 3.72 -5.29
CA ILE H 172 65.92 3.18 -4.00
C ILE H 172 67.06 2.53 -3.17
N SER H 173 66.82 2.41 -1.87
CA SER H 173 67.73 1.72 -0.95
C SER H 173 67.90 0.24 -1.37
N GLU H 174 66.74 -0.41 -1.59
CA GLU H 174 66.70 -1.78 -2.01
C GLU H 174 65.29 -2.06 -2.47
N LEU H 175 65.12 -3.08 -3.33
CA LEU H 175 63.78 -3.37 -3.86
C LEU H 175 62.97 -4.16 -2.82
N PRO H 176 61.70 -3.72 -2.50
CA PRO H 176 60.86 -4.48 -1.61
C PRO H 176 60.29 -5.69 -2.37
N VAL H 177 60.89 -6.87 -2.17
CA VAL H 177 60.65 -8.03 -3.04
C VAL H 177 59.21 -8.55 -2.87
N ALA H 178 58.83 -8.86 -1.64
CA ALA H 178 57.46 -9.34 -1.35
C ALA H 178 56.41 -8.29 -1.72
N GLY H 179 56.73 -7.00 -1.39
CA GLY H 179 55.91 -5.89 -1.73
C GLY H 179 55.57 -5.83 -3.22
N LEU H 180 56.59 -5.94 -4.04
CA LEU H 180 56.44 -5.84 -5.50
C LEU H 180 55.54 -6.96 -6.02
N VAL H 181 55.82 -8.20 -5.58
CA VAL H 181 55.04 -9.35 -6.05
C VAL H 181 53.60 -9.26 -5.60
N ALA H 182 53.39 -8.90 -4.32
CA ALA H 182 52.00 -8.74 -3.77
C ALA H 182 51.21 -7.64 -4.48
N CYS H 183 51.87 -6.50 -4.79
CA CYS H 183 51.25 -5.42 -5.54
C CYS H 183 50.84 -5.88 -6.91
N ASP H 184 51.68 -6.71 -7.55
CA ASP H 184 51.36 -7.22 -8.91
C ASP H 184 50.26 -8.26 -8.98
N ALA H 185 50.26 -9.19 -8.03
CA ALA H 185 49.46 -10.41 -8.09
C ALA H 185 48.14 -10.33 -7.30
N GLY H 186 47.97 -9.28 -6.50
CA GLY H 186 46.72 -9.07 -5.73
C GLY H 186 46.35 -10.24 -4.85
N ALA H 187 45.12 -10.69 -4.97
CA ALA H 187 44.51 -11.70 -4.13
C ALA H 187 45.14 -13.08 -4.33
N ALA H 188 45.94 -13.26 -5.41
CA ALA H 188 46.61 -14.52 -5.67
C ALA H 188 47.79 -14.77 -4.76
N VAL H 189 48.22 -13.74 -4.04
CA VAL H 189 49.32 -13.83 -3.06
C VAL H 189 48.82 -13.41 -1.68
N ASN H 190 49.11 -14.24 -0.67
CA ASN H 190 48.83 -13.98 0.73
C ASN H 190 50.09 -13.72 1.50
N VAL H 191 49.99 -13.50 2.83
CA VAL H 191 51.16 -13.08 3.62
C VAL H 191 52.16 -14.21 3.77
N MET H 192 51.70 -15.47 3.74
CA MET H 192 52.57 -16.65 3.72
C MET H 192 53.46 -16.63 2.44
N ASP H 193 52.86 -16.20 1.32
CA ASP H 193 53.60 -16.05 0.08
C ASP H 193 54.60 -14.92 0.14
N ALA H 194 54.21 -13.80 0.74
CA ALA H 194 55.07 -12.65 0.97
C ALA H 194 56.31 -13.05 1.77
N LEU H 195 56.10 -13.88 2.79
CA LEU H 195 57.17 -14.42 3.62
C LEU H 195 58.16 -15.24 2.78
N ALA H 196 57.63 -16.09 1.88
CA ALA H 196 58.43 -16.86 0.97
C ALA H 196 59.25 -16.06 0.01
N TYR H 197 58.67 -14.97 -0.50
CA TYR H 197 59.40 -14.10 -1.46
C TYR H 197 60.46 -13.27 -0.77
N ASP H 198 60.23 -12.84 0.49
CA ASP H 198 61.27 -12.14 1.27
C ASP H 198 62.31 -13.11 1.86
N ALA H 199 61.99 -14.41 1.93
CA ALA H 199 62.84 -15.44 2.63
C ALA H 199 64.30 -15.50 2.17
N PRO H 200 64.57 -15.37 0.84
CA PRO H 200 65.98 -15.44 0.43
C PRO H 200 66.88 -14.34 0.95
N PHE H 201 66.31 -13.23 1.44
CA PHE H 201 67.03 -11.94 1.58
C PHE H 201 66.87 -11.33 3.01
N PRO H 202 67.63 -11.88 3.99
CA PRO H 202 67.61 -11.29 5.32
C PRO H 202 67.96 -9.77 5.36
N ASN H 203 68.77 -9.29 4.39
CA ASN H 203 69.11 -7.87 4.25
C ASN H 203 69.69 -7.63 2.85
N LYS H 204 69.97 -6.39 2.53
CA LYS H 204 70.40 -5.99 1.21
C LYS H 204 71.72 -6.56 0.74
N ASN H 205 72.54 -7.02 1.66
CA ASN H 205 73.81 -7.72 1.26
C ASN H 205 73.52 -8.98 0.44
N TYR H 206 72.34 -9.59 0.63
CA TYR H 206 71.88 -10.76 -0.11
C TYR H 206 71.20 -10.45 -1.46
N LYS H 207 71.02 -9.15 -1.76
CA LYS H 207 70.22 -8.67 -2.90
C LYS H 207 71.03 -8.18 -4.09
N VAL H 208 72.36 -8.43 -4.13
CA VAL H 208 73.18 -7.95 -5.21
C VAL H 208 72.66 -8.45 -6.59
N GLY H 209 72.25 -9.73 -6.67
CA GLY H 209 71.59 -10.22 -7.93
C GLY H 209 70.26 -9.52 -8.28
N VAL H 210 69.47 -9.25 -7.24
CA VAL H 210 68.20 -8.49 -7.35
C VAL H 210 68.46 -7.07 -7.87
N LYS H 211 69.52 -6.42 -7.32
CA LYS H 211 69.96 -5.10 -7.81
C LYS H 211 70.45 -5.16 -9.22
N ARG H 212 71.14 -6.20 -9.60
CA ARG H 212 71.76 -6.26 -10.93
C ARG H 212 70.83 -6.51 -12.09
N PHE H 213 69.71 -7.26 -11.86
CA PHE H 213 68.82 -7.53 -12.99
C PHE H 213 68.31 -6.32 -13.73
N PRO H 214 67.75 -5.30 -13.01
CA PRO H 214 67.30 -4.09 -13.71
C PRO H 214 68.48 -3.38 -14.44
N GLN H 215 69.65 -3.37 -13.86
CA GLN H 215 70.84 -2.78 -14.52
C GLN H 215 71.24 -3.50 -15.80
N MET H 216 70.88 -4.79 -15.90
CA MET H 216 71.21 -5.63 -17.06
C MET H 216 70.33 -5.43 -18.25
N ILE H 217 69.19 -4.75 -18.10
CA ILE H 217 68.27 -4.49 -19.23
C ILE H 217 69.10 -3.77 -20.30
N PRO H 218 69.17 -4.30 -21.53
CA PRO H 218 70.22 -3.81 -22.46
C PRO H 218 69.93 -2.44 -23.04
N THR H 219 70.92 -1.54 -22.98
CA THR H 219 70.90 -0.19 -23.48
C THR H 219 71.86 0.01 -24.70
N ASN H 220 72.57 -1.02 -25.11
CA ASN H 220 73.36 -0.99 -26.39
C ASN H 220 73.28 -2.32 -27.13
N ALA H 221 73.23 -2.26 -28.45
CA ALA H 221 73.04 -3.48 -29.31
C ALA H 221 74.21 -4.45 -29.31
N ASP H 222 75.29 -4.06 -28.69
CA ASP H 222 76.47 -4.90 -28.54
C ASP H 222 76.41 -5.62 -27.21
N ASP H 223 75.36 -5.46 -26.39
CA ASP H 223 75.20 -6.23 -25.16
C ASP H 223 74.95 -7.68 -25.55
N ASP H 224 75.51 -8.61 -24.73
CA ASP H 224 75.26 -10.04 -24.94
C ASP H 224 73.76 -10.37 -25.06
N ALA H 225 72.92 -9.69 -24.26
CA ALA H 225 71.47 -9.96 -24.21
C ALA H 225 70.90 -9.83 -25.62
N VAL H 226 71.38 -8.82 -26.36
CA VAL H 226 70.88 -8.52 -27.71
C VAL H 226 71.54 -9.40 -28.77
N LYS H 227 72.88 -9.63 -28.63
CA LYS H 227 73.58 -10.54 -29.54
C LYS H 227 72.90 -11.93 -29.55
N TYR H 228 72.75 -12.55 -28.37
CA TYR H 228 72.02 -13.78 -28.23
C TYR H 228 70.57 -13.63 -28.63
N GLY H 229 69.97 -12.48 -28.21
CA GLY H 229 68.59 -12.20 -28.48
C GLY H 229 68.19 -12.25 -29.94
N LEU H 230 68.97 -11.57 -30.78
CA LEU H 230 68.71 -11.53 -32.23
C LEU H 230 68.82 -12.88 -32.93
N ARG H 231 69.71 -13.73 -32.41
CA ARG H 231 69.89 -15.08 -32.93
C ARG H 231 68.71 -15.95 -32.47
N ALA H 232 68.15 -15.65 -31.30
CA ALA H 232 67.02 -16.41 -30.77
C ALA H 232 65.78 -16.15 -31.59
N ILE H 233 65.55 -14.89 -31.88
CA ILE H 233 64.45 -14.41 -32.71
C ILE H 233 64.46 -15.11 -34.06
N GLU H 234 65.64 -15.22 -34.67
CA GLU H 234 65.83 -16.02 -35.88
C GLU H 234 65.42 -17.48 -35.69
N PHE H 235 65.86 -18.09 -34.58
CA PHE H 235 65.56 -19.48 -34.25
C PHE H 235 64.07 -19.74 -34.11
N TRP H 236 63.34 -18.91 -33.32
CA TRP H 236 61.91 -19.12 -33.06
C TRP H 236 61.07 -18.85 -34.32
N SER H 237 61.56 -17.91 -35.13
CA SER H 237 60.88 -17.57 -36.38
C SER H 237 61.08 -18.52 -37.53
N ASN H 238 62.25 -19.15 -37.64
CA ASN H 238 62.62 -19.93 -38.86
C ASN H 238 63.01 -21.36 -38.63
N GLU H 239 63.60 -21.71 -37.49
CA GLU H 239 64.11 -23.06 -37.26
C GLU H 239 63.21 -23.85 -36.34
N TRP H 240 62.67 -23.22 -35.30
CA TRP H 240 61.77 -23.87 -34.34
C TRP H 240 60.62 -24.65 -35.02
N SER H 241 60.45 -25.90 -34.63
CA SER H 241 59.44 -26.79 -35.18
C SER H 241 58.55 -27.44 -34.06
N GLY H 242 58.62 -26.92 -32.85
CA GLY H 242 57.81 -27.42 -31.74
C GLY H 242 56.47 -26.77 -31.54
N GLU H 243 55.75 -27.24 -30.51
CA GLU H 243 54.49 -26.67 -30.12
C GLU H 243 54.75 -25.56 -29.08
N SER H 244 53.94 -24.52 -29.10
CA SER H 244 53.99 -23.44 -28.14
C SER H 244 52.66 -23.05 -27.62
N PHE H 245 52.67 -22.39 -26.47
CA PHE H 245 51.46 -21.84 -25.83
C PHE H 245 51.87 -20.61 -25.04
N MET H 246 51.12 -19.52 -25.25
CA MET H 246 51.43 -18.22 -24.64
C MET H 246 50.28 -17.84 -23.68
N ALA H 247 50.63 -17.42 -22.48
CA ALA H 247 49.66 -16.83 -21.52
C ALA H 247 50.11 -15.43 -21.10
N ILE H 248 49.27 -14.42 -21.25
CA ILE H 248 49.54 -13.06 -21.02
C ILE H 248 48.80 -12.56 -19.76
N GLY H 249 49.58 -12.08 -18.77
CA GLY H 249 49.02 -11.28 -17.66
C GLY H 249 48.77 -9.88 -18.07
N MET H 250 47.50 -9.50 -18.16
CA MET H 250 47.12 -8.21 -18.78
C MET H 250 47.45 -6.96 -17.98
N LYS H 251 47.49 -7.11 -16.66
CA LYS H 251 47.78 -5.99 -15.74
C LYS H 251 49.33 -5.83 -15.64
N ASP H 252 49.98 -5.65 -16.77
CA ASP H 252 51.44 -5.48 -16.81
C ASP H 252 51.69 -4.28 -17.74
N ALA H 253 52.16 -3.18 -17.17
CA ALA H 253 52.54 -1.97 -17.88
C ALA H 253 53.86 -2.02 -18.73
N VAL H 254 54.65 -3.05 -18.52
CA VAL H 254 55.91 -3.19 -19.28
C VAL H 254 55.84 -4.36 -20.27
N LEU H 255 55.60 -5.59 -19.80
CA LEU H 255 55.65 -6.77 -20.64
C LEU H 255 54.28 -7.49 -20.77
N GLY H 256 53.25 -6.68 -20.91
CA GLY H 256 51.85 -7.13 -21.06
C GLY H 256 51.50 -7.40 -22.53
N GLU H 257 50.22 -7.30 -22.85
CA GLU H 257 49.68 -7.60 -24.18
C GLU H 257 50.43 -7.12 -25.42
N ALA H 258 50.84 -5.85 -25.45
CA ALA H 258 51.50 -5.29 -26.66
C ALA H 258 52.87 -5.96 -26.84
N ALA H 259 53.67 -6.07 -25.79
CA ALA H 259 54.99 -6.75 -25.88
C ALA H 259 54.85 -8.23 -26.20
N MET H 260 53.83 -8.89 -25.60
CA MET H 260 53.65 -10.31 -25.82
C MET H 260 53.15 -10.65 -27.23
N MET H 261 52.29 -9.79 -27.77
CA MET H 261 51.79 -9.98 -29.17
C MET H 261 52.93 -9.80 -30.19
N GLN H 262 53.83 -8.84 -29.93
CA GLN H 262 55.04 -8.64 -30.77
C GLN H 262 55.89 -9.89 -30.72
N LEU H 263 56.05 -10.46 -29.52
CA LEU H 263 56.77 -11.70 -29.34
C LEU H 263 56.12 -12.85 -30.11
N LYS H 264 54.79 -12.96 -30.04
CA LYS H 264 54.07 -14.00 -30.73
C LYS H 264 54.38 -14.04 -32.24
N THR H 265 54.56 -12.88 -32.86
CA THR H 265 54.79 -12.78 -34.29
C THR H 265 56.12 -13.49 -34.69
N VAL H 266 57.06 -13.65 -33.77
CA VAL H 266 58.34 -14.26 -34.09
C VAL H 266 58.45 -15.70 -33.62
N ILE H 267 57.44 -16.24 -32.97
CA ILE H 267 57.34 -17.62 -32.57
C ILE H 267 56.48 -18.38 -33.60
N LYS H 268 57.13 -19.14 -34.47
CA LYS H 268 56.41 -19.83 -35.55
C LYS H 268 55.48 -20.89 -34.92
N GLY H 269 54.23 -20.88 -35.32
CA GLY H 269 53.23 -21.82 -34.86
C GLY H 269 52.51 -21.45 -33.55
N CYS H 270 52.80 -20.27 -33.01
CA CYS H 270 52.25 -19.91 -31.71
C CYS H 270 50.74 -19.65 -31.84
N PRO H 271 49.90 -20.40 -31.12
CA PRO H 271 48.43 -20.17 -31.24
C PRO H 271 48.02 -18.92 -30.54
N GLU H 272 46.74 -18.61 -30.66
CA GLU H 272 46.10 -17.48 -29.97
C GLU H 272 46.49 -17.54 -28.51
N PRO H 273 47.01 -16.42 -27.96
CA PRO H 273 47.38 -16.40 -26.54
C PRO H 273 46.16 -16.46 -25.58
N MET H 274 46.35 -17.13 -24.48
CA MET H 274 45.47 -17.05 -23.30
C MET H 274 45.74 -15.68 -22.62
N LYS H 275 44.72 -14.79 -22.58
CA LYS H 275 44.82 -13.47 -21.97
C LYS H 275 44.06 -13.43 -20.61
N ILE H 276 44.82 -13.29 -19.52
CA ILE H 276 44.28 -13.39 -18.16
C ILE H 276 44.13 -11.98 -17.65
N GLU H 277 42.89 -11.48 -17.62
CA GLU H 277 42.61 -10.08 -17.26
C GLU H 277 42.97 -9.77 -15.81
N GLU H 278 42.91 -10.77 -14.93
CA GLU H 278 43.17 -10.59 -13.47
C GLU H 278 44.63 -10.74 -13.10
N ALA H 279 45.42 -11.30 -14.02
CA ALA H 279 46.85 -11.56 -13.80
C ALA H 279 47.72 -10.35 -14.12
N GLY H 280 48.79 -10.18 -13.35
CA GLY H 280 49.81 -9.18 -13.62
C GLY H 280 51.06 -9.80 -14.29
N HIS H 281 52.18 -9.09 -14.18
CA HIS H 281 53.48 -9.58 -14.68
C HIS H 281 53.80 -11.01 -14.24
N PHE H 282 53.59 -11.33 -12.97
CA PHE H 282 53.82 -12.64 -12.38
C PHE H 282 52.64 -13.58 -12.70
N VAL H 283 52.61 -14.00 -13.95
CA VAL H 283 51.51 -14.81 -14.52
C VAL H 283 51.34 -16.13 -13.78
N GLN H 284 52.44 -16.69 -13.26
CA GLN H 284 52.41 -17.98 -12.58
C GLN H 284 51.60 -18.00 -11.28
N GLU H 285 51.35 -16.80 -10.70
CA GLU H 285 50.44 -16.70 -9.56
C GLU H 285 48.98 -16.98 -9.97
N TYR H 286 48.73 -17.02 -11.26
CA TYR H 286 47.43 -17.36 -11.89
C TYR H 286 47.64 -18.54 -12.84
N GLY H 287 48.56 -19.42 -12.44
CA GLY H 287 49.23 -20.35 -13.33
C GLY H 287 48.62 -21.76 -13.36
N VAL H 288 47.71 -22.08 -12.43
CA VAL H 288 47.02 -23.41 -12.49
C VAL H 288 46.35 -23.60 -13.86
N GLU H 289 45.57 -22.62 -14.27
CA GLU H 289 44.82 -22.62 -15.51
C GLU H 289 45.71 -22.56 -16.73
N VAL H 290 46.84 -21.86 -16.61
CA VAL H 290 47.88 -21.83 -17.68
C VAL H 290 48.46 -23.19 -17.91
N ALA H 291 48.85 -23.89 -16.82
CA ALA H 291 49.38 -25.24 -16.90
C ALA H 291 48.35 -26.24 -17.45
N GLU H 292 47.11 -26.13 -16.96
CA GLU H 292 46.01 -26.98 -17.49
C GLU H 292 45.76 -26.79 -18.98
N GLN H 293 45.61 -25.55 -19.39
CA GLN H 293 45.32 -25.25 -20.79
C GLN H 293 46.48 -25.54 -21.74
N ALA H 294 47.71 -25.32 -21.28
CA ALA H 294 48.93 -25.66 -22.04
C ALA H 294 48.95 -27.16 -22.37
N LEU H 295 48.75 -27.98 -21.33
CA LEU H 295 48.73 -29.42 -21.46
C LEU H 295 47.63 -29.94 -22.40
N ALA H 296 46.45 -29.33 -22.33
CA ALA H 296 45.30 -29.69 -23.17
C ALA H 296 45.57 -29.33 -24.64
N SER H 297 46.20 -28.18 -24.83
CA SER H 297 46.62 -27.70 -26.15
C SER H 297 47.69 -28.55 -26.79
N PHE H 298 48.53 -29.19 -25.97
CA PHE H 298 49.71 -29.93 -26.47
C PHE H 298 49.37 -31.40 -26.80
N THR H 299 50.07 -31.93 -27.79
CA THR H 299 50.12 -33.35 -28.10
C THR H 299 51.35 -33.92 -27.42
N MET H 300 51.08 -34.47 -26.22
CA MET H 300 52.08 -34.87 -25.29
C MET H 300 52.52 -36.26 -25.50
N ILE H 301 52.65 -36.62 -26.79
CA ILE H 301 53.08 -37.91 -27.26
C ILE H 301 54.08 -37.59 -28.32
#